data_6D6U
#
_entry.id   6D6U
#
_cell.length_a   1.0
_cell.length_b   1.0
_cell.length_c   1.0
_cell.angle_alpha   90.00
_cell.angle_beta   90.00
_cell.angle_gamma   90.00
#
_symmetry.space_group_name_H-M   'P 1'
#
loop_
_entity.id
_entity.type
_entity.pdbx_description
1 polymer 'Gamma-aminobutyric acid receptor subunit beta-2,Gamma-aminobutyric acid receptor subunit beta-2'
2 polymer 'Gamma-aminobutyric acid receptor subunit alpha-1,Gamma-aminobutyric acid receptor subunit alpha-1'
3 polymer 'Gamma-aminobutyric acid receptor subunit gamma-2,Gamma-aminobutyric acid receptor subunit gamma-2'
4 polymer 'Kappa Fab Light Chain'
5 polymer 'IgG2b Fab Heavy Chain'
6 branched beta-D-mannopyranose-(1-4)-2-acetamido-2-deoxy-beta-D-glucopyranose-(1-4)-2-acetamido-2-deoxy-beta-D-glucopyranose
7 branched alpha-D-mannopyranose-(1-2)-alpha-D-mannopyranose-(1-3)-[alpha-D-mannopyranose-(1-3)-[alpha-D-mannopyranose-(1-6)]alpha-D-mannopyranose-(1-6)]beta-D-mannopyranose-(1-4)-2-acetamido-2-deoxy-beta-D-glucopyranose-(1-4)-2-acetamido-2-deoxy-beta-D-glucopyranose
8 branched alpha-D-mannopyranose-(1-3)-[alpha-D-mannopyranose-(1-6)]beta-D-mannopyranose-(1-4)-2-acetamido-2-deoxy-beta-D-glucopyranose-(1-4)-2-acetamido-2-deoxy-beta-D-glucopyranose
9 non-polymer 2-acetamido-2-deoxy-beta-D-glucopyranose
10 non-polymer 'GAMMA-AMINO-BUTANOIC ACID'
11 non-polymer 'CHOLESTEROL HEMISUCCINATE'
12 non-polymer 'ethyl 8-fluoro-5-methyl-6-oxo-5,6-dihydro-4H-imidazo[1,5-a][1,4]benzodiazepine-3-carboxylate'
#
loop_
_entity_poly.entity_id
_entity_poly.type
_entity_poly.pdbx_seq_one_letter_code
_entity_poly.pdbx_strand_id
1 'polypeptide(L)'
;QSVNDPSNMSLVKETVDRLLKGYDIRLRPDFGGPPVAVGMNIDIASIDMVSEVNMDYTLTMYFQQAWRDKRLSYNVIPLN
LTLDNRVADQLWVPDTYFLNDKKSFVHGVTVKNRMIRLHPDGTVLYGLRITTTAACMMDLRRYPLDEQNCTLEIESYGYT
TDDIEFYWRGDDNAVTGVTKIELPQFSIVDYKLITKKVVFSTGSYPRLSLSFKLKRNIGYFILQTYMPSILITILSWVSF
WINYDASAARVALGITTVLTMTTINTHLRETLPKIPYVKAIDMYLMGCFVFVFMALLEYALVNYIFFSQPARAAAIDRWS
RIFFPVVFSFFNIVYWLYYVN
;
A,C
2 'polypeptide(L)'
;QPSLQDELKDNTTVFTRILDRLLDGYDNRLRPGLGERVTEVKTDIFVTSFGPVSDHDMEYTIDVFFRQSWKDERLKFKGP
MTVLRLNNLMASKIWTPDTFFHNGKKSVAHNMTMPNKLLRITEDGTLLYTMRLTVRAECPMHLEDFPMDAHACPLKFGSY
AYTRAEVVYEWTREPARSVVVAEDGSRLNQYDLLGQTVDSGIVQSSTGEYVVMTTHFHLKRKIGYFVIQTYLPCIMTVIL
SQVSFWLNRESVPARTVFGVTTVLTMTTLSISARNSLPKVAYATAMDWFIAVCYAFVFSALIEFATVNYFTKSQPARAAK
IDRLSRIAFPLLFGIFNLVYWATYLNREPQLKAPTPHQ
;
B,D
3 'polypeptide(L)'
;WSHPQFEKGGGSGGGSGGSSAWSHPQFEKLEVLFQGPQKSDDDYEDYASNKTWVLTPKVPEGDVTVILNNLLEGYDNKLR
PDIGVKPTLIHTDMYVNSIGPVNAINMEYTIDIFFAQTWYDRRLKFNSTIKVLRLNSNMVGKIWIPDTFFRNSKKADAHW
ITTPNRMLRIWNDGRVLYTLRLTIDAECQLQLHNFPMDEHSCPLEFSSYGYPREEIVYQWKRSSVEVGDTRSWRLYQFSF
VGLRNTTEVVKTTSGDYVVMSVYFDLSRRMGYFTIQTYIPCTLIVVLSWVSFWINKDAVPARTSLGITTVLTMTTLSTIA
RKSLPKVSYVTAMDLFVSVCFIFVFSALVEYGTLHYFVSSQPARAAKMDSYARIFFPTAFCLFNLVYWVSYLYL
;
E
4 'polypeptide(L)'
;NIVMTQSPKSMSMSVGERVTLSCKASEYVGTYVSWYQQKPEQSPKLLIYGASNRYTGVPDRFTGSGSATDFTLTIGSVQA
EDLADYHCGQSYSYPTFGAGTKLELKRADAAPTVSIFPPSSEQLTSGGASVVCFLNNFYPKDINVKWKIDGSERQNGVLN
SWTDQDSKDSTYSMSSTLTLTKDEYERHNSYTCEATHKTSTSPIVKSFNRNEC
;
I,L
5 'polypeptide(L)'
;EVQLQQSGAELVKPGASVKLSCTASGFNIKDTYMYWVKQRPEQGLEWIGRIDPANGDTKYDPKFQGKATITTDTFSNTAY
LQLSSLTSEDTAVYYCARKGLRWAMDYWGQGTSVTVSTAKTTPPSVYPLAPGCGDTTGSSVTLGCLVKGYFPESVTVTWN
SGSLSSSVHTFPALLQSGLYTMSSSVTVPSSTWPSQTVTCSVAHPASSTTVDKKLEPSGPISTINPCPPCKECHKCPAPN
LEGGPSVFIFPPNIKDVLMISLTPKVTCVVVDVSEDDPDVQISWFVNNVEVHTAQTQTHREDYNSTIRVVSTLPIQHQDW
MSGKEFKCKVNNKDLPSPIERTISKIKGLVRAPQVYILPPPAEQLSRKDVSLTCLVVGFNPGDISVEWTSNGHTEENYKD
TAPVLDSDGSYFIYSKLNMKTSKWEKTDSFSCNVRHEGLKNYYLKKTISRSPGK
;
J,K
#
# COMPACT_ATOMS: atom_id res chain seq x y z
N ASN A 8 33.94 -22.28 -35.63
CA ASN A 8 32.80 -22.93 -36.24
C ASN A 8 31.69 -23.11 -35.21
N MET A 9 30.46 -23.28 -35.69
CA MET A 9 29.31 -23.33 -34.79
C MET A 9 29.25 -24.67 -34.05
N SER A 10 29.37 -25.78 -34.77
CA SER A 10 29.18 -27.09 -34.15
C SER A 10 30.26 -27.42 -33.14
N LEU A 11 31.49 -26.93 -33.34
CA LEU A 11 32.53 -27.13 -32.35
C LEU A 11 32.11 -26.55 -31.00
N VAL A 12 31.70 -25.27 -31.00
CA VAL A 12 31.29 -24.63 -29.77
C VAL A 12 30.04 -25.30 -29.21
N LYS A 13 29.13 -25.71 -30.08
CA LYS A 13 27.91 -26.39 -29.64
C LYS A 13 28.25 -27.65 -28.86
N GLU A 14 29.06 -28.53 -29.45
CA GLU A 14 29.39 -29.79 -28.77
C GLU A 14 30.29 -29.56 -27.57
N THR A 15 31.11 -28.52 -27.57
CA THR A 15 31.92 -28.23 -26.39
C THR A 15 31.04 -27.85 -25.21
N VAL A 16 30.07 -26.96 -25.44
CA VAL A 16 29.16 -26.60 -24.36
C VAL A 16 28.32 -27.79 -23.94
N ASP A 17 27.89 -28.61 -24.91
CA ASP A 17 27.08 -29.77 -24.58
C ASP A 17 27.84 -30.76 -23.72
N ARG A 18 29.15 -30.90 -23.94
CA ARG A 18 29.90 -31.82 -23.08
C ARG A 18 30.32 -31.17 -21.77
N LEU A 19 30.40 -29.84 -21.73
CA LEU A 19 30.61 -29.17 -20.45
C LEU A 19 29.42 -29.39 -19.53
N LEU A 20 28.20 -29.19 -20.03
CA LEU A 20 27.00 -29.29 -19.21
C LEU A 20 26.36 -30.67 -19.23
N LYS A 21 27.17 -31.72 -19.38
CA LYS A 21 26.68 -33.09 -19.28
C LYS A 21 27.37 -33.77 -18.11
N GLY A 22 26.60 -34.20 -17.13
CA GLY A 22 27.14 -34.78 -15.91
C GLY A 22 27.52 -33.76 -14.85
N TYR A 23 27.31 -32.47 -15.11
CA TYR A 23 27.63 -31.44 -14.15
C TYR A 23 26.61 -31.46 -13.02
N ASP A 24 27.07 -31.74 -11.79
CA ASP A 24 26.20 -31.90 -10.64
C ASP A 24 26.21 -30.59 -9.85
N ILE A 25 25.09 -29.85 -9.91
CA ILE A 25 25.05 -28.51 -9.34
C ILE A 25 25.06 -28.52 -7.82
N ARG A 26 24.73 -29.64 -7.19
CA ARG A 26 24.62 -29.64 -5.74
C ARG A 26 25.96 -29.50 -5.03
N LEU A 27 27.07 -29.71 -5.73
CA LEU A 27 28.39 -29.74 -5.12
C LEU A 27 29.24 -28.58 -5.65
N ARG A 28 29.81 -27.82 -4.72
CA ARG A 28 30.72 -26.75 -5.10
C ARG A 28 32.02 -27.32 -5.63
N PRO A 29 32.81 -26.53 -6.35
CA PRO A 29 34.06 -27.05 -6.92
C PRO A 29 35.01 -27.53 -5.83
N ASP A 30 35.59 -28.70 -6.04
CA ASP A 30 36.53 -29.31 -5.09
C ASP A 30 35.86 -29.55 -3.75
N PHE A 31 34.81 -30.38 -3.78
CA PHE A 31 33.97 -30.57 -2.60
C PHE A 31 34.74 -31.18 -1.44
N GLY A 32 35.78 -31.94 -1.72
CA GLY A 32 36.54 -32.58 -0.67
C GLY A 32 37.79 -31.83 -0.25
N GLY A 33 38.37 -31.06 -1.16
CA GLY A 33 39.67 -30.47 -0.95
C GLY A 33 39.66 -29.05 -0.42
N PRO A 34 40.66 -28.27 -0.81
CA PRO A 34 40.81 -26.91 -0.29
C PRO A 34 39.67 -26.01 -0.74
N PRO A 35 39.49 -24.87 -0.08
CA PRO A 35 38.38 -23.98 -0.46
C PRO A 35 38.62 -23.31 -1.79
N VAL A 36 37.54 -22.76 -2.34
CA VAL A 36 37.56 -22.06 -3.62
C VAL A 36 37.67 -20.56 -3.38
N ALA A 37 38.47 -19.89 -4.20
CA ALA A 37 38.74 -18.47 -4.03
C ALA A 37 37.76 -17.68 -4.89
N VAL A 38 36.88 -16.92 -4.25
CA VAL A 38 35.88 -16.11 -4.93
C VAL A 38 36.24 -14.64 -4.74
N GLY A 39 36.54 -13.97 -5.85
CA GLY A 39 36.93 -12.57 -5.83
C GLY A 39 35.80 -11.67 -6.31
N MET A 40 35.45 -10.72 -5.48
CA MET A 40 34.32 -9.82 -5.73
C MET A 40 34.79 -8.52 -6.34
N ASN A 41 33.84 -7.80 -6.94
CA ASN A 41 34.16 -6.54 -7.61
C ASN A 41 32.87 -5.75 -7.77
N ILE A 42 32.74 -4.64 -7.04
CA ILE A 42 31.53 -3.83 -7.03
C ILE A 42 31.77 -2.58 -7.87
N ASP A 43 30.72 -2.13 -8.57
CA ASP A 43 30.76 -0.92 -9.38
C ASP A 43 29.49 -0.12 -9.08
N ILE A 44 29.56 0.76 -8.08
CA ILE A 44 28.39 1.54 -7.68
C ILE A 44 27.99 2.47 -8.82
N ALA A 45 26.73 2.38 -9.25
CA ALA A 45 26.22 3.26 -10.28
C ALA A 45 25.79 4.60 -9.71
N SER A 46 24.86 4.57 -8.75
CA SER A 46 24.34 5.80 -8.19
C SER A 46 23.62 5.51 -6.88
N ILE A 47 23.70 6.46 -5.95
CA ILE A 47 23.05 6.37 -4.65
C ILE A 47 21.86 7.31 -4.68
N ASP A 48 20.66 6.73 -4.64
CA ASP A 48 19.45 7.50 -4.93
C ASP A 48 19.09 8.45 -3.80
N MET A 49 18.77 7.93 -2.63
CA MET A 49 18.20 8.73 -1.55
C MET A 49 18.77 8.30 -0.22
N VAL A 50 18.90 9.26 0.69
CA VAL A 50 19.41 9.03 2.04
C VAL A 50 18.43 9.71 3.00
N SER A 51 17.84 8.92 3.89
CA SER A 51 16.81 9.42 4.79
C SER A 51 17.26 9.28 6.24
N GLU A 52 16.71 10.15 7.09
CA GLU A 52 16.92 10.06 8.52
C GLU A 52 15.71 9.55 9.28
N VAL A 53 14.53 9.50 8.65
CA VAL A 53 13.34 9.00 9.32
C VAL A 53 13.36 7.48 9.37
N ASN A 54 13.62 6.83 8.24
CA ASN A 54 13.71 5.38 8.19
C ASN A 54 15.11 4.85 8.44
N MET A 55 16.12 5.71 8.33
CA MET A 55 17.52 5.32 8.47
C MET A 55 17.88 4.23 7.46
N ASP A 56 17.73 4.57 6.18
CA ASP A 56 18.11 3.66 5.11
C ASP A 56 18.53 4.47 3.90
N TYR A 57 19.23 3.81 2.98
CA TYR A 57 19.67 4.47 1.76
C TYR A 57 19.70 3.46 0.63
N THR A 58 19.16 3.85 -0.52
CA THR A 58 19.03 2.97 -1.67
C THR A 58 20.17 3.21 -2.64
N LEU A 59 20.82 2.14 -3.09
CA LEU A 59 21.91 2.22 -4.05
C LEU A 59 21.70 1.21 -5.16
N THR A 60 22.08 1.58 -6.37
CA THR A 60 22.03 0.72 -7.53
C THR A 60 23.45 0.46 -8.02
N MET A 61 23.81 -0.81 -8.20
CA MET A 61 25.19 -1.15 -8.45
C MET A 61 25.30 -2.31 -9.43
N TYR A 62 26.50 -2.48 -9.97
CA TYR A 62 26.82 -3.62 -10.82
C TYR A 62 27.68 -4.57 -9.99
N PHE A 63 27.17 -5.77 -9.74
CA PHE A 63 27.79 -6.69 -8.81
C PHE A 63 28.42 -7.83 -9.60
N GLN A 64 29.74 -7.96 -9.53
CA GLN A 64 30.47 -8.98 -10.26
C GLN A 64 31.32 -9.79 -9.30
N GLN A 65 31.62 -11.02 -9.69
CA GLN A 65 32.41 -11.91 -8.86
C GLN A 65 32.88 -13.08 -9.70
N ALA A 66 34.13 -13.49 -9.49
CA ALA A 66 34.75 -14.51 -10.34
C ALA A 66 35.51 -15.52 -9.50
N TRP A 67 35.28 -16.80 -9.78
CA TRP A 67 35.97 -17.89 -9.11
C TRP A 67 36.61 -18.78 -10.17
N ARG A 68 37.21 -19.89 -9.73
CA ARG A 68 37.87 -20.82 -10.63
C ARG A 68 37.28 -22.20 -10.43
N ASP A 69 36.62 -22.72 -11.47
CA ASP A 69 35.89 -23.98 -11.41
C ASP A 69 36.54 -24.95 -12.39
N LYS A 70 37.16 -26.01 -11.86
CA LYS A 70 37.93 -26.92 -12.69
C LYS A 70 37.06 -27.78 -13.62
N ARG A 71 35.74 -27.78 -13.42
CA ARG A 71 34.89 -28.61 -14.26
C ARG A 71 34.53 -27.92 -15.57
N LEU A 72 34.50 -26.60 -15.58
CA LEU A 72 34.16 -25.84 -16.78
C LEU A 72 35.42 -25.44 -17.55
N SER A 73 36.12 -26.46 -18.03
CA SER A 73 37.40 -26.27 -18.70
C SER A 73 37.33 -26.85 -20.10
N TYR A 74 37.83 -26.11 -21.08
CA TYR A 74 37.81 -26.53 -22.47
C TYR A 74 39.06 -26.00 -23.16
N ASN A 75 39.60 -26.80 -24.08
CA ASN A 75 40.85 -26.46 -24.76
C ASN A 75 40.72 -26.48 -26.28
N VAL A 76 39.51 -26.56 -26.81
CA VAL A 76 39.32 -26.60 -28.25
C VAL A 76 39.20 -25.20 -28.84
N ILE A 77 38.33 -24.37 -28.28
CA ILE A 77 38.05 -23.04 -28.81
C ILE A 77 38.79 -22.01 -27.95
N PRO A 78 39.56 -21.10 -28.54
CA PRO A 78 40.24 -20.06 -27.75
C PRO A 78 39.39 -18.85 -27.41
N LEU A 79 38.10 -18.84 -27.76
CA LEU A 79 37.28 -17.66 -27.59
C LEU A 79 36.86 -17.47 -26.13
N ASN A 80 36.27 -16.30 -25.87
CA ASN A 80 35.68 -15.98 -24.57
C ASN A 80 34.21 -16.35 -24.64
N LEU A 81 33.88 -17.60 -24.32
CA LEU A 81 32.49 -18.04 -24.37
C LEU A 81 31.63 -17.21 -23.43
N THR A 82 30.63 -16.53 -23.98
CA THR A 82 29.67 -15.76 -23.20
C THR A 82 28.29 -16.36 -23.43
N LEU A 83 27.86 -17.22 -22.51
CA LEU A 83 26.61 -17.92 -22.68
C LEU A 83 25.43 -16.97 -22.40
N ASP A 84 24.23 -17.45 -22.68
CA ASP A 84 23.04 -16.67 -22.40
C ASP A 84 22.77 -16.68 -20.89
N ASN A 85 21.91 -15.77 -20.44
CA ASN A 85 21.66 -15.67 -19.01
C ASN A 85 20.83 -16.82 -18.46
N ARG A 86 20.42 -17.79 -19.29
CA ARG A 86 19.67 -18.93 -18.77
C ARG A 86 20.58 -19.96 -18.11
N VAL A 87 21.83 -20.07 -18.56
CA VAL A 87 22.73 -21.09 -18.02
C VAL A 87 23.07 -20.86 -16.57
N ALA A 88 22.76 -19.67 -16.03
CA ALA A 88 23.04 -19.41 -14.62
C ALA A 88 22.25 -20.33 -13.70
N ASP A 89 21.14 -20.87 -14.17
CA ASP A 89 20.35 -21.81 -13.37
C ASP A 89 20.96 -23.19 -13.32
N GLN A 90 21.83 -23.53 -14.27
CA GLN A 90 22.40 -24.87 -14.33
C GLN A 90 23.83 -24.94 -13.80
N LEU A 91 24.54 -23.83 -13.74
CA LEU A 91 25.87 -23.80 -13.18
C LEU A 91 25.82 -23.50 -11.69
N TRP A 92 26.94 -23.73 -11.02
CA TRP A 92 27.05 -23.37 -9.62
C TRP A 92 27.34 -21.88 -9.49
N VAL A 93 26.71 -21.25 -8.49
CA VAL A 93 26.96 -19.85 -8.18
C VAL A 93 27.01 -19.68 -6.66
N PRO A 94 28.04 -19.04 -6.13
CA PRO A 94 28.15 -18.93 -4.67
C PRO A 94 27.09 -18.01 -4.12
N ASP A 95 26.41 -18.46 -3.06
CA ASP A 95 25.40 -17.65 -2.42
C ASP A 95 26.05 -16.54 -1.61
N THR A 96 25.44 -15.36 -1.65
CA THR A 96 26.05 -14.16 -1.11
C THR A 96 24.92 -13.22 -0.69
N TYR A 97 24.64 -13.14 0.59
CA TYR A 97 23.56 -12.28 1.03
C TYR A 97 24.09 -11.05 1.72
N PHE A 98 23.28 -10.00 1.74
CA PHE A 98 23.67 -8.74 2.36
C PHE A 98 23.11 -8.70 3.77
N LEU A 99 23.99 -8.51 4.75
CA LEU A 99 23.59 -8.68 6.14
C LEU A 99 22.53 -7.66 6.56
N ASN A 100 22.43 -6.54 5.86
CA ASN A 100 21.44 -5.51 6.19
C ASN A 100 20.82 -4.97 4.89
N ASP A 101 19.66 -5.51 4.54
CA ASP A 101 18.92 -5.04 3.36
C ASP A 101 17.43 -5.26 3.60
N LYS A 102 16.68 -4.17 3.61
CA LYS A 102 15.25 -4.28 3.88
C LYS A 102 14.49 -4.78 2.67
N LYS A 103 14.86 -4.33 1.48
CA LYS A 103 14.22 -4.75 0.22
C LYS A 103 15.25 -4.73 -0.88
N SER A 104 15.37 -5.83 -1.61
CA SER A 104 16.32 -5.91 -2.72
C SER A 104 15.72 -6.74 -3.85
N PHE A 105 16.08 -6.38 -5.07
CA PHE A 105 15.58 -7.08 -6.23
C PHE A 105 16.58 -6.96 -7.37
N VAL A 106 16.31 -7.68 -8.45
CA VAL A 106 17.15 -7.71 -9.63
C VAL A 106 16.33 -7.18 -10.80
N HIS A 107 16.86 -6.17 -11.48
CA HIS A 107 16.09 -5.51 -12.52
C HIS A 107 15.74 -6.49 -13.64
N GLY A 108 14.52 -6.36 -14.16
CA GLY A 108 13.99 -7.25 -15.16
C GLY A 108 13.52 -6.56 -16.43
N VAL A 109 14.31 -5.61 -16.94
CA VAL A 109 13.85 -4.73 -18.02
C VAL A 109 13.31 -5.55 -19.19
N THR A 110 14.18 -6.30 -19.84
CA THR A 110 13.76 -7.20 -20.90
C THR A 110 14.10 -8.66 -20.63
N VAL A 111 15.22 -8.92 -19.96
CA VAL A 111 15.53 -10.22 -19.39
C VAL A 111 16.17 -9.98 -18.03
N LYS A 112 16.20 -11.02 -17.21
CA LYS A 112 16.87 -10.88 -15.92
C LYS A 112 18.32 -10.52 -16.15
N ASN A 113 18.72 -9.36 -15.66
CA ASN A 113 20.04 -8.80 -15.98
C ASN A 113 21.10 -9.59 -15.25
N ARG A 114 21.71 -10.55 -15.94
CA ARG A 114 22.94 -11.13 -15.45
C ARG A 114 23.71 -11.71 -16.63
N MET A 115 25.02 -11.80 -16.48
CA MET A 115 25.88 -12.34 -17.52
C MET A 115 26.54 -13.61 -17.00
N ILE A 116 26.97 -14.45 -17.94
CA ILE A 116 27.85 -15.57 -17.65
C ILE A 116 28.98 -15.53 -18.66
N ARG A 117 30.22 -15.54 -18.17
CA ARG A 117 31.38 -15.44 -19.04
C ARG A 117 32.34 -16.54 -18.66
N LEU A 118 32.53 -17.52 -19.55
CA LEU A 118 33.49 -18.58 -19.30
C LEU A 118 34.87 -18.11 -19.73
N HIS A 119 35.85 -19.02 -19.72
CA HIS A 119 37.21 -18.70 -20.07
C HIS A 119 37.94 -19.99 -20.46
N PRO A 120 39.05 -19.88 -21.19
CA PRO A 120 39.77 -21.11 -21.57
C PRO A 120 40.36 -21.85 -20.38
N ASP A 121 40.71 -21.16 -19.29
CA ASP A 121 41.25 -21.83 -18.12
C ASP A 121 40.19 -22.14 -17.07
N GLY A 122 38.92 -21.88 -17.35
CA GLY A 122 37.85 -22.22 -16.43
C GLY A 122 37.49 -21.13 -15.44
N THR A 123 37.88 -19.88 -15.70
CA THR A 123 37.58 -18.78 -14.79
C THR A 123 36.20 -18.23 -15.14
N VAL A 124 35.19 -18.64 -14.37
CA VAL A 124 33.83 -18.15 -14.59
C VAL A 124 33.73 -16.71 -14.10
N LEU A 125 32.79 -15.95 -14.66
CA LEU A 125 32.57 -14.58 -14.26
C LEU A 125 31.07 -14.33 -14.22
N TYR A 126 30.54 -14.03 -13.03
CA TYR A 126 29.11 -13.93 -12.78
C TYR A 126 28.80 -12.51 -12.35
N GLY A 127 27.91 -11.85 -13.06
CA GLY A 127 27.55 -10.48 -12.76
C GLY A 127 26.06 -10.30 -12.62
N LEU A 128 25.68 -9.36 -11.76
CA LEU A 128 24.29 -9.02 -11.51
C LEU A 128 24.11 -7.52 -11.64
N ARG A 129 22.87 -7.06 -11.44
CA ARG A 129 22.57 -5.63 -11.38
C ARG A 129 21.50 -5.43 -10.31
N ILE A 130 21.92 -4.96 -9.15
CA ILE A 130 21.12 -5.03 -7.93
C ILE A 130 20.74 -3.63 -7.48
N THR A 131 19.56 -3.54 -6.85
CA THR A 131 19.11 -2.32 -6.18
C THR A 131 18.82 -2.68 -4.72
N THR A 132 19.68 -2.23 -3.82
CA THR A 132 19.58 -2.56 -2.40
C THR A 132 19.14 -1.35 -1.61
N THR A 133 18.10 -1.52 -0.81
CA THR A 133 17.69 -0.49 0.14
C THR A 133 18.25 -0.83 1.51
N ALA A 134 19.58 -0.72 1.61
CA ALA A 134 20.27 -1.11 2.84
C ALA A 134 19.94 -0.15 3.97
N ALA A 135 20.21 -0.58 5.19
CA ALA A 135 19.92 0.19 6.39
C ALA A 135 21.20 0.45 7.15
N CYS A 136 21.46 1.72 7.45
CA CYS A 136 22.63 2.12 8.22
C CYS A 136 22.17 2.94 9.42
N MET A 137 22.90 2.81 10.52
CA MET A 137 22.56 3.55 11.73
C MET A 137 23.15 4.95 11.69
N MET A 138 22.32 5.94 12.02
CA MET A 138 22.71 7.35 11.96
C MET A 138 22.62 7.94 13.36
N ASP A 139 23.74 8.45 13.84
CA ASP A 139 23.78 9.19 15.10
C ASP A 139 23.48 10.66 14.81
N LEU A 140 22.45 11.19 15.45
CA LEU A 140 22.04 12.57 15.22
C LEU A 140 22.18 13.44 16.47
N ARG A 141 23.01 13.01 17.42
CA ARG A 141 23.31 13.87 18.57
C ARG A 141 24.00 15.14 18.14
N ARG A 142 24.73 15.12 17.03
CA ARG A 142 25.47 16.27 16.53
C ARG A 142 24.78 16.94 15.35
N TYR A 143 23.50 16.66 15.13
CA TYR A 143 22.77 17.27 14.03
C TYR A 143 22.81 18.78 14.15
N PRO A 144 22.94 19.51 13.04
CA PRO A 144 23.20 19.01 11.69
C PRO A 144 24.68 18.99 11.31
N LEU A 145 25.56 19.21 12.29
CA LEU A 145 27.00 19.21 12.04
C LEU A 145 27.54 17.84 12.44
N ASP A 146 27.30 16.86 11.57
CA ASP A 146 27.63 15.47 11.88
C ASP A 146 28.33 14.80 10.70
N GLU A 147 28.97 13.68 10.99
CA GLU A 147 29.60 12.83 10.00
C GLU A 147 29.00 11.44 10.13
N GLN A 148 28.42 10.94 9.04
CA GLN A 148 27.71 9.67 9.05
C GLN A 148 28.61 8.57 8.50
N ASN A 149 28.53 7.40 9.11
CA ASN A 149 29.25 6.20 8.67
C ASN A 149 28.23 5.14 8.30
N CYS A 150 27.75 5.18 7.06
CA CYS A 150 26.86 4.16 6.54
C CYS A 150 27.65 3.13 5.76
N THR A 151 27.24 1.87 5.86
CA THR A 151 28.08 0.77 5.41
C THR A 151 27.24 -0.25 4.64
N LEU A 152 27.93 -1.22 4.05
CA LEU A 152 27.30 -2.34 3.34
C LEU A 152 28.12 -3.58 3.63
N GLU A 153 27.52 -4.57 4.29
CA GLU A 153 28.24 -5.76 4.72
C GLU A 153 27.80 -6.97 3.91
N ILE A 154 28.78 -7.74 3.42
CA ILE A 154 28.58 -8.84 2.50
C ILE A 154 29.21 -10.09 3.09
N GLU A 155 28.53 -11.21 2.99
CA GLU A 155 29.11 -12.43 3.46
C GLU A 155 28.49 -13.60 2.80
N SER A 156 29.17 -14.73 2.86
CA SER A 156 28.59 -16.01 2.47
C SER A 156 27.61 -16.49 3.53
N TYR A 157 26.77 -17.44 3.15
CA TYR A 157 25.73 -17.92 4.05
C TYR A 157 25.71 -19.41 4.39
N GLY A 158 25.93 -20.28 3.42
CA GLY A 158 25.92 -21.70 3.68
C GLY A 158 27.26 -22.37 3.79
N TYR A 159 28.35 -21.64 3.53
CA TYR A 159 29.68 -22.22 3.46
C TYR A 159 30.56 -21.56 4.52
N THR A 160 31.20 -22.39 5.35
CA THR A 160 32.05 -21.87 6.42
C THR A 160 33.37 -21.40 5.84
N THR A 161 34.22 -20.83 6.69
CA THR A 161 35.50 -20.30 6.21
C THR A 161 36.44 -21.40 5.77
N ASP A 162 36.17 -22.66 6.13
CA ASP A 162 36.92 -23.79 5.61
C ASP A 162 36.46 -24.20 4.23
N ASP A 163 35.55 -23.46 3.62
CA ASP A 163 34.90 -23.86 2.38
C ASP A 163 35.02 -22.81 1.27
N ILE A 164 34.95 -21.53 1.59
CA ILE A 164 34.99 -20.48 0.59
C ILE A 164 35.73 -19.27 1.13
N GLU A 165 36.38 -18.53 0.23
CA GLU A 165 37.22 -17.39 0.58
C GLU A 165 36.84 -16.18 -0.26
N PHE A 166 36.54 -15.06 0.40
CA PHE A 166 36.27 -13.81 -0.28
C PHE A 166 37.49 -12.91 -0.23
N TYR A 167 37.75 -12.20 -1.32
CA TYR A 167 38.83 -11.24 -1.36
C TYR A 167 38.55 -10.23 -2.46
N TRP A 168 38.78 -8.95 -2.17
CA TRP A 168 38.60 -7.93 -3.20
C TRP A 168 39.64 -8.11 -4.29
N ARG A 169 39.22 -7.97 -5.54
CA ARG A 169 40.10 -8.15 -6.68
C ARG A 169 40.55 -6.78 -7.17
N GLY A 170 41.84 -6.51 -7.11
CA GLY A 170 42.36 -5.20 -7.43
C GLY A 170 41.99 -4.19 -6.35
N ASP A 171 42.62 -4.33 -5.18
CA ASP A 171 42.21 -3.55 -4.00
C ASP A 171 42.09 -2.06 -4.31
N ASP A 172 43.00 -1.52 -5.09
CA ASP A 172 42.92 -0.12 -5.46
C ASP A 172 41.68 0.15 -6.32
N ASN A 173 41.33 -0.78 -7.20
CA ASN A 173 40.22 -0.61 -8.14
C ASN A 173 39.07 -1.57 -7.85
N ALA A 174 38.89 -1.95 -6.59
CA ALA A 174 37.80 -2.85 -6.24
C ALA A 174 36.45 -2.18 -6.48
N VAL A 175 36.31 -0.94 -6.03
CA VAL A 175 35.08 -0.17 -6.20
C VAL A 175 35.38 1.01 -7.12
N THR A 176 34.53 1.21 -8.12
CA THR A 176 34.71 2.29 -9.08
C THR A 176 33.49 3.19 -9.09
N GLY A 177 33.63 4.33 -9.75
CA GLY A 177 32.50 5.22 -9.96
C GLY A 177 32.02 5.96 -8.74
N VAL A 178 32.83 6.06 -7.69
CA VAL A 178 32.41 6.77 -6.49
C VAL A 178 32.49 8.28 -6.70
N THR A 179 33.49 8.74 -7.45
CA THR A 179 33.67 10.18 -7.63
C THR A 179 32.47 10.82 -8.32
N LYS A 180 31.90 10.14 -9.31
CA LYS A 180 30.77 10.70 -10.05
C LYS A 180 29.50 10.76 -9.20
N ILE A 181 29.46 10.06 -8.06
CA ILE A 181 28.29 10.12 -7.19
C ILE A 181 28.17 11.52 -6.60
N GLU A 182 26.97 12.07 -6.65
CA GLU A 182 26.69 13.37 -6.04
C GLU A 182 25.30 13.32 -5.44
N LEU A 183 25.24 13.30 -4.12
CA LEU A 183 23.96 13.35 -3.42
C LEU A 183 23.45 14.78 -3.35
N PRO A 184 22.14 14.97 -3.29
CA PRO A 184 21.60 16.34 -3.23
C PRO A 184 21.93 17.05 -1.93
N GLN A 185 22.10 16.32 -0.83
CA GLN A 185 22.33 16.92 0.47
C GLN A 185 23.68 16.58 1.09
N PHE A 186 24.24 15.40 0.82
CA PHE A 186 25.49 14.99 1.44
C PHE A 186 26.63 15.11 0.43
N SER A 187 27.81 14.61 0.83
CA SER A 187 28.95 14.53 -0.05
C SER A 187 29.85 13.38 0.40
N ILE A 188 30.31 12.58 -0.56
CA ILE A 188 31.09 11.38 -0.28
C ILE A 188 32.52 11.81 0.02
N VAL A 189 32.91 11.78 1.29
CA VAL A 189 34.26 12.18 1.66
C VAL A 189 35.27 11.08 1.30
N ASP A 190 35.12 9.91 1.91
CA ASP A 190 36.10 8.85 1.73
C ASP A 190 35.45 7.50 1.96
N TYR A 191 35.95 6.48 1.26
CA TYR A 191 35.48 5.11 1.42
C TYR A 191 36.66 4.20 1.70
N LYS A 192 36.45 3.19 2.55
CA LYS A 192 37.49 2.23 2.88
C LYS A 192 36.96 0.82 2.68
N LEU A 193 37.90 -0.13 2.62
CA LEU A 193 37.60 -1.52 2.39
C LEU A 193 38.10 -2.36 3.56
N ILE A 194 37.35 -3.42 3.88
CA ILE A 194 37.63 -4.25 5.05
C ILE A 194 37.48 -5.71 4.65
N THR A 195 38.18 -6.59 5.36
CA THR A 195 38.02 -8.02 5.21
C THR A 195 38.09 -8.65 6.59
N LYS A 196 37.10 -9.48 6.92
CA LYS A 196 36.97 -10.01 8.27
C LYS A 196 36.57 -11.46 8.24
N LYS A 197 36.55 -12.08 9.42
CA LYS A 197 35.99 -13.41 9.63
C LYS A 197 35.11 -13.34 10.85
N VAL A 198 33.83 -13.59 10.68
CA VAL A 198 32.84 -13.46 11.73
C VAL A 198 32.46 -14.83 12.23
N VAL A 199 32.23 -14.95 13.53
CA VAL A 199 31.87 -16.21 14.17
C VAL A 199 30.44 -16.12 14.66
N PHE A 200 29.63 -17.06 14.19
CA PHE A 200 28.27 -17.20 14.69
C PHE A 200 28.22 -18.50 15.51
N SER A 201 27.04 -18.98 15.82
CA SER A 201 26.93 -20.21 16.60
C SER A 201 27.22 -21.45 15.77
N THR A 202 26.98 -21.37 14.47
CA THR A 202 27.16 -22.53 13.60
C THR A 202 28.54 -22.71 12.98
N GLY A 203 29.30 -21.63 12.85
CA GLY A 203 30.63 -21.74 12.29
C GLY A 203 31.28 -20.38 12.14
N SER A 204 32.36 -20.34 11.37
CA SER A 204 33.09 -19.13 11.07
C SER A 204 32.82 -18.75 9.61
N TYR A 205 32.14 -17.64 9.38
CA TYR A 205 31.85 -17.26 8.02
C TYR A 205 32.66 -16.06 7.62
N PRO A 206 33.10 -16.01 6.35
CA PRO A 206 33.86 -14.86 5.85
C PRO A 206 32.95 -13.65 5.65
N ARG A 207 33.57 -12.48 5.55
CA ARG A 207 32.82 -11.25 5.37
C ARG A 207 33.67 -10.19 4.69
N LEU A 208 33.03 -9.40 3.84
CA LEU A 208 33.62 -8.21 3.26
C LEU A 208 32.73 -7.02 3.59
N SER A 209 33.34 -5.84 3.69
CA SER A 209 32.64 -4.63 4.09
C SER A 209 32.98 -3.49 3.16
N LEU A 210 32.00 -2.62 2.93
CA LEU A 210 32.20 -1.38 2.19
C LEU A 210 31.61 -0.25 3.00
N SER A 211 32.44 0.75 3.34
CA SER A 211 32.01 1.81 4.23
C SER A 211 32.54 3.14 3.71
N PHE A 212 31.66 4.13 3.61
CA PHE A 212 32.03 5.45 3.15
C PHE A 212 31.34 6.51 3.99
N LYS A 213 32.10 7.53 4.38
CA LYS A 213 31.59 8.57 5.26
C LYS A 213 30.62 9.48 4.50
N LEU A 214 29.77 10.14 5.27
CA LEU A 214 28.82 11.11 4.74
C LEU A 214 28.92 12.39 5.55
N LYS A 215 28.89 13.53 4.88
CA LYS A 215 29.02 14.83 5.52
C LYS A 215 27.96 15.76 4.95
N ARG A 216 27.40 16.60 5.80
CA ARG A 216 26.31 17.48 5.39
C ARG A 216 26.85 18.80 4.85
N ASN A 217 26.03 19.47 4.05
CA ASN A 217 26.35 20.79 3.53
C ASN A 217 25.79 21.82 4.50
N ILE A 218 26.65 22.34 5.38
CA ILE A 218 26.20 23.22 6.44
C ILE A 218 25.66 24.53 5.87
N GLY A 219 26.22 25.00 4.76
CA GLY A 219 25.80 26.26 4.16
C GLY A 219 24.35 26.30 3.75
N TYR A 220 23.74 25.15 3.50
CA TYR A 220 22.33 25.12 3.17
C TYR A 220 21.46 25.32 4.40
N PHE A 221 21.97 25.02 5.59
CA PHE A 221 21.21 25.13 6.82
C PHE A 221 21.49 26.40 7.60
N ILE A 222 22.68 26.99 7.44
CA ILE A 222 23.03 28.19 8.21
C ILE A 222 21.97 29.27 8.01
N LEU A 223 21.81 29.72 6.76
CA LEU A 223 20.89 30.83 6.48
C LEU A 223 19.46 30.47 6.87
N GLN A 224 19.05 29.22 6.65
CA GLN A 224 17.65 28.87 6.84
C GLN A 224 17.28 28.65 8.31
N THR A 225 18.25 28.36 9.18
CA THR A 225 17.91 28.06 10.57
C THR A 225 18.54 29.04 11.55
N TYR A 226 19.85 29.25 11.48
CA TYR A 226 20.55 29.86 12.62
C TYR A 226 20.36 31.37 12.70
N MET A 227 20.49 32.07 11.57
CA MET A 227 20.54 33.53 11.62
C MET A 227 19.27 34.21 12.15
N PRO A 228 18.06 33.66 12.02
CA PRO A 228 16.93 34.32 12.69
C PRO A 228 17.12 34.52 14.19
N SER A 229 17.50 33.46 14.90
CA SER A 229 17.72 33.60 16.34
C SER A 229 18.88 34.54 16.64
N ILE A 230 19.91 34.53 15.80
CA ILE A 230 21.04 35.43 15.99
C ILE A 230 20.59 36.88 15.86
N LEU A 231 19.78 37.17 14.84
CA LEU A 231 19.28 38.52 14.65
C LEU A 231 18.39 38.95 15.80
N ILE A 232 17.57 38.03 16.31
CA ILE A 232 16.70 38.38 17.44
C ILE A 232 17.54 38.67 18.69
N THR A 233 18.57 37.86 18.93
CA THR A 233 19.44 38.08 20.08
C THR A 233 20.15 39.42 19.98
N ILE A 234 20.67 39.75 18.78
CA ILE A 234 21.33 41.04 18.60
C ILE A 234 20.35 42.18 18.77
N LEU A 235 19.12 42.00 18.27
CA LEU A 235 18.09 43.03 18.42
C LEU A 235 17.80 43.30 19.88
N SER A 236 17.78 42.25 20.70
CA SER A 236 17.54 42.43 22.13
C SER A 236 18.60 43.31 22.79
N TRP A 237 19.76 43.50 22.14
CA TRP A 237 20.81 44.33 22.73
C TRP A 237 20.51 45.81 22.59
N VAL A 238 19.82 46.22 21.52
CA VAL A 238 19.56 47.64 21.29
C VAL A 238 18.76 48.26 22.43
N SER A 239 18.06 47.42 23.21
CA SER A 239 17.30 47.91 24.34
C SER A 239 18.17 48.70 25.32
N PHE A 240 19.44 48.33 25.46
CA PHE A 240 20.31 49.01 26.41
C PHE A 240 20.68 50.40 25.95
N TRP A 241 20.69 50.64 24.63
CA TRP A 241 21.14 51.94 24.14
C TRP A 241 20.09 53.02 24.34
N ILE A 242 18.81 52.64 24.43
CA ILE A 242 17.75 53.61 24.68
C ILE A 242 17.88 54.13 26.11
N ASN A 243 17.57 55.41 26.30
CA ASN A 243 17.62 56.00 27.64
C ASN A 243 16.64 55.28 28.57
N TYR A 244 17.10 55.02 29.78
CA TYR A 244 16.31 54.27 30.75
C TYR A 244 15.04 55.00 31.18
N ASP A 245 14.87 56.26 30.77
CA ASP A 245 13.63 56.97 31.09
C ASP A 245 12.47 56.47 30.26
N ALA A 246 12.71 56.07 29.02
CA ALA A 246 11.68 55.59 28.12
C ALA A 246 11.48 54.10 28.40
N SER A 247 10.45 53.77 29.17
CA SER A 247 10.23 52.38 29.56
C SER A 247 9.56 51.58 28.46
N ALA A 248 8.62 52.19 27.73
CA ALA A 248 7.88 51.45 26.71
C ALA A 248 8.81 50.97 25.60
N ALA A 249 9.75 51.82 25.17
CA ALA A 249 10.62 51.47 24.06
C ALA A 249 11.44 50.22 24.36
N ARG A 250 11.67 49.93 25.64
CA ARG A 250 12.43 48.73 25.99
C ARG A 250 11.54 47.56 26.36
N VAL A 251 10.41 47.82 27.02
CA VAL A 251 9.49 46.74 27.36
C VAL A 251 8.95 46.09 26.08
N ALA A 252 8.61 46.91 25.08
CA ALA A 252 8.11 46.37 23.82
C ALA A 252 9.16 45.50 23.15
N LEU A 253 10.41 45.96 23.10
CA LEU A 253 11.47 45.15 22.51
C LEU A 253 11.63 43.84 23.26
N GLY A 254 11.63 43.87 24.59
CA GLY A 254 11.78 42.64 25.35
C GLY A 254 10.69 41.64 25.03
N ILE A 255 9.43 42.08 25.11
CA ILE A 255 8.31 41.17 24.87
C ILE A 255 8.36 40.64 23.45
N THR A 256 8.63 41.52 22.48
CA THR A 256 8.65 41.10 21.08
C THR A 256 9.75 40.08 20.83
N THR A 257 10.94 40.30 21.37
CA THR A 257 12.03 39.37 21.15
C THR A 257 11.77 38.02 21.81
N VAL A 258 11.21 38.02 23.03
CA VAL A 258 10.94 36.74 23.67
C VAL A 258 9.89 35.96 22.90
N LEU A 259 8.79 36.62 22.51
CA LEU A 259 7.75 35.91 21.77
C LEU A 259 8.24 35.45 20.41
N THR A 260 9.12 36.24 19.77
CA THR A 260 9.65 35.85 18.47
C THR A 260 10.56 34.64 18.60
N MET A 261 11.42 34.62 19.63
CA MET A 261 12.22 33.42 19.87
C MET A 261 11.34 32.21 20.13
N THR A 262 10.25 32.40 20.88
CA THR A 262 9.34 31.27 21.13
C THR A 262 8.78 30.73 19.82
N THR A 263 8.26 31.61 18.97
CA THR A 263 7.64 31.15 17.72
C THR A 263 8.67 30.52 16.79
N ILE A 264 9.86 31.12 16.67
CA ILE A 264 10.87 30.55 15.79
C ILE A 264 11.31 29.19 16.30
N ASN A 265 11.50 29.05 17.61
CA ASN A 265 11.89 27.76 18.18
C ASN A 265 10.83 26.71 17.88
N THR A 266 9.56 27.04 18.14
CA THR A 266 8.49 26.07 17.91
C THR A 266 8.43 25.63 16.46
N HIS A 267 8.39 26.58 15.53
CA HIS A 267 8.22 26.19 14.13
C HIS A 267 9.47 25.52 13.57
N LEU A 268 10.66 25.95 13.99
CA LEU A 268 11.88 25.29 13.54
C LEU A 268 11.96 23.88 14.07
N ARG A 269 11.47 23.64 15.29
CA ARG A 269 11.42 22.28 15.82
C ARG A 269 10.43 21.43 15.05
N GLU A 270 9.29 22.02 14.67
CA GLU A 270 8.28 21.25 13.94
C GLU A 270 8.73 20.94 12.51
N THR A 271 9.50 21.83 11.89
CA THR A 271 9.89 21.60 10.50
C THR A 271 10.98 20.55 10.35
N LEU A 272 11.91 20.48 11.31
CA LEU A 272 12.97 19.49 11.24
C LEU A 272 12.38 18.09 11.28
N PRO A 273 13.07 17.10 10.69
CA PRO A 273 12.52 15.73 10.68
C PRO A 273 12.35 15.19 12.09
N LYS A 274 11.59 14.11 12.18
CA LYS A 274 11.14 13.57 13.46
C LYS A 274 12.23 12.68 14.05
N ILE A 275 12.92 13.18 15.07
CA ILE A 275 13.95 12.43 15.78
C ILE A 275 13.60 12.42 17.26
N PRO A 276 13.34 11.28 17.86
CA PRO A 276 12.82 11.26 19.23
C PRO A 276 13.88 11.40 20.32
N TYR A 277 15.07 11.90 20.00
CA TYR A 277 16.06 12.16 21.04
C TYR A 277 16.74 13.51 20.80
N VAL A 278 17.54 13.92 21.79
CA VAL A 278 18.04 15.28 21.86
C VAL A 278 19.04 15.56 20.74
N LYS A 279 19.07 16.82 20.30
CA LYS A 279 19.97 17.28 19.24
C LYS A 279 20.80 18.45 19.76
N ALA A 280 21.58 19.05 18.86
CA ALA A 280 22.44 20.18 19.19
C ALA A 280 21.81 21.52 18.84
N ILE A 281 21.08 21.58 17.72
CA ILE A 281 20.37 22.81 17.37
C ILE A 281 19.41 23.20 18.49
N ASP A 282 18.84 22.21 19.17
CA ASP A 282 18.01 22.50 20.34
C ASP A 282 18.83 23.15 21.45
N MET A 283 20.07 22.69 21.64
CA MET A 283 20.95 23.33 22.62
C MET A 283 21.19 24.78 22.28
N TYR A 284 21.47 25.07 21.01
CA TYR A 284 21.74 26.45 20.62
C TYR A 284 20.50 27.33 20.77
N LEU A 285 19.34 26.81 20.38
CA LEU A 285 18.10 27.57 20.54
C LEU A 285 17.81 27.84 22.01
N MET A 286 18.03 26.84 22.86
CA MET A 286 17.86 27.03 24.30
C MET A 286 18.80 28.11 24.82
N GLY A 287 20.05 28.11 24.34
CA GLY A 287 20.99 29.12 24.78
C GLY A 287 20.55 30.53 24.41
N CYS A 288 20.13 30.72 23.16
CA CYS A 288 19.69 32.04 22.73
C CYS A 288 18.44 32.47 23.49
N PHE A 289 17.51 31.53 23.72
CA PHE A 289 16.33 31.84 24.50
C PHE A 289 16.69 32.27 25.91
N VAL A 290 17.66 31.59 26.52
CA VAL A 290 18.11 31.98 27.86
C VAL A 290 18.70 33.37 27.84
N PHE A 291 19.50 33.69 26.82
CA PHE A 291 20.06 35.04 26.73
C PHE A 291 18.98 36.10 26.68
N VAL A 292 18.01 35.95 25.79
CA VAL A 292 16.99 37.00 25.64
C VAL A 292 16.10 37.06 26.88
N PHE A 293 15.77 35.91 27.46
CA PHE A 293 14.91 35.89 28.64
C PHE A 293 15.62 36.53 29.84
N MET A 294 16.92 36.30 29.97
CA MET A 294 17.67 36.93 31.05
C MET A 294 17.83 38.42 30.82
N ALA A 295 17.92 38.87 29.57
CA ALA A 295 17.91 40.30 29.31
C ALA A 295 16.58 40.93 29.72
N LEU A 296 15.47 40.25 29.41
CA LEU A 296 14.16 40.75 29.81
C LEU A 296 14.05 40.83 31.33
N LEU A 297 14.46 39.78 32.04
CA LEU A 297 14.44 39.83 33.50
C LEU A 297 15.42 40.86 34.06
N GLU A 298 16.53 41.10 33.36
CA GLU A 298 17.45 42.15 33.77
C GLU A 298 16.76 43.49 33.78
N TYR A 299 16.08 43.85 32.70
CA TYR A 299 15.35 45.12 32.73
C TYR A 299 14.19 45.09 33.73
N ALA A 300 13.55 43.94 33.91
CA ALA A 300 12.45 43.86 34.86
C ALA A 300 12.93 44.12 36.28
N LEU A 301 14.18 43.74 36.59
CA LEU A 301 14.73 44.04 37.91
C LEU A 301 15.23 45.48 37.99
N VAL A 302 15.78 46.00 36.90
CA VAL A 302 16.20 47.40 36.88
C VAL A 302 15.02 48.32 37.11
N ASN A 303 13.84 47.95 36.60
CA ASN A 303 12.63 48.73 36.85
C ASN A 303 12.32 48.79 38.35
N TYR A 304 12.43 47.66 39.04
CA TYR A 304 12.10 47.62 40.46
C TYR A 304 13.13 48.39 41.29
N ILE A 305 14.42 48.25 40.95
CA ILE A 305 15.44 48.93 41.75
C ILE A 305 15.54 50.41 41.44
N PHE A 306 15.02 50.85 40.28
CA PHE A 306 15.08 52.27 39.95
C PHE A 306 14.13 53.09 40.82
N PHE A 307 12.97 52.52 41.16
CA PHE A 307 12.05 53.20 42.06
C PHE A 307 12.70 53.43 43.42
N SER A 308 13.53 52.49 43.87
CA SER A 308 14.23 52.66 45.14
C SER A 308 15.32 53.71 45.02
N GLN A 309 16.20 53.57 44.03
CA GLN A 309 17.30 54.51 43.84
C GLN A 309 17.79 54.46 42.41
N PRO A 310 18.11 55.60 41.79
CA PRO A 310 18.56 55.58 40.39
C PRO A 310 20.03 55.22 40.22
N ALA A 311 20.86 55.41 41.24
CA ALA A 311 22.28 55.11 41.11
C ALA A 311 22.51 53.64 40.82
N ARG A 312 21.93 52.76 41.63
CA ARG A 312 22.06 51.32 41.42
C ARG A 312 21.47 50.91 40.07
N ALA A 313 20.37 51.54 39.67
CA ALA A 313 19.73 51.20 38.41
C ALA A 313 20.66 51.50 37.23
N ALA A 314 21.16 52.74 37.15
CA ALA A 314 22.08 53.09 36.07
C ALA A 314 23.35 52.27 36.14
N ALA A 315 23.81 51.96 37.36
CA ALA A 315 24.97 51.10 37.53
C ALA A 315 24.75 49.77 36.84
N ILE A 316 23.75 49.01 37.29
CA ILE A 316 23.50 47.69 36.72
C ILE A 316 23.22 47.77 35.23
N ASP A 317 22.58 48.84 34.76
CA ASP A 317 22.35 49.00 33.33
C ASP A 317 23.67 49.03 32.57
N ARG A 318 24.58 49.92 32.96
CA ARG A 318 25.85 49.99 32.24
C ARG A 318 26.71 48.73 32.46
N TRP A 319 26.58 48.08 33.62
CA TRP A 319 27.30 46.84 33.85
C TRP A 319 26.85 45.76 32.87
N SER A 320 25.54 45.55 32.76
CA SER A 320 25.05 44.59 31.77
C SER A 320 25.43 45.01 30.35
N ARG A 321 25.44 46.32 30.07
CA ARG A 321 25.86 46.81 28.76
C ARG A 321 27.27 46.34 28.42
N ILE A 322 28.18 46.43 29.39
CA ILE A 322 29.55 46.01 29.12
C ILE A 322 29.78 44.51 29.32
N PHE A 323 28.84 43.80 29.95
CA PHE A 323 28.99 42.35 30.08
C PHE A 323 28.48 41.61 28.84
N PHE A 324 27.21 41.81 28.49
CA PHE A 324 26.52 40.87 27.59
C PHE A 324 27.21 40.60 26.26
N PRO A 325 27.72 41.58 25.51
CA PRO A 325 28.37 41.24 24.23
C PRO A 325 29.53 40.28 24.39
N VAL A 326 30.37 40.49 25.41
CA VAL A 326 31.52 39.61 25.63
C VAL A 326 31.04 38.20 25.95
N VAL A 327 30.03 38.07 26.80
CA VAL A 327 29.51 36.75 27.18
C VAL A 327 28.95 36.03 25.96
N PHE A 328 28.20 36.76 25.12
CA PHE A 328 27.62 36.14 23.92
C PHE A 328 28.70 35.69 22.94
N SER A 329 29.71 36.54 22.71
CA SER A 329 30.79 36.14 21.81
C SER A 329 31.54 34.93 22.36
N PHE A 330 31.78 34.91 23.67
CA PHE A 330 32.43 33.76 24.30
C PHE A 330 31.61 32.50 24.11
N PHE A 331 30.29 32.59 24.32
CA PHE A 331 29.44 31.42 24.16
C PHE A 331 29.47 30.91 22.73
N ASN A 332 29.41 31.82 21.74
CA ASN A 332 29.45 31.38 20.35
C ASN A 332 30.79 30.75 20.00
N ILE A 333 31.89 31.31 20.50
CA ILE A 333 33.20 30.73 20.19
C ILE A 333 33.30 29.33 20.79
N VAL A 334 32.89 29.18 22.05
CA VAL A 334 32.92 27.87 22.70
C VAL A 334 32.03 26.89 21.95
N TYR A 335 30.87 27.35 21.47
CA TYR A 335 29.95 26.46 20.77
C TYR A 335 30.54 25.99 19.45
N TRP A 336 31.08 26.92 18.65
CA TRP A 336 31.51 26.58 17.31
C TRP A 336 32.87 25.89 17.27
N LEU A 337 33.73 26.11 18.27
CA LEU A 337 35.00 25.40 18.26
C LEU A 337 34.83 23.91 18.53
N TYR A 338 33.86 23.54 19.35
CA TYR A 338 33.74 22.15 19.77
C TYR A 338 33.07 21.27 18.71
N TYR A 339 32.14 21.82 17.94
CA TYR A 339 31.48 21.02 16.92
C TYR A 339 32.24 20.99 15.60
N VAL A 340 32.68 22.13 15.11
CA VAL A 340 33.47 22.17 13.88
C VAL A 340 34.93 21.82 14.20
N ASP B 10 38.60 -38.75 -10.27
CA ASP B 10 37.20 -38.45 -10.04
C ASP B 10 36.89 -38.26 -8.57
N ASN B 11 36.94 -37.01 -8.11
CA ASN B 11 36.60 -36.71 -6.72
C ASN B 11 35.10 -36.60 -6.51
N THR B 12 34.35 -36.22 -7.53
CA THR B 12 32.92 -36.00 -7.40
C THR B 12 32.09 -37.24 -7.74
N THR B 13 32.66 -38.21 -8.45
CA THR B 13 31.89 -39.40 -8.82
C THR B 13 31.47 -40.19 -7.60
N VAL B 14 32.27 -40.16 -6.53
CA VAL B 14 31.89 -40.83 -5.29
C VAL B 14 30.71 -40.10 -4.64
N PHE B 15 30.84 -38.78 -4.45
CA PHE B 15 29.82 -38.03 -3.75
C PHE B 15 28.51 -38.00 -4.52
N THR B 16 28.57 -37.95 -5.85
CA THR B 16 27.33 -37.97 -6.62
C THR B 16 26.59 -39.29 -6.43
N ARG B 17 27.32 -40.39 -6.37
CA ARG B 17 26.67 -41.67 -6.08
C ARG B 17 26.08 -41.69 -4.68
N ILE B 18 26.83 -41.21 -3.69
CA ILE B 18 26.33 -41.20 -2.31
C ILE B 18 25.09 -40.33 -2.20
N LEU B 19 25.03 -39.24 -2.96
CA LEU B 19 23.94 -38.29 -2.82
C LEU B 19 22.78 -38.58 -3.75
N ASP B 20 22.96 -39.45 -4.74
CA ASP B 20 21.81 -39.95 -5.49
C ASP B 20 21.18 -41.16 -4.79
N ARG B 21 21.99 -42.03 -4.20
CA ARG B 21 21.45 -43.15 -3.45
C ARG B 21 20.68 -42.67 -2.23
N LEU B 22 21.09 -41.53 -1.67
CA LEU B 22 20.42 -40.99 -0.49
C LEU B 22 18.99 -40.52 -0.80
N LEU B 23 18.76 -40.02 -2.02
CA LEU B 23 17.44 -39.56 -2.42
C LEU B 23 16.61 -40.62 -3.14
N ASP B 24 17.18 -41.78 -3.42
CA ASP B 24 16.45 -42.81 -4.15
C ASP B 24 15.31 -43.35 -3.28
N GLY B 25 14.10 -43.37 -3.85
CA GLY B 25 12.95 -43.88 -3.12
C GLY B 25 12.54 -43.05 -1.93
N TYR B 26 12.92 -41.78 -1.89
CA TYR B 26 12.61 -40.90 -0.77
C TYR B 26 11.42 -40.04 -1.14
N ASP B 27 10.30 -40.24 -0.46
CA ASP B 27 9.07 -39.51 -0.74
C ASP B 27 8.99 -38.31 0.20
N ASN B 28 9.12 -37.11 -0.36
CA ASN B 28 9.16 -35.90 0.45
C ASN B 28 7.81 -35.53 1.05
N ARG B 29 6.74 -36.21 0.67
CA ARG B 29 5.41 -35.86 1.17
C ARG B 29 5.11 -36.43 2.55
N LEU B 30 5.95 -37.32 3.08
CA LEU B 30 5.69 -38.02 4.33
C LEU B 30 6.74 -37.63 5.35
N ARG B 31 6.30 -37.08 6.46
CA ARG B 31 7.23 -36.70 7.52
C ARG B 31 7.79 -37.95 8.20
N PRO B 32 9.00 -37.87 8.76
CA PRO B 32 9.66 -39.08 9.25
C PRO B 32 8.91 -39.69 10.43
N GLY B 33 8.70 -41.01 10.36
CA GLY B 33 7.96 -41.71 11.38
C GLY B 33 6.48 -41.34 11.37
N LEU B 34 5.78 -41.75 10.31
CA LEU B 34 4.38 -41.37 10.19
C LEU B 34 3.47 -42.20 11.08
N GLY B 35 3.84 -43.45 11.35
CA GLY B 35 3.06 -44.27 12.25
C GLY B 35 3.87 -44.64 13.48
N GLU B 36 5.18 -44.44 13.39
CA GLU B 36 6.09 -44.70 14.50
C GLU B 36 6.03 -43.55 15.50
N ARG B 37 7.03 -43.47 16.39
CA ARG B 37 7.11 -42.40 17.37
C ARG B 37 7.03 -41.02 16.73
N VAL B 38 6.66 -40.02 17.52
CA VAL B 38 6.47 -38.68 16.97
C VAL B 38 7.82 -38.04 16.67
N THR B 39 7.79 -37.03 15.80
CA THR B 39 8.99 -36.28 15.49
C THR B 39 9.14 -35.13 16.48
N GLU B 40 10.37 -34.65 16.62
CA GLU B 40 10.67 -33.62 17.59
C GLU B 40 11.57 -32.58 16.94
N VAL B 41 11.03 -31.40 16.68
CA VAL B 41 11.74 -30.32 16.00
C VAL B 41 12.38 -29.41 17.04
N LYS B 42 13.70 -29.31 17.00
CA LYS B 42 14.42 -28.44 17.91
C LYS B 42 14.61 -27.08 17.25
N THR B 43 14.26 -26.01 17.96
CA THR B 43 14.19 -24.67 17.40
C THR B 43 15.20 -23.76 18.09
N ASP B 44 15.60 -22.70 17.39
CA ASP B 44 16.44 -21.66 17.97
C ASP B 44 16.21 -20.37 17.18
N ILE B 45 16.59 -19.25 17.79
CA ILE B 45 16.44 -17.94 17.18
C ILE B 45 17.66 -17.09 17.50
N PHE B 46 18.10 -16.28 16.55
CA PHE B 46 19.22 -15.35 16.73
C PHE B 46 18.82 -14.02 16.11
N VAL B 47 18.40 -13.07 16.93
CA VAL B 47 17.90 -11.80 16.42
C VAL B 47 19.07 -10.97 15.89
N THR B 48 19.01 -10.60 14.61
CA THR B 48 20.03 -9.74 14.04
C THR B 48 19.80 -8.29 14.43
N SER B 49 18.56 -7.81 14.37
CA SER B 49 18.26 -6.42 14.65
C SER B 49 16.80 -6.27 14.98
N PHE B 50 16.49 -5.79 16.18
CA PHE B 50 15.11 -5.57 16.61
C PHE B 50 14.62 -4.30 15.92
N GLY B 51 13.80 -4.44 14.89
CA GLY B 51 13.49 -3.37 13.99
C GLY B 51 12.70 -2.26 14.65
N PRO B 52 12.39 -1.23 13.87
CA PRO B 52 11.75 -0.02 14.41
C PRO B 52 10.29 -0.29 14.77
N VAL B 53 9.97 -0.14 16.05
CA VAL B 53 8.58 -0.24 16.48
C VAL B 53 7.82 0.98 16.03
N SER B 54 6.64 0.76 15.45
CA SER B 54 5.80 1.84 14.95
C SER B 54 4.58 1.96 15.87
N ASP B 55 4.39 3.14 16.44
CA ASP B 55 3.30 3.33 17.40
C ASP B 55 1.94 3.33 16.72
N HIS B 56 1.85 3.86 15.49
CA HIS B 56 0.57 3.96 14.82
C HIS B 56 -0.02 2.59 14.54
N ASP B 57 0.72 1.75 13.83
CA ASP B 57 0.18 0.49 13.34
C ASP B 57 0.17 -0.61 14.39
N MET B 58 0.76 -0.37 15.57
CA MET B 58 0.86 -1.37 16.63
C MET B 58 1.60 -2.60 16.16
N GLU B 59 2.61 -2.41 15.30
CA GLU B 59 3.42 -3.49 14.79
C GLU B 59 4.88 -3.23 15.10
N TYR B 60 5.69 -4.27 14.99
CA TYR B 60 7.12 -4.15 15.18
C TYR B 60 7.83 -5.11 14.23
N THR B 61 8.99 -4.72 13.74
CA THR B 61 9.75 -5.51 12.80
C THR B 61 10.91 -6.20 13.50
N ILE B 62 11.25 -7.39 13.02
CA ILE B 62 12.32 -8.19 13.60
C ILE B 62 13.04 -8.89 12.46
N ASP B 63 14.30 -9.27 12.70
CA ASP B 63 15.14 -9.86 11.67
C ASP B 63 15.92 -11.02 12.28
N VAL B 64 15.42 -12.24 12.08
CA VAL B 64 15.89 -13.40 12.82
C VAL B 64 16.61 -14.36 11.87
N PHE B 65 17.47 -15.20 12.44
CA PHE B 65 18.14 -16.26 11.71
C PHE B 65 17.46 -17.50 12.26
N PHE B 66 16.27 -17.80 11.78
CA PHE B 66 15.47 -18.88 12.33
C PHE B 66 16.12 -20.22 12.03
N ARG B 67 16.16 -21.10 13.04
CA ARG B 67 16.82 -22.41 12.89
C ARG B 67 15.93 -23.56 13.31
N GLN B 68 16.15 -24.74 12.73
CA GLN B 68 15.39 -25.94 13.01
C GLN B 68 16.31 -27.15 12.93
N SER B 69 16.07 -28.13 13.77
CA SER B 69 16.93 -29.33 13.78
C SER B 69 16.10 -30.52 14.23
N TRP B 70 15.82 -31.44 13.30
CA TRP B 70 15.02 -32.60 13.60
C TRP B 70 15.77 -33.85 13.18
N LYS B 71 15.37 -34.99 13.73
CA LYS B 71 16.07 -36.25 13.51
C LYS B 71 15.29 -37.07 12.49
N ASP B 72 15.88 -37.28 11.32
CA ASP B 72 15.27 -38.02 10.23
C ASP B 72 16.13 -39.22 9.93
N GLU B 73 15.56 -40.42 10.05
CA GLU B 73 16.34 -41.65 9.96
C GLU B 73 16.54 -42.11 8.52
N ARG B 74 15.67 -41.70 7.59
CA ARG B 74 15.78 -42.17 6.22
C ARG B 74 16.97 -41.55 5.48
N LEU B 75 17.63 -40.56 6.05
CA LEU B 75 18.71 -39.85 5.36
C LEU B 75 20.10 -40.29 5.80
N LYS B 76 20.21 -41.21 6.75
CA LYS B 76 21.55 -41.56 7.22
C LYS B 76 22.28 -42.38 6.16
N PHE B 77 23.60 -42.41 6.28
CA PHE B 77 24.47 -43.03 5.29
C PHE B 77 25.80 -43.33 5.95
N LYS B 78 26.79 -43.69 5.13
CA LYS B 78 28.16 -43.90 5.58
C LYS B 78 29.10 -43.34 4.53
N GLY B 79 29.95 -42.39 4.92
CA GLY B 79 30.84 -41.75 3.99
C GLY B 79 32.08 -41.19 4.66
N PRO B 80 32.95 -40.56 3.87
CA PRO B 80 34.19 -40.02 4.42
C PRO B 80 34.03 -38.67 5.10
N MET B 81 33.05 -37.87 4.67
CA MET B 81 32.95 -36.50 5.14
C MET B 81 32.35 -36.43 6.55
N THR B 82 31.27 -37.18 6.77
CA THR B 82 30.54 -37.25 8.04
C THR B 82 29.76 -35.96 8.32
N VAL B 83 29.96 -34.94 7.49
CA VAL B 83 29.14 -33.72 7.49
C VAL B 83 29.01 -33.25 6.05
N LEU B 84 27.79 -33.05 5.59
CA LEU B 84 27.53 -32.58 4.24
C LEU B 84 27.05 -31.14 4.30
N ARG B 85 27.80 -30.23 3.69
CA ARG B 85 27.40 -28.83 3.57
C ARG B 85 26.75 -28.66 2.21
N LEU B 86 25.47 -29.03 2.13
CA LEU B 86 24.79 -29.07 0.87
C LEU B 86 24.39 -27.66 0.41
N ASN B 87 24.03 -27.57 -0.86
CA ASN B 87 23.66 -26.30 -1.47
C ASN B 87 22.28 -25.89 -0.97
N ASN B 88 21.74 -24.81 -1.52
CA ASN B 88 20.43 -24.32 -1.13
C ASN B 88 19.31 -24.92 -1.96
N LEU B 89 19.64 -25.76 -2.95
CA LEU B 89 18.65 -26.33 -3.86
C LEU B 89 18.03 -27.60 -3.32
N MET B 90 18.83 -28.48 -2.71
CA MET B 90 18.33 -29.74 -2.21
C MET B 90 17.37 -29.59 -1.04
N ALA B 91 17.35 -28.41 -0.40
CA ALA B 91 16.48 -28.21 0.75
C ALA B 91 15.01 -28.39 0.42
N SER B 92 14.62 -28.27 -0.84
CA SER B 92 13.23 -28.41 -1.24
C SER B 92 12.86 -29.83 -1.64
N LYS B 93 13.84 -30.73 -1.80
CA LYS B 93 13.54 -32.09 -2.22
C LYS B 93 13.30 -33.04 -1.05
N ILE B 94 13.72 -32.69 0.15
CA ILE B 94 13.45 -33.49 1.33
C ILE B 94 12.39 -32.79 2.18
N TRP B 95 11.89 -33.49 3.18
CA TRP B 95 10.86 -32.92 4.04
C TRP B 95 11.42 -31.77 4.87
N THR B 96 10.61 -30.73 5.04
CA THR B 96 10.98 -29.58 5.89
C THR B 96 9.72 -29.14 6.61
N PRO B 97 9.73 -29.04 7.93
CA PRO B 97 8.49 -28.73 8.66
C PRO B 97 8.06 -27.30 8.43
N ASP B 98 6.76 -27.11 8.28
CA ASP B 98 6.21 -25.76 8.14
C ASP B 98 6.05 -25.11 9.50
N THR B 99 6.24 -23.79 9.53
CA THR B 99 6.22 -23.05 10.78
C THR B 99 5.83 -21.60 10.46
N PHE B 100 4.59 -21.25 10.73
CA PHE B 100 4.13 -19.88 10.50
C PHE B 100 4.14 -19.12 11.82
N PHE B 101 3.95 -17.81 11.72
CA PHE B 101 3.91 -16.95 12.90
C PHE B 101 2.47 -16.53 13.14
N HIS B 102 1.92 -16.93 14.31
CA HIS B 102 0.50 -16.70 14.59
C HIS B 102 0.11 -15.23 14.47
N ASN B 103 1.04 -14.31 14.70
CA ASN B 103 0.74 -12.89 14.69
C ASN B 103 1.66 -12.16 13.71
N GLY B 104 1.80 -12.70 12.50
CA GLY B 104 2.61 -12.05 11.50
C GLY B 104 1.77 -11.41 10.41
N LYS B 105 1.87 -10.08 10.26
CA LYS B 105 1.05 -9.40 9.26
C LYS B 105 1.56 -9.68 7.85
N LYS B 106 2.86 -9.52 7.61
CA LYS B 106 3.43 -9.85 6.31
C LYS B 106 4.91 -10.16 6.50
N SER B 107 5.24 -11.43 6.54
CA SER B 107 6.63 -11.86 6.66
C SER B 107 7.20 -12.11 5.27
N VAL B 108 8.50 -11.87 5.12
CA VAL B 108 9.20 -12.08 3.87
C VAL B 108 10.47 -12.87 4.13
N ALA B 109 10.70 -13.90 3.34
CA ALA B 109 11.95 -14.63 3.35
C ALA B 109 12.83 -14.10 2.23
N HIS B 110 14.11 -13.88 2.54
CA HIS B 110 15.01 -13.24 1.60
C HIS B 110 15.65 -14.25 0.67
N ASN B 111 15.74 -13.88 -0.61
CA ASN B 111 16.60 -14.56 -1.56
C ASN B 111 17.44 -13.48 -2.22
N MET B 112 18.55 -13.11 -1.58
CA MET B 112 19.31 -11.97 -2.06
C MET B 112 19.95 -12.26 -3.41
N THR B 113 20.85 -13.25 -3.47
CA THR B 113 21.34 -13.78 -4.73
C THR B 113 20.94 -15.22 -4.96
N MET B 114 20.75 -15.98 -3.88
CA MET B 114 20.11 -17.28 -3.86
C MET B 114 19.36 -17.37 -2.55
N PRO B 115 18.37 -18.26 -2.44
CA PRO B 115 17.66 -18.41 -1.18
C PRO B 115 18.63 -18.67 -0.03
N ASN B 116 18.40 -17.99 1.09
CA ASN B 116 19.33 -18.02 2.21
C ASN B 116 18.96 -19.17 3.15
N LYS B 117 19.19 -20.40 2.68
CA LYS B 117 18.84 -21.58 3.43
C LYS B 117 19.96 -22.60 3.32
N LEU B 118 20.59 -22.93 4.44
CA LEU B 118 21.66 -23.91 4.46
C LEU B 118 21.13 -25.19 5.08
N LEU B 119 21.57 -26.33 4.58
CA LEU B 119 21.14 -27.64 5.05
C LEU B 119 22.36 -28.47 5.36
N ARG B 120 22.44 -29.00 6.58
CA ARG B 120 23.61 -29.75 7.03
C ARG B 120 23.15 -31.13 7.48
N ILE B 121 23.40 -32.14 6.65
CA ILE B 121 23.00 -33.50 6.96
C ILE B 121 24.19 -34.22 7.55
N THR B 122 24.10 -34.55 8.84
CA THR B 122 25.18 -35.24 9.52
C THR B 122 25.14 -36.73 9.17
N GLU B 123 26.08 -37.49 9.73
CA GLU B 123 26.15 -38.92 9.45
C GLU B 123 25.08 -39.70 10.20
N ASP B 124 24.74 -39.27 11.41
CA ASP B 124 23.72 -39.95 12.17
C ASP B 124 22.35 -39.81 11.52
N GLY B 125 22.05 -38.62 11.01
CA GLY B 125 20.75 -38.34 10.42
C GLY B 125 20.17 -37.04 10.97
N THR B 126 20.96 -36.34 11.78
CA THR B 126 20.53 -35.10 12.39
C THR B 126 20.70 -33.96 11.40
N LEU B 127 19.64 -33.21 11.15
CA LEU B 127 19.68 -32.11 10.21
C LEU B 127 19.78 -30.77 10.94
N LEU B 128 20.17 -29.75 10.18
CA LEU B 128 20.07 -28.36 10.59
C LEU B 128 19.60 -27.60 9.37
N TYR B 129 18.58 -26.75 9.53
CA TYR B 129 17.94 -26.10 8.40
C TYR B 129 17.58 -24.67 8.83
N THR B 130 18.53 -23.76 8.64
CA THR B 130 18.35 -22.38 9.03
C THR B 130 17.90 -21.50 7.88
N MET B 131 17.25 -20.39 8.20
CA MET B 131 16.78 -19.46 7.19
C MET B 131 17.21 -18.05 7.56
N ARG B 132 16.68 -17.05 6.87
CA ARG B 132 16.81 -15.66 7.30
C ARG B 132 15.48 -14.99 7.02
N LEU B 133 14.91 -14.37 8.04
CA LEU B 133 13.57 -13.82 7.97
C LEU B 133 13.57 -12.36 8.38
N THR B 134 12.63 -11.61 7.83
CA THR B 134 12.31 -10.27 8.31
C THR B 134 10.81 -10.23 8.52
N VAL B 135 10.39 -10.08 9.78
CA VAL B 135 9.02 -10.34 10.19
C VAL B 135 8.39 -9.05 10.69
N ARG B 136 7.23 -8.72 10.15
CA ARG B 136 6.43 -7.59 10.64
C ARG B 136 5.32 -8.10 11.56
N ALA B 137 5.72 -8.65 12.70
CA ALA B 137 4.74 -9.10 13.67
C ALA B 137 4.01 -7.92 14.28
N GLU B 138 2.83 -8.18 14.83
CA GLU B 138 2.03 -7.16 15.50
C GLU B 138 1.88 -7.50 16.96
N CYS B 139 1.74 -6.46 17.78
CA CYS B 139 1.57 -6.62 19.21
C CYS B 139 0.58 -5.59 19.73
N PRO B 140 -0.35 -5.99 20.58
CA PRO B 140 -1.27 -5.00 21.17
C PRO B 140 -0.56 -4.16 22.21
N MET B 141 -0.92 -2.88 22.26
CA MET B 141 -0.30 -1.94 23.17
C MET B 141 -1.34 -1.34 24.10
N HIS B 142 -0.95 -1.09 25.35
CA HIS B 142 -1.78 -0.39 26.31
C HIS B 142 -1.10 0.94 26.61
N LEU B 143 -1.70 2.03 26.14
CA LEU B 143 -1.11 3.36 26.25
C LEU B 143 -1.65 4.13 27.44
N GLU B 144 -2.28 3.45 28.39
CA GLU B 144 -2.84 4.14 29.56
C GLU B 144 -1.75 4.81 30.38
N ASP B 145 -0.53 4.29 30.35
CA ASP B 145 0.59 4.85 31.11
C ASP B 145 1.51 5.70 30.24
N PHE B 146 1.03 6.14 29.08
CA PHE B 146 1.86 6.90 28.17
C PHE B 146 2.30 8.21 28.83
N PRO B 147 3.56 8.63 28.67
CA PRO B 147 4.63 7.97 27.92
C PRO B 147 5.43 6.98 28.74
N MET B 148 5.06 6.83 30.02
CA MET B 148 5.85 6.05 30.96
C MET B 148 5.47 4.58 30.97
N ASP B 149 4.95 4.07 29.87
CA ASP B 149 4.47 2.70 29.77
C ASP B 149 5.61 1.73 29.48
N ALA B 150 5.33 0.44 29.71
CA ALA B 150 6.23 -0.65 29.37
C ALA B 150 5.43 -1.72 28.65
N HIS B 151 5.86 -2.09 27.45
CA HIS B 151 5.13 -3.03 26.62
C HIS B 151 5.70 -4.44 26.79
N ALA B 152 4.97 -5.39 26.20
CA ALA B 152 5.45 -6.76 26.04
C ALA B 152 4.91 -7.25 24.69
N CYS B 153 5.70 -7.06 23.63
CA CYS B 153 5.28 -7.43 22.30
C CYS B 153 5.70 -8.87 22.03
N PRO B 154 4.77 -9.80 21.88
CA PRO B 154 5.14 -11.22 21.77
C PRO B 154 5.43 -11.64 20.33
N LEU B 155 6.00 -12.82 20.21
CA LEU B 155 6.26 -13.48 18.94
C LEU B 155 5.94 -14.95 19.12
N LYS B 156 4.88 -15.43 18.46
CA LYS B 156 4.40 -16.79 18.68
C LYS B 156 4.49 -17.57 17.38
N PHE B 157 5.45 -18.48 17.29
CA PHE B 157 5.64 -19.33 16.13
C PHE B 157 5.29 -20.76 16.51
N GLY B 158 4.35 -21.35 15.79
CA GLY B 158 3.94 -22.72 16.03
C GLY B 158 3.87 -23.49 14.73
N SER B 159 3.56 -24.78 14.87
CA SER B 159 3.42 -25.62 13.70
C SER B 159 2.15 -25.26 12.93
N TYR B 160 1.93 -25.96 11.83
CA TYR B 160 0.72 -25.77 11.05
C TYR B 160 0.43 -27.07 10.33
N ALA B 161 -0.84 -27.46 10.31
CA ALA B 161 -1.34 -28.72 9.74
C ALA B 161 -0.92 -29.94 10.55
N TYR B 162 -0.17 -29.79 11.64
CA TYR B 162 0.26 -30.90 12.47
C TYR B 162 -0.25 -30.70 13.88
N THR B 163 -1.04 -31.65 14.38
CA THR B 163 -1.53 -31.57 15.74
C THR B 163 -0.39 -31.85 16.73
N ARG B 164 -0.72 -31.83 18.01
CA ARG B 164 0.29 -32.07 19.04
C ARG B 164 0.78 -33.51 19.02
N ALA B 165 -0.02 -34.44 18.50
CA ALA B 165 0.36 -35.84 18.48
C ALA B 165 1.31 -36.18 17.34
N GLU B 166 1.65 -35.22 16.49
CA GLU B 166 2.51 -35.49 15.34
C GLU B 166 3.80 -34.69 15.33
N VAL B 167 3.77 -33.41 15.71
CA VAL B 167 4.97 -32.58 15.71
C VAL B 167 5.02 -31.77 17.00
N VAL B 168 6.13 -31.87 17.72
CA VAL B 168 6.30 -31.20 19.01
C VAL B 168 7.58 -30.38 18.97
N TYR B 169 7.46 -29.09 19.29
CA TYR B 169 8.60 -28.18 19.30
C TYR B 169 9.25 -28.14 20.68
N GLU B 170 10.57 -28.04 20.69
CA GLU B 170 11.33 -27.84 21.91
C GLU B 170 12.51 -26.94 21.61
N TRP B 171 12.88 -26.12 22.58
CA TRP B 171 14.00 -25.21 22.37
C TRP B 171 15.30 -26.01 22.32
N THR B 172 16.21 -25.58 21.44
CA THR B 172 17.42 -26.36 21.18
C THR B 172 18.29 -26.44 22.42
N ARG B 173 18.60 -25.30 23.02
CA ARG B 173 19.42 -25.21 24.22
C ARG B 173 18.53 -24.91 25.42
N GLU B 174 19.18 -24.65 26.55
CA GLU B 174 18.44 -24.25 27.74
C GLU B 174 17.55 -23.04 27.42
N PRO B 175 16.27 -23.10 27.76
CA PRO B 175 15.33 -22.07 27.28
C PRO B 175 15.74 -20.64 27.60
N ALA B 176 16.48 -20.43 28.68
CA ALA B 176 16.91 -19.07 28.99
C ALA B 176 17.90 -18.53 27.97
N ARG B 177 18.67 -19.42 27.33
CA ARG B 177 19.72 -19.03 26.41
C ARG B 177 19.37 -19.24 24.94
N SER B 178 18.16 -19.70 24.63
CA SER B 178 17.80 -19.93 23.24
C SER B 178 17.78 -18.62 22.45
N VAL B 179 16.88 -17.70 22.81
CA VAL B 179 16.68 -16.48 22.03
C VAL B 179 17.85 -15.55 22.32
N VAL B 180 18.85 -15.54 21.44
CA VAL B 180 20.04 -14.72 21.60
C VAL B 180 19.87 -13.46 20.77
N VAL B 181 20.36 -12.34 21.27
CA VAL B 181 20.26 -11.06 20.59
C VAL B 181 21.66 -10.47 20.43
N ALA B 182 21.92 -9.88 19.27
CA ALA B 182 23.24 -9.33 18.98
C ALA B 182 23.50 -8.10 19.84
N GLU B 183 24.77 -7.76 19.97
CA GLU B 183 25.15 -6.64 20.84
C GLU B 183 24.83 -5.30 20.22
N ASP B 184 25.32 -5.06 19.00
CA ASP B 184 25.12 -3.80 18.32
C ASP B 184 23.99 -3.83 17.31
N GLY B 185 23.37 -4.99 17.08
CA GLY B 185 22.34 -5.08 16.08
C GLY B 185 21.09 -4.30 16.40
N SER B 186 20.73 -4.22 17.69
CA SER B 186 19.49 -3.56 18.07
C SER B 186 19.50 -2.10 17.67
N ARG B 187 18.40 -1.65 17.06
CA ARG B 187 18.24 -0.25 16.71
C ARG B 187 16.81 0.19 17.01
N LEU B 188 16.68 1.20 17.85
CA LEU B 188 15.39 1.76 18.22
C LEU B 188 15.58 3.24 18.52
N ASN B 189 14.65 4.06 18.01
CA ASN B 189 14.68 5.48 18.32
C ASN B 189 14.10 5.75 19.71
N GLN B 190 12.83 5.40 19.91
CA GLN B 190 12.13 5.74 21.15
C GLN B 190 12.44 4.74 22.25
N TYR B 191 12.20 3.45 21.98
CA TYR B 191 12.24 2.45 23.03
C TYR B 191 13.68 2.06 23.36
N ASP B 192 13.81 1.07 24.23
CA ASP B 192 15.13 0.55 24.62
C ASP B 192 14.95 -0.88 25.08
N LEU B 193 15.51 -1.83 24.33
CA LEU B 193 15.31 -3.24 24.62
C LEU B 193 15.82 -3.57 26.02
N LEU B 194 15.08 -4.43 26.73
CA LEU B 194 15.36 -4.71 28.12
C LEU B 194 15.72 -6.16 28.37
N GLY B 195 14.93 -7.11 27.90
CA GLY B 195 15.26 -8.51 28.08
C GLY B 195 14.34 -9.39 27.25
N GLN B 196 14.70 -10.67 27.19
CA GLN B 196 13.92 -11.67 26.49
C GLN B 196 13.34 -12.68 27.46
N THR B 197 12.17 -13.20 27.13
CA THR B 197 11.46 -14.14 27.96
C THR B 197 10.81 -15.19 27.07
N VAL B 198 10.91 -16.46 27.46
CA VAL B 198 10.39 -17.54 26.65
C VAL B 198 9.39 -18.34 27.47
N ASP B 199 8.46 -18.99 26.77
CA ASP B 199 7.40 -19.77 27.39
C ASP B 199 6.70 -20.61 26.34
N SER B 200 6.52 -21.91 26.62
CA SER B 200 5.85 -22.82 25.71
C SER B 200 4.47 -23.15 26.26
N GLY B 201 3.48 -23.22 25.38
CA GLY B 201 2.14 -23.54 25.80
C GLY B 201 1.43 -24.45 24.83
N ILE B 202 0.11 -24.51 24.92
CA ILE B 202 -0.72 -25.29 24.00
C ILE B 202 -1.95 -24.48 23.67
N VAL B 203 -2.27 -24.37 22.38
CA VAL B 203 -3.41 -23.59 21.91
C VAL B 203 -4.29 -24.51 21.07
N GLN B 204 -5.60 -24.47 21.32
CA GLN B 204 -6.55 -25.30 20.61
C GLN B 204 -7.34 -24.45 19.62
N SER B 205 -7.54 -24.99 18.42
CA SER B 205 -8.29 -24.31 17.38
C SER B 205 -9.29 -25.25 16.74
N SER B 206 -9.87 -24.84 15.61
CA SER B 206 -10.95 -25.62 14.99
C SER B 206 -10.47 -27.02 14.60
N THR B 207 -9.24 -27.15 14.12
CA THR B 207 -8.77 -28.45 13.65
C THR B 207 -8.40 -29.36 14.82
N GLY B 208 -7.44 -28.95 15.63
CA GLY B 208 -7.00 -29.80 16.72
C GLY B 208 -6.08 -29.03 17.65
N GLU B 209 -5.41 -29.78 18.52
CA GLU B 209 -4.51 -29.19 19.51
C GLU B 209 -3.14 -28.96 18.88
N TYR B 210 -2.76 -27.70 18.73
CA TYR B 210 -1.44 -27.34 18.22
C TYR B 210 -0.50 -27.06 19.38
N VAL B 211 0.77 -26.82 19.04
CA VAL B 211 1.79 -26.46 20.02
C VAL B 211 2.33 -25.09 19.63
N VAL B 212 2.51 -24.23 20.63
CA VAL B 212 2.85 -22.83 20.40
C VAL B 212 4.07 -22.48 21.22
N MET B 213 5.09 -21.95 20.56
CA MET B 213 6.24 -21.37 21.23
C MET B 213 6.04 -19.87 21.33
N THR B 214 6.20 -19.32 22.53
CA THR B 214 5.95 -17.91 22.76
C THR B 214 7.22 -17.23 23.24
N THR B 215 7.49 -16.04 22.71
CA THR B 215 8.62 -15.23 23.13
C THR B 215 8.15 -13.81 23.37
N HIS B 216 8.47 -13.26 24.54
CA HIS B 216 8.08 -11.92 24.90
C HIS B 216 9.30 -11.02 24.88
N PHE B 217 9.30 -10.01 24.02
CA PHE B 217 10.33 -8.98 24.03
C PHE B 217 9.86 -7.82 24.88
N HIS B 218 10.54 -7.60 26.00
CA HIS B 218 10.19 -6.49 26.88
C HIS B 218 10.71 -5.17 26.32
N LEU B 219 9.96 -4.11 26.58
CA LEU B 219 10.30 -2.80 26.07
C LEU B 219 9.91 -1.74 27.08
N LYS B 220 10.61 -0.61 27.03
CA LYS B 220 10.30 0.55 27.86
C LYS B 220 10.57 1.81 27.04
N ARG B 221 9.71 2.80 27.20
CA ARG B 221 9.83 4.04 26.43
C ARG B 221 10.73 5.01 27.18
N LYS B 222 11.66 5.64 26.45
CA LYS B 222 12.50 6.66 27.04
C LYS B 222 11.73 7.96 27.21
N ILE B 223 11.90 8.59 28.36
CA ILE B 223 11.14 9.80 28.70
C ILE B 223 11.97 11.07 28.52
N GLY B 224 13.26 10.95 28.21
CA GLY B 224 14.11 12.13 28.13
C GLY B 224 13.66 13.14 27.11
N TYR B 225 12.90 12.71 26.11
CA TYR B 225 12.49 13.61 25.03
C TYR B 225 11.17 14.32 25.32
N PHE B 226 10.15 13.57 25.72
CA PHE B 226 8.82 14.15 25.93
C PHE B 226 8.77 15.14 27.08
N VAL B 227 9.81 15.17 27.92
CA VAL B 227 9.87 16.20 28.95
C VAL B 227 10.20 17.55 28.33
N ILE B 228 11.34 17.64 27.63
CA ILE B 228 11.75 18.89 27.00
C ILE B 228 11.02 19.18 25.71
N GLN B 229 10.10 18.30 25.30
CA GLN B 229 9.36 18.53 24.07
C GLN B 229 8.00 19.18 24.33
N THR B 230 7.19 18.62 25.21
CA THR B 230 5.84 19.11 25.40
C THR B 230 5.50 19.44 26.84
N TYR B 231 5.98 18.66 27.81
CA TYR B 231 5.62 18.92 29.19
C TYR B 231 6.28 20.21 29.69
N LEU B 232 7.56 20.38 29.42
CA LEU B 232 8.28 21.55 29.93
C LEU B 232 7.81 22.82 29.22
N PRO B 233 7.57 22.81 27.90
CA PRO B 233 6.97 24.01 27.29
C PRO B 233 5.58 24.32 27.81
N CYS B 234 4.75 23.31 28.12
CA CYS B 234 3.43 23.63 28.64
C CYS B 234 3.52 24.21 30.04
N ILE B 235 4.42 23.67 30.87
CA ILE B 235 4.65 24.25 32.19
C ILE B 235 5.16 25.69 32.08
N MET B 236 6.12 25.92 31.18
CA MET B 236 6.65 27.27 31.01
C MET B 236 5.58 28.24 30.53
N THR B 237 4.70 27.79 29.63
CA THR B 237 3.65 28.69 29.14
C THR B 237 2.61 28.97 30.21
N VAL B 238 2.25 27.95 31.02
CA VAL B 238 1.32 28.19 32.11
C VAL B 238 1.92 29.16 33.13
N ILE B 239 3.20 28.99 33.46
CA ILE B 239 3.84 29.89 34.39
C ILE B 239 3.95 31.29 33.80
N LEU B 240 4.22 31.39 32.50
CA LEU B 240 4.29 32.69 31.85
C LEU B 240 2.94 33.40 31.88
N SER B 241 1.85 32.64 31.73
CA SER B 241 0.52 33.22 31.75
C SER B 241 0.20 33.96 33.05
N GLN B 242 1.06 33.86 34.07
CA GLN B 242 0.83 34.58 35.32
C GLN B 242 1.00 36.08 35.15
N VAL B 243 1.79 36.52 34.16
CA VAL B 243 2.11 37.93 34.02
C VAL B 243 0.86 38.77 33.79
N SER B 244 -0.17 38.16 33.19
CA SER B 244 -1.41 38.90 32.92
C SER B 244 -2.01 39.46 34.20
N PHE B 245 -1.89 38.73 35.31
CA PHE B 245 -2.49 39.18 36.57
C PHE B 245 -1.73 40.36 37.15
N TRP B 246 -0.41 40.35 37.06
CA TRP B 246 0.41 41.39 37.66
C TRP B 246 0.41 42.70 36.88
N LEU B 247 -0.18 42.72 35.69
CA LEU B 247 -0.24 43.94 34.91
C LEU B 247 -1.35 44.86 35.43
N ASN B 248 -1.32 46.10 34.96
CA ASN B 248 -2.34 47.08 35.33
C ASN B 248 -3.72 46.59 34.89
N ARG B 249 -4.72 46.89 35.71
CA ARG B 249 -6.09 46.45 35.42
C ARG B 249 -6.77 47.28 34.36
N GLU B 250 -6.17 48.40 33.93
CA GLU B 250 -6.78 49.23 32.91
C GLU B 250 -6.46 48.75 31.49
N SER B 251 -5.28 48.17 31.29
CA SER B 251 -4.79 47.83 29.96
C SER B 251 -5.52 46.59 29.45
N VAL B 252 -6.51 46.79 28.59
CA VAL B 252 -7.22 45.70 27.92
C VAL B 252 -6.40 45.14 26.77
N PRO B 253 -5.94 45.95 25.81
CA PRO B 253 -5.27 45.36 24.63
C PRO B 253 -4.04 44.54 24.95
N ALA B 254 -3.19 45.01 25.88
CA ALA B 254 -1.97 44.27 26.18
C ALA B 254 -2.27 42.88 26.70
N ARG B 255 -3.17 42.79 27.69
CA ARG B 255 -3.49 41.49 28.26
C ARG B 255 -4.29 40.63 27.30
N THR B 256 -5.06 41.23 26.38
CA THR B 256 -5.70 40.42 25.35
C THR B 256 -4.68 39.83 24.41
N VAL B 257 -3.67 40.60 24.02
CA VAL B 257 -2.56 40.05 23.24
C VAL B 257 -1.90 38.90 23.98
N PHE B 258 -1.68 39.10 25.28
CA PHE B 258 -1.04 38.08 26.11
C PHE B 258 -1.85 36.79 26.10
N GLY B 259 -3.16 36.90 26.34
CA GLY B 259 -4.02 35.74 26.36
C GLY B 259 -4.12 35.04 25.02
N VAL B 260 -4.20 35.83 23.93
CA VAL B 260 -4.24 35.24 22.60
C VAL B 260 -2.95 34.48 22.33
N THR B 261 -1.81 35.02 22.75
CA THR B 261 -0.54 34.32 22.60
C THR B 261 -0.58 32.98 23.31
N THR B 262 -0.99 32.99 24.58
CA THR B 262 -1.04 31.75 25.35
C THR B 262 -1.98 30.74 24.70
N VAL B 263 -3.15 31.19 24.25
CA VAL B 263 -4.13 30.28 23.66
C VAL B 263 -3.60 29.66 22.38
N LEU B 264 -3.00 30.48 21.51
CA LEU B 264 -2.49 29.97 20.25
C LEU B 264 -1.36 28.97 20.49
N THR B 265 -0.47 29.27 21.43
CA THR B 265 0.62 28.34 21.73
C THR B 265 0.07 27.02 22.28
N MET B 266 -0.88 27.10 23.21
CA MET B 266 -1.48 25.88 23.75
C MET B 266 -2.11 25.03 22.66
N THR B 267 -2.86 25.65 21.75
CA THR B 267 -3.55 24.88 20.73
C THR B 267 -2.55 24.23 19.77
N THR B 268 -1.57 25.01 19.30
CA THR B 268 -0.57 24.45 18.38
C THR B 268 0.28 23.39 19.06
N LEU B 269 0.41 23.44 20.38
CA LEU B 269 1.10 22.38 21.10
C LEU B 269 0.24 21.13 21.17
N SER B 270 -1.04 21.29 21.51
CA SER B 270 -1.94 20.16 21.69
C SER B 270 -2.11 19.39 20.38
N ILE B 271 -2.19 20.10 19.26
CA ILE B 271 -2.38 19.44 17.97
C ILE B 271 -1.29 18.40 17.74
N SER B 272 -0.03 18.84 17.79
CA SER B 272 1.08 17.91 17.53
C SER B 272 1.22 16.89 18.66
N ALA B 273 0.92 17.27 19.90
CA ALA B 273 1.03 16.34 21.01
C ALA B 273 0.10 15.15 20.82
N ARG B 274 -1.15 15.40 20.45
CA ARG B 274 -2.08 14.31 20.19
C ARG B 274 -1.88 13.68 18.82
N ASN B 275 -1.18 14.36 17.92
CA ASN B 275 -0.89 13.76 16.62
C ASN B 275 0.21 12.70 16.73
N SER B 276 1.21 12.94 17.58
CA SER B 276 2.31 11.99 17.70
C SER B 276 1.85 10.64 18.23
N LEU B 277 0.75 10.62 18.95
CA LEU B 277 0.18 9.45 19.62
C LEU B 277 -1.05 8.97 18.87
N PRO B 278 -1.31 7.65 18.83
CA PRO B 278 -2.49 7.14 18.11
C PRO B 278 -3.81 7.62 18.68
N LYS B 279 -4.91 7.27 18.02
CA LYS B 279 -6.25 7.70 18.39
C LYS B 279 -6.95 6.52 19.07
N VAL B 280 -6.91 6.48 20.39
CA VAL B 280 -7.56 5.43 21.16
C VAL B 280 -8.78 6.02 21.85
N ALA B 281 -9.66 5.12 22.30
CA ALA B 281 -10.89 5.55 22.96
C ALA B 281 -10.57 6.27 24.27
N TYR B 282 -9.92 5.57 25.20
CA TYR B 282 -9.60 6.15 26.50
C TYR B 282 -8.63 7.32 26.35
N ALA B 283 -8.48 8.07 27.43
CA ALA B 283 -7.61 9.24 27.47
C ALA B 283 -6.27 8.85 28.05
N THR B 284 -5.19 9.25 27.37
CA THR B 284 -3.85 8.91 27.80
C THR B 284 -3.47 9.70 29.05
N ALA B 285 -2.33 9.35 29.62
CA ALA B 285 -1.78 10.08 30.76
C ALA B 285 -1.12 11.39 30.35
N MET B 286 -1.20 11.77 29.09
CA MET B 286 -0.79 13.10 28.64
C MET B 286 -1.98 14.00 28.35
N ASP B 287 -3.14 13.41 28.00
CA ASP B 287 -4.34 14.20 27.81
C ASP B 287 -4.72 14.92 29.09
N TRP B 288 -4.52 14.29 30.25
CA TRP B 288 -4.86 14.95 31.50
C TRP B 288 -3.96 16.15 31.76
N PHE B 289 -2.66 16.02 31.50
CA PHE B 289 -1.76 17.15 31.68
C PHE B 289 -2.09 18.28 30.72
N ILE B 290 -2.36 17.96 29.46
CA ILE B 290 -2.74 18.99 28.49
C ILE B 290 -4.04 19.65 28.92
N ALA B 291 -5.00 18.86 29.40
CA ALA B 291 -6.28 19.43 29.82
C ALA B 291 -6.13 20.30 31.05
N VAL B 292 -5.15 20.02 31.91
CA VAL B 292 -4.94 20.89 33.07
C VAL B 292 -4.28 22.20 32.67
N CYS B 293 -3.25 22.14 31.82
CA CYS B 293 -2.75 23.37 31.18
C CYS B 293 -3.92 24.17 30.62
N TYR B 294 -4.79 23.50 29.87
CA TYR B 294 -5.87 24.13 29.13
C TYR B 294 -6.88 24.77 30.08
N ALA B 295 -7.26 24.04 31.13
CA ALA B 295 -8.21 24.55 32.09
C ALA B 295 -7.64 25.74 32.84
N PHE B 296 -6.36 25.71 33.23
CA PHE B 296 -5.79 26.86 33.91
C PHE B 296 -5.72 28.08 33.00
N VAL B 297 -5.31 27.91 31.75
CA VAL B 297 -5.17 29.07 30.88
C VAL B 297 -6.54 29.67 30.58
N PHE B 298 -7.56 28.84 30.33
CA PHE B 298 -8.87 29.43 30.08
C PHE B 298 -9.56 29.92 31.34
N SER B 299 -9.21 29.39 32.51
CA SER B 299 -9.70 29.99 33.75
C SER B 299 -9.11 31.38 33.93
N ALA B 300 -7.82 31.55 33.63
CA ALA B 300 -7.22 32.87 33.67
C ALA B 300 -7.88 33.80 32.65
N LEU B 301 -8.25 33.27 31.49
CA LEU B 301 -8.91 34.08 30.48
C LEU B 301 -10.29 34.53 30.94
N ILE B 302 -11.07 33.63 31.54
CA ILE B 302 -12.39 33.99 32.06
C ILE B 302 -12.26 34.99 33.21
N GLU B 303 -11.24 34.82 34.05
CA GLU B 303 -10.98 35.78 35.11
C GLU B 303 -10.71 37.16 34.55
N PHE B 304 -9.83 37.25 33.55
CA PHE B 304 -9.59 38.53 32.88
C PHE B 304 -10.87 39.10 32.29
N ALA B 305 -11.69 38.25 31.66
CA ALA B 305 -12.90 38.72 31.02
C ALA B 305 -13.88 39.30 32.02
N THR B 306 -14.01 38.68 33.20
CA THR B 306 -14.94 39.20 34.19
C THR B 306 -14.37 40.40 34.93
N VAL B 307 -13.05 40.49 35.08
CA VAL B 307 -12.46 41.68 35.68
C VAL B 307 -12.63 42.88 34.76
N ASN B 308 -12.51 42.66 33.45
CA ASN B 308 -12.70 43.75 32.50
C ASN B 308 -14.09 44.36 32.62
N TYR B 309 -15.07 43.59 33.09
CA TYR B 309 -16.41 44.10 33.30
C TYR B 309 -16.61 44.68 34.70
N PHE B 310 -16.04 44.05 35.72
CA PHE B 310 -16.26 44.49 37.09
C PHE B 310 -15.44 45.72 37.46
N THR B 311 -14.32 45.99 36.79
CA THR B 311 -13.46 47.09 37.21
C THR B 311 -14.10 48.46 37.01
N LYS B 312 -15.15 48.55 36.18
CA LYS B 312 -15.77 49.85 35.93
C LYS B 312 -16.59 50.31 37.12
N SER B 313 -17.39 49.42 37.71
CA SER B 313 -18.29 49.83 38.78
C SER B 313 -17.53 50.13 40.07
N GLN B 314 -16.61 49.24 40.46
CA GLN B 314 -15.84 49.44 41.67
C GLN B 314 -14.45 48.88 41.46
N PRO B 315 -13.41 49.65 41.74
CA PRO B 315 -12.03 49.16 41.53
C PRO B 315 -11.60 48.17 42.60
N ALA B 316 -12.17 48.29 43.79
CA ALA B 316 -11.80 47.40 44.89
C ALA B 316 -12.11 45.95 44.56
N ARG B 317 -13.21 45.71 43.82
CA ARG B 317 -13.56 44.34 43.44
C ARG B 317 -12.47 43.72 42.57
N ALA B 318 -12.04 44.43 41.53
CA ALA B 318 -10.98 43.91 40.66
C ALA B 318 -9.67 43.77 41.41
N ALA B 319 -9.36 44.73 42.28
CA ALA B 319 -8.14 44.64 43.09
C ALA B 319 -8.15 43.38 43.95
N LYS B 320 -9.28 43.11 44.60
CA LYS B 320 -9.37 41.91 45.44
C LYS B 320 -9.31 40.64 44.60
N ILE B 321 -9.93 40.65 43.42
CA ILE B 321 -9.89 39.47 42.54
C ILE B 321 -8.45 39.15 42.16
N ASP B 322 -7.68 40.18 41.77
CA ASP B 322 -6.28 39.95 41.45
C ASP B 322 -5.50 39.49 42.69
N ARG B 323 -5.74 40.12 43.83
CA ARG B 323 -5.02 39.77 45.05
C ARG B 323 -5.29 38.34 45.47
N LEU B 324 -6.46 37.80 45.12
CA LEU B 324 -6.73 36.40 45.41
C LEU B 324 -6.11 35.48 44.36
N SER B 325 -6.29 35.80 43.08
CA SER B 325 -5.87 34.90 42.02
C SER B 325 -4.35 34.74 41.99
N ARG B 326 -3.61 35.82 42.28
CA ARG B 326 -2.15 35.78 42.19
C ARG B 326 -1.57 34.69 43.08
N ILE B 327 -2.20 34.42 44.21
CA ILE B 327 -1.73 33.34 45.08
C ILE B 327 -2.50 32.04 44.83
N ALA B 328 -3.74 32.13 44.36
CA ALA B 328 -4.53 30.92 44.17
C ALA B 328 -3.99 30.06 43.03
N PHE B 329 -3.75 30.65 41.86
CA PHE B 329 -3.46 29.83 40.69
C PHE B 329 -2.09 29.14 40.75
N PRO B 330 -0.98 29.84 41.01
CA PRO B 330 0.32 29.14 41.00
C PRO B 330 0.41 28.03 42.03
N LEU B 331 -0.15 28.24 43.23
CA LEU B 331 -0.11 27.20 44.25
C LEU B 331 -0.87 25.97 43.80
N LEU B 332 -2.02 26.15 43.15
CA LEU B 332 -2.78 25.01 42.65
C LEU B 332 -2.02 24.27 41.56
N PHE B 333 -1.37 25.00 40.65
CA PHE B 333 -0.61 24.32 39.61
C PHE B 333 0.56 23.54 40.20
N GLY B 334 1.23 24.10 41.21
CA GLY B 334 2.30 23.37 41.87
C GLY B 334 1.80 22.11 42.58
N ILE B 335 0.67 22.22 43.28
CA ILE B 335 0.09 21.06 43.93
C ILE B 335 -0.29 20.00 42.90
N PHE B 336 -0.77 20.44 41.73
CA PHE B 336 -1.13 19.47 40.70
C PHE B 336 0.09 18.75 40.15
N ASN B 337 1.19 19.48 39.92
CA ASN B 337 2.43 18.80 39.54
C ASN B 337 2.85 17.80 40.61
N LEU B 338 2.72 18.18 41.87
CA LEU B 338 3.05 17.29 42.97
C LEU B 338 2.23 16.00 42.90
N VAL B 339 0.93 16.13 42.66
CA VAL B 339 0.06 14.96 42.61
C VAL B 339 0.36 14.13 41.36
N TYR B 340 0.70 14.79 40.25
CA TYR B 340 0.86 14.08 38.99
C TYR B 340 2.15 13.28 38.96
N TRP B 341 3.30 13.95 39.06
CA TRP B 341 4.56 13.28 38.80
C TRP B 341 4.91 12.22 39.84
N ALA B 342 4.25 12.23 40.99
CA ALA B 342 4.61 11.31 42.05
C ALA B 342 4.12 9.89 41.75
N THR B 343 2.95 9.76 41.14
CA THR B 343 2.30 8.46 41.04
C THR B 343 2.98 7.56 40.00
N TYR B 344 3.24 8.11 38.81
CA TYR B 344 3.65 7.25 37.69
C TYR B 344 5.02 6.63 37.92
N LEU B 345 6.00 7.42 38.36
CA LEU B 345 7.31 6.87 38.69
C LEU B 345 7.21 5.82 39.81
N ASN C 8 2.39 -48.28 9.96
CA ASN C 8 3.65 -48.60 9.34
C ASN C 8 4.05 -47.52 8.34
N MET C 9 5.30 -47.56 7.89
CA MET C 9 5.83 -46.57 6.96
C MET C 9 5.87 -47.06 5.52
N SER C 10 5.88 -48.37 5.29
CA SER C 10 5.96 -48.88 3.93
C SER C 10 4.62 -48.86 3.23
N LEU C 11 3.53 -49.16 3.96
CA LEU C 11 2.21 -49.20 3.35
C LEU C 11 1.80 -47.84 2.82
N VAL C 12 2.09 -46.78 3.58
CA VAL C 12 1.59 -45.45 3.23
C VAL C 12 2.21 -44.97 1.93
N LYS C 13 3.48 -45.28 1.71
CA LYS C 13 4.14 -44.83 0.49
C LYS C 13 3.45 -45.38 -0.75
N GLU C 14 3.26 -46.71 -0.80
CA GLU C 14 2.61 -47.31 -1.96
C GLU C 14 1.15 -46.90 -2.05
N THR C 15 0.48 -46.70 -0.92
CA THR C 15 -0.91 -46.26 -0.97
C THR C 15 -1.03 -44.88 -1.63
N VAL C 16 -0.20 -43.93 -1.18
CA VAL C 16 -0.22 -42.59 -1.79
C VAL C 16 0.18 -42.67 -3.26
N ASP C 17 1.17 -43.50 -3.58
CA ASP C 17 1.62 -43.60 -4.96
C ASP C 17 0.50 -44.12 -5.87
N ARG C 18 -0.26 -45.11 -5.41
CA ARG C 18 -1.33 -45.61 -6.27
C ARG C 18 -2.56 -44.72 -6.24
N LEU C 19 -2.75 -43.92 -5.21
CA LEU C 19 -3.82 -42.93 -5.25
C LEU C 19 -3.51 -41.86 -6.29
N LEU C 20 -2.37 -41.20 -6.16
CA LEU C 20 -2.04 -40.08 -7.03
C LEU C 20 -1.46 -40.49 -8.37
N LYS C 21 -1.64 -41.74 -8.78
CA LYS C 21 -1.30 -42.19 -10.13
C LYS C 21 -2.58 -42.49 -10.88
N GLY C 22 -2.73 -41.90 -12.05
CA GLY C 22 -3.98 -41.97 -12.78
C GLY C 22 -5.04 -41.02 -12.29
N TYR C 23 -4.71 -40.12 -11.38
CA TYR C 23 -5.64 -39.13 -10.87
C TYR C 23 -5.59 -37.92 -11.78
N ASP C 24 -6.68 -37.68 -12.51
CA ASP C 24 -6.73 -36.63 -13.50
C ASP C 24 -7.24 -35.34 -12.85
N ILE C 25 -6.39 -34.32 -12.78
CA ILE C 25 -6.71 -33.12 -12.06
C ILE C 25 -7.78 -32.28 -12.75
N ARG C 26 -7.95 -32.44 -14.07
CA ARG C 26 -8.85 -31.56 -14.80
C ARG C 26 -10.32 -31.88 -14.57
N LEU C 27 -10.64 -33.07 -14.06
CA LEU C 27 -12.01 -33.49 -13.87
C LEU C 27 -12.35 -33.46 -12.39
N ARG C 28 -13.33 -32.64 -12.04
CA ARG C 28 -13.78 -32.56 -10.67
C ARG C 28 -14.57 -33.82 -10.29
N PRO C 29 -14.59 -34.20 -9.02
CA PRO C 29 -15.22 -35.47 -8.64
C PRO C 29 -16.71 -35.47 -8.99
N ASP C 30 -17.21 -36.66 -9.33
CA ASP C 30 -18.58 -36.83 -9.81
C ASP C 30 -18.82 -35.95 -11.03
N PHE C 31 -18.10 -36.25 -12.11
CA PHE C 31 -18.12 -35.38 -13.27
C PHE C 31 -19.43 -35.49 -14.03
N GLY C 32 -19.98 -36.70 -14.17
CA GLY C 32 -21.19 -36.87 -14.93
C GLY C 32 -22.46 -36.66 -14.14
N GLY C 33 -22.44 -36.95 -12.84
CA GLY C 33 -23.65 -36.98 -12.06
C GLY C 33 -23.89 -35.75 -11.19
N PRO C 34 -24.29 -36.00 -9.95
CA PRO C 34 -24.76 -34.91 -9.08
C PRO C 34 -23.65 -33.93 -8.75
N PRO C 35 -23.99 -32.78 -8.16
CA PRO C 35 -22.97 -31.84 -7.73
C PRO C 35 -22.25 -32.31 -6.48
N VAL C 36 -21.11 -31.68 -6.22
CA VAL C 36 -20.28 -31.99 -5.06
C VAL C 36 -20.52 -30.94 -3.98
N ALA C 37 -20.57 -31.38 -2.73
CA ALA C 37 -20.87 -30.50 -1.61
C ALA C 37 -19.58 -29.98 -1.02
N VAL C 38 -19.34 -28.68 -1.18
CA VAL C 38 -18.18 -28.00 -0.62
C VAL C 38 -18.66 -27.15 0.55
N GLY C 39 -18.22 -27.51 1.75
CA GLY C 39 -18.62 -26.78 2.93
C GLY C 39 -17.51 -25.90 3.47
N MET C 40 -17.74 -24.60 3.54
CA MET C 40 -16.71 -23.64 3.91
C MET C 40 -16.84 -23.20 5.35
N ASN C 41 -15.70 -23.01 6.01
CA ASN C 41 -15.63 -22.61 7.41
C ASN C 41 -14.57 -21.54 7.55
N ILE C 42 -14.91 -20.44 8.22
CA ILE C 42 -14.02 -19.29 8.34
C ILE C 42 -13.71 -19.05 9.81
N ASP C 43 -12.45 -18.74 10.09
CA ASP C 43 -12.01 -18.32 11.42
C ASP C 43 -11.22 -17.04 11.28
N ILE C 44 -11.75 -15.96 11.84
CA ILE C 44 -11.17 -14.63 11.66
C ILE C 44 -10.13 -14.38 12.76
N ALA C 45 -8.99 -13.83 12.37
CA ALA C 45 -7.91 -13.53 13.29
C ALA C 45 -7.86 -12.06 13.68
N SER C 46 -7.90 -11.15 12.73
CA SER C 46 -7.86 -9.73 13.04
C SER C 46 -8.36 -8.92 11.87
N ILE C 47 -8.95 -7.76 12.18
CA ILE C 47 -9.37 -6.77 11.20
C ILE C 47 -8.50 -5.55 11.42
N ASP C 48 -7.49 -5.37 10.57
CA ASP C 48 -6.42 -4.42 10.81
C ASP C 48 -6.91 -2.97 10.87
N MET C 49 -7.42 -2.46 9.75
CA MET C 49 -7.67 -1.03 9.63
C MET C 49 -8.91 -0.80 8.79
N VAL C 50 -9.60 0.29 9.07
CA VAL C 50 -10.76 0.73 8.31
C VAL C 50 -10.50 2.16 7.87
N SER C 51 -10.50 2.38 6.57
CA SER C 51 -10.09 3.67 5.99
C SER C 51 -11.23 4.23 5.16
N GLU C 52 -11.79 5.36 5.60
CA GLU C 52 -12.86 5.99 4.85
C GLU C 52 -12.34 6.69 3.59
N VAL C 53 -11.05 6.97 3.51
CA VAL C 53 -10.49 7.62 2.34
C VAL C 53 -10.61 6.71 1.13
N ASN C 54 -10.25 5.43 1.29
CA ASN C 54 -10.28 4.47 0.22
C ASN C 54 -11.50 3.56 0.24
N MET C 55 -12.26 3.58 1.34
CA MET C 55 -13.45 2.73 1.50
C MET C 55 -13.08 1.25 1.39
N ASP C 56 -12.19 0.82 2.29
CA ASP C 56 -11.78 -0.57 2.33
C ASP C 56 -11.30 -0.93 3.74
N TYR C 57 -11.50 -2.19 4.10
CA TYR C 57 -11.04 -2.72 5.38
C TYR C 57 -10.26 -4.00 5.12
N THR C 58 -9.21 -4.22 5.92
CA THR C 58 -8.34 -5.37 5.77
C THR C 58 -8.58 -6.36 6.88
N LEU C 59 -8.85 -7.62 6.52
CA LEU C 59 -9.01 -8.68 7.50
C LEU C 59 -8.05 -9.82 7.20
N THR C 60 -7.73 -10.60 8.21
CA THR C 60 -6.89 -11.78 8.08
C THR C 60 -7.57 -12.95 8.75
N MET C 61 -7.81 -14.02 8.01
CA MET C 61 -8.68 -15.10 8.46
C MET C 61 -8.12 -16.45 8.08
N TYR C 62 -8.48 -17.48 8.85
CA TYR C 62 -8.10 -18.85 8.56
C TYR C 62 -9.25 -19.49 7.78
N PHE C 63 -9.07 -19.62 6.47
CA PHE C 63 -10.12 -20.06 5.57
C PHE C 63 -10.01 -21.56 5.38
N GLN C 64 -11.10 -22.29 5.64
CA GLN C 64 -11.10 -23.74 5.54
C GLN C 64 -12.32 -24.20 4.77
N GLN C 65 -12.16 -25.29 4.03
CA GLN C 65 -13.26 -25.79 3.21
C GLN C 65 -13.03 -27.27 2.91
N ALA C 66 -14.02 -28.10 3.22
CA ALA C 66 -13.89 -29.55 3.15
C ALA C 66 -14.99 -30.12 2.28
N TRP C 67 -14.61 -30.99 1.33
CA TRP C 67 -15.54 -31.63 0.42
C TRP C 67 -15.27 -33.12 0.41
N ARG C 68 -16.13 -33.87 -0.27
CA ARG C 68 -16.04 -35.32 -0.29
C ARG C 68 -15.66 -35.80 -1.69
N ASP C 69 -14.61 -36.60 -1.77
CA ASP C 69 -14.05 -37.04 -3.05
C ASP C 69 -13.75 -38.53 -2.96
N LYS C 70 -14.45 -39.31 -3.77
CA LYS C 70 -14.35 -40.77 -3.66
C LYS C 70 -13.02 -41.30 -4.17
N ARG C 71 -12.39 -40.58 -5.10
CA ARG C 71 -11.14 -41.08 -5.69
C ARG C 71 -10.00 -41.11 -4.67
N LEU C 72 -10.07 -40.27 -3.65
CA LEU C 72 -9.05 -40.25 -2.60
C LEU C 72 -9.51 -41.09 -1.40
N SER C 73 -9.78 -42.36 -1.67
CA SER C 73 -10.27 -43.28 -0.67
C SER C 73 -9.34 -44.48 -0.55
N TYR C 74 -9.01 -44.85 0.68
CA TYR C 74 -8.14 -45.98 0.96
C TYR C 74 -8.70 -46.75 2.14
N ASN C 75 -8.41 -48.06 2.17
CA ASN C 75 -8.97 -48.95 3.19
C ASN C 75 -7.89 -49.72 3.95
N VAL C 76 -6.63 -49.34 3.82
CA VAL C 76 -5.54 -50.09 4.44
C VAL C 76 -5.18 -49.55 5.82
N ILE C 77 -5.05 -48.23 5.93
CA ILE C 77 -4.56 -47.61 7.17
C ILE C 77 -5.73 -46.92 7.87
N PRO C 78 -5.84 -47.01 9.20
CA PRO C 78 -6.89 -46.27 9.90
C PRO C 78 -6.55 -44.82 10.21
N LEU C 79 -5.31 -44.39 10.00
CA LEU C 79 -4.90 -43.05 10.38
C LEU C 79 -5.48 -42.00 9.44
N ASN C 80 -5.35 -40.73 9.85
CA ASN C 80 -5.72 -39.58 9.03
C ASN C 80 -4.43 -39.03 8.40
N LEU C 81 -4.21 -39.38 7.14
CA LEU C 81 -3.01 -38.93 6.45
C LEU C 81 -2.98 -37.42 6.37
N THR C 82 -1.88 -36.83 6.83
CA THR C 82 -1.65 -35.40 6.73
C THR C 82 -0.47 -35.18 5.80
N LEU C 83 -0.76 -34.76 4.57
CA LEU C 83 0.26 -34.63 3.56
C LEU C 83 0.94 -33.26 3.65
N ASP C 84 2.12 -33.18 3.05
CA ASP C 84 2.84 -31.92 2.99
C ASP C 84 2.18 -31.01 1.96
N ASN C 85 2.30 -29.70 2.19
CA ASN C 85 1.54 -28.74 1.39
C ASN C 85 1.95 -28.68 -0.07
N ARG C 86 2.96 -29.44 -0.50
CA ARG C 86 3.30 -29.50 -1.91
C ARG C 86 2.27 -30.30 -2.71
N VAL C 87 1.54 -31.19 -2.06
CA VAL C 87 0.65 -32.10 -2.77
C VAL C 87 -0.62 -31.40 -3.27
N ALA C 88 -0.96 -30.24 -2.72
CA ALA C 88 -2.18 -29.56 -3.14
C ALA C 88 -2.09 -29.09 -4.59
N ASP C 89 -0.90 -29.06 -5.18
CA ASP C 89 -0.79 -28.71 -6.58
C ASP C 89 -1.24 -29.83 -7.49
N GLN C 90 -1.40 -31.04 -6.97
CA GLN C 90 -1.79 -32.19 -7.77
C GLN C 90 -3.24 -32.60 -7.58
N LEU C 91 -3.83 -32.34 -6.43
CA LEU C 91 -5.21 -32.70 -6.18
C LEU C 91 -6.16 -31.70 -6.83
N TRP C 92 -7.46 -31.98 -6.72
CA TRP C 92 -8.47 -31.02 -7.11
C TRP C 92 -8.75 -30.07 -5.97
N VAL C 93 -9.06 -28.82 -6.31
CA VAL C 93 -9.41 -27.80 -5.32
C VAL C 93 -10.51 -26.89 -5.88
N PRO C 94 -11.63 -26.72 -5.18
CA PRO C 94 -12.70 -25.88 -5.71
C PRO C 94 -12.29 -24.41 -5.69
N ASP C 95 -12.36 -23.77 -6.85
CA ASP C 95 -11.92 -22.39 -7.01
C ASP C 95 -13.01 -21.43 -6.55
N THR C 96 -12.69 -20.61 -5.55
CA THR C 96 -13.61 -19.65 -4.98
C THR C 96 -12.92 -18.31 -4.91
N TYR C 97 -13.47 -17.30 -5.57
CA TYR C 97 -12.89 -15.97 -5.54
C TYR C 97 -13.78 -15.04 -4.76
N PHE C 98 -13.21 -13.98 -4.22
CA PHE C 98 -13.93 -13.01 -3.41
C PHE C 98 -14.41 -11.89 -4.31
N LEU C 99 -15.73 -11.79 -4.51
CA LEU C 99 -16.26 -10.90 -5.52
C LEU C 99 -15.84 -9.45 -5.29
N ASN C 100 -15.54 -9.07 -4.05
CA ASN C 100 -15.09 -7.71 -3.75
C ASN C 100 -13.77 -7.76 -2.98
N ASP C 101 -12.66 -7.81 -3.71
CA ASP C 101 -11.34 -7.66 -3.13
C ASP C 101 -10.46 -6.86 -4.09
N LYS C 102 -9.46 -6.20 -3.51
CA LYS C 102 -8.53 -5.37 -4.28
C LYS C 102 -7.13 -5.93 -4.29
N LYS C 103 -6.63 -6.36 -3.13
CA LYS C 103 -5.35 -7.05 -3.03
C LYS C 103 -5.47 -8.12 -1.96
N SER C 104 -4.99 -9.31 -2.25
CA SER C 104 -5.07 -10.41 -1.28
C SER C 104 -4.00 -11.44 -1.62
N PHE C 105 -3.35 -11.97 -0.59
CA PHE C 105 -2.22 -12.86 -0.80
C PHE C 105 -2.14 -13.88 0.33
N VAL C 106 -1.83 -15.11 -0.04
CA VAL C 106 -1.61 -16.18 0.93
C VAL C 106 -0.22 -15.99 1.54
N HIS C 107 -0.16 -15.93 2.86
CA HIS C 107 1.10 -15.62 3.53
C HIS C 107 2.16 -16.67 3.19
N GLY C 108 3.42 -16.24 3.20
CA GLY C 108 4.52 -17.11 2.84
C GLY C 108 5.67 -17.09 3.82
N VAL C 109 5.37 -17.08 5.12
CA VAL C 109 6.37 -16.79 6.14
C VAL C 109 7.58 -17.70 5.99
N THR C 110 7.36 -19.01 6.13
CA THR C 110 8.43 -19.97 5.87
C THR C 110 8.11 -20.90 4.71
N VAL C 111 6.87 -21.36 4.61
CA VAL C 111 6.33 -21.97 3.41
C VAL C 111 4.93 -21.42 3.21
N LYS C 112 4.29 -21.81 2.10
CA LYS C 112 2.92 -21.39 1.90
C LYS C 112 2.04 -21.99 2.99
N ASN C 113 1.08 -21.20 3.47
CA ASN C 113 0.28 -21.57 4.62
C ASN C 113 -1.02 -22.23 4.17
N ARG C 114 -0.89 -23.50 3.78
CA ARG C 114 -2.07 -24.29 3.48
C ARG C 114 -1.84 -25.73 3.92
N MET C 115 -2.92 -26.42 4.23
CA MET C 115 -2.86 -27.79 4.72
C MET C 115 -3.66 -28.71 3.80
N ILE C 116 -3.37 -30.00 3.91
CA ILE C 116 -4.15 -31.06 3.28
C ILE C 116 -4.32 -32.16 4.29
N ARG C 117 -5.55 -32.63 4.48
CA ARG C 117 -5.86 -33.63 5.49
C ARG C 117 -6.89 -34.59 4.92
N LEU C 118 -6.43 -35.73 4.44
CA LEU C 118 -7.33 -36.73 3.88
C LEU C 118 -8.07 -37.42 5.01
N HIS C 119 -8.85 -38.44 4.67
CA HIS C 119 -9.62 -39.21 5.64
C HIS C 119 -9.84 -40.59 5.06
N PRO C 120 -10.34 -41.54 5.87
CA PRO C 120 -10.59 -42.88 5.32
C PRO C 120 -11.71 -42.91 4.28
N ASP C 121 -12.75 -42.09 4.43
CA ASP C 121 -13.87 -42.11 3.50
C ASP C 121 -13.74 -41.08 2.38
N GLY C 122 -12.54 -40.56 2.15
CA GLY C 122 -12.31 -39.65 1.05
C GLY C 122 -12.62 -38.20 1.32
N THR C 123 -12.81 -37.81 2.57
CA THR C 123 -13.20 -36.44 2.91
C THR C 123 -11.94 -35.59 3.05
N VAL C 124 -11.65 -34.79 2.03
CA VAL C 124 -10.50 -33.89 2.06
C VAL C 124 -10.84 -32.67 2.91
N LEU C 125 -9.82 -32.04 3.49
CA LEU C 125 -10.00 -30.79 4.21
C LEU C 125 -8.87 -29.85 3.80
N TYR C 126 -9.20 -28.78 3.10
CA TYR C 126 -8.23 -27.86 2.50
C TYR C 126 -8.37 -26.50 3.16
N GLY C 127 -7.34 -26.06 3.87
CA GLY C 127 -7.42 -24.78 4.54
C GLY C 127 -6.26 -23.85 4.26
N LEU C 128 -6.55 -22.65 3.77
CA LEU C 128 -5.54 -21.68 3.44
C LEU C 128 -5.29 -20.76 4.64
N ARG C 129 -4.54 -19.68 4.42
CA ARG C 129 -4.41 -18.61 5.38
C ARG C 129 -4.20 -17.33 4.60
N ILE C 130 -5.27 -16.61 4.33
CA ILE C 130 -5.28 -15.52 3.37
C ILE C 130 -5.42 -14.18 4.06
N THR C 131 -5.37 -13.10 3.30
CA THR C 131 -5.44 -11.76 3.87
C THR C 131 -6.04 -10.84 2.81
N THR C 132 -7.34 -10.56 2.93
CA THR C 132 -8.09 -9.86 1.91
C THR C 132 -8.28 -8.40 2.29
N THR C 133 -7.98 -7.50 1.35
CA THR C 133 -8.29 -6.09 1.51
C THR C 133 -9.58 -5.78 0.77
N ALA C 134 -10.68 -6.27 1.34
CA ALA C 134 -11.98 -6.14 0.71
C ALA C 134 -12.40 -4.67 0.63
N ALA C 135 -13.42 -4.41 -0.18
CA ALA C 135 -13.98 -3.07 -0.33
C ALA C 135 -15.47 -3.11 -0.02
N CYS C 136 -15.90 -2.29 0.93
CA CYS C 136 -17.29 -2.23 1.34
C CYS C 136 -17.77 -0.79 1.23
N MET C 137 -18.95 -0.60 0.63
CA MET C 137 -19.53 0.73 0.53
C MET C 137 -19.80 1.30 1.91
N MET C 138 -19.20 2.44 2.20
CA MET C 138 -19.40 3.15 3.45
C MET C 138 -20.23 4.40 3.17
N ASP C 139 -21.26 4.61 3.96
CA ASP C 139 -22.12 5.77 3.84
C ASP C 139 -21.80 6.72 4.99
N LEU C 140 -21.30 7.91 4.66
CA LEU C 140 -20.91 8.89 5.66
C LEU C 140 -21.83 10.09 5.73
N ARG C 141 -23.05 9.98 5.19
CA ARG C 141 -24.01 11.06 5.33
C ARG C 141 -24.28 11.36 6.79
N ARG C 142 -24.39 10.32 7.62
CA ARG C 142 -24.67 10.50 9.04
C ARG C 142 -23.41 10.59 9.87
N TYR C 143 -22.24 10.62 9.25
CA TYR C 143 -20.99 10.81 9.98
C TYR C 143 -21.08 12.08 10.81
N PRO C 144 -20.49 12.11 12.02
CA PRO C 144 -19.71 11.10 12.73
C PRO C 144 -20.50 9.88 13.25
N LEU C 145 -21.75 10.05 13.68
CA LEU C 145 -22.49 8.95 14.27
C LEU C 145 -23.27 8.23 13.19
N ASP C 146 -22.72 7.10 12.71
CA ASP C 146 -23.31 6.35 11.62
C ASP C 146 -23.07 4.86 11.83
N GLU C 147 -23.83 4.06 11.09
CA GLU C 147 -23.68 2.61 11.08
C GLU C 147 -23.28 2.16 9.69
N GLN C 148 -22.23 1.35 9.60
CA GLN C 148 -21.73 0.86 8.33
C GLN C 148 -21.86 -0.67 8.29
N ASN C 149 -22.36 -1.17 7.17
CA ASN C 149 -22.56 -2.59 6.93
C ASN C 149 -21.60 -3.03 5.85
N CYS C 150 -20.53 -3.72 6.24
CA CYS C 150 -19.53 -4.21 5.30
C CYS C 150 -19.69 -5.70 5.09
N THR C 151 -19.30 -6.16 3.90
CA THR C 151 -19.66 -7.48 3.41
C THR C 151 -18.40 -8.20 2.94
N LEU C 152 -18.53 -9.49 2.67
CA LEU C 152 -17.46 -10.28 2.06
C LEU C 152 -18.13 -11.43 1.32
N GLU C 153 -18.19 -11.35 -0.01
CA GLU C 153 -18.98 -12.29 -0.79
C GLU C 153 -18.06 -13.35 -1.40
N ILE C 154 -18.37 -14.61 -1.10
CA ILE C 154 -17.59 -15.76 -1.56
C ILE C 154 -18.44 -16.52 -2.57
N GLU C 155 -17.83 -16.87 -3.69
CA GLU C 155 -18.58 -17.60 -4.66
C GLU C 155 -17.64 -18.35 -5.55
N SER C 156 -18.17 -19.33 -6.27
CA SER C 156 -17.40 -20.07 -7.25
C SER C 156 -17.25 -19.24 -8.52
N TYR C 157 -16.37 -19.70 -9.40
CA TYR C 157 -16.11 -18.99 -10.64
C TYR C 157 -16.24 -19.82 -11.90
N GLY C 158 -15.72 -21.04 -11.87
CA GLY C 158 -15.78 -21.87 -13.05
C GLY C 158 -16.91 -22.87 -13.10
N TYR C 159 -17.68 -23.03 -12.02
CA TYR C 159 -18.71 -24.06 -11.95
C TYR C 159 -20.04 -23.43 -11.61
N THR C 160 -21.09 -23.86 -12.32
CA THR C 160 -22.43 -23.33 -12.11
C THR C 160 -23.06 -24.01 -10.90
N THR C 161 -24.34 -23.72 -10.65
CA THR C 161 -25.02 -24.35 -9.53
C THR C 161 -25.35 -25.81 -9.79
N ASP C 162 -25.09 -26.31 -10.98
CA ASP C 162 -25.36 -27.71 -11.29
C ASP C 162 -24.20 -28.63 -10.90
N ASP C 163 -23.02 -28.07 -10.64
CA ASP C 163 -21.84 -28.88 -10.39
C ASP C 163 -21.27 -28.75 -8.99
N ILE C 164 -21.56 -27.65 -8.27
CA ILE C 164 -20.98 -27.43 -6.96
C ILE C 164 -22.01 -26.76 -6.07
N GLU C 165 -21.88 -26.98 -4.76
CA GLU C 165 -22.79 -26.42 -3.77
C GLU C 165 -21.99 -25.90 -2.58
N PHE C 166 -22.39 -24.74 -2.08
CA PHE C 166 -21.74 -24.11 -0.94
C PHE C 166 -22.72 -24.02 0.22
N TYR C 167 -22.22 -24.21 1.44
CA TYR C 167 -23.03 -24.07 2.64
C TYR C 167 -22.11 -24.01 3.84
N TRP C 168 -22.46 -23.17 4.81
CA TRP C 168 -21.65 -23.06 6.02
C TRP C 168 -21.76 -24.34 6.83
N ARG C 169 -20.64 -24.78 7.41
CA ARG C 169 -20.60 -26.04 8.14
C ARG C 169 -20.94 -25.76 9.60
N GLY C 170 -22.23 -25.61 9.85
CA GLY C 170 -22.74 -25.27 11.17
C GLY C 170 -22.97 -23.79 11.32
N ASP C 171 -24.24 -23.36 11.25
CA ASP C 171 -24.54 -21.94 11.20
C ASP C 171 -24.14 -21.23 12.48
N ASP C 172 -24.09 -21.95 13.60
CA ASP C 172 -23.68 -21.32 14.85
C ASP C 172 -22.18 -21.07 14.89
N ASN C 173 -21.39 -22.05 14.47
CA ASN C 173 -19.94 -21.98 14.57
C ASN C 173 -19.27 -21.87 13.21
N ALA C 174 -19.96 -21.31 12.22
CA ALA C 174 -19.34 -21.12 10.93
C ALA C 174 -18.26 -20.05 10.96
N VAL C 175 -18.42 -19.04 11.81
CA VAL C 175 -17.45 -17.98 11.97
C VAL C 175 -17.14 -17.83 13.45
N THR C 176 -15.85 -17.87 13.79
CA THR C 176 -15.42 -17.76 15.16
C THR C 176 -14.45 -16.59 15.29
N GLY C 177 -14.14 -16.23 16.53
CA GLY C 177 -13.17 -15.19 16.78
C GLY C 177 -13.68 -13.77 16.66
N VAL C 178 -14.95 -13.58 16.28
CA VAL C 178 -15.48 -12.22 16.19
C VAL C 178 -15.74 -11.66 17.57
N THR C 179 -16.02 -12.51 18.56
CA THR C 179 -16.24 -12.03 19.92
C THR C 179 -14.98 -11.44 20.55
N LYS C 180 -13.81 -11.70 19.97
CA LYS C 180 -12.56 -11.24 20.54
C LYS C 180 -11.90 -10.11 19.76
N ILE C 181 -12.31 -9.88 18.51
CA ILE C 181 -11.69 -8.83 17.71
C ILE C 181 -11.87 -7.48 18.39
N GLU C 182 -10.83 -6.65 18.31
CA GLU C 182 -10.82 -5.32 18.91
C GLU C 182 -10.41 -4.31 17.86
N LEU C 183 -11.29 -3.35 17.58
CA LEU C 183 -10.93 -2.28 16.68
C LEU C 183 -10.60 -1.02 17.48
N PRO C 184 -9.65 -0.21 17.00
CA PRO C 184 -9.29 1.00 17.74
C PRO C 184 -10.43 1.99 17.84
N GLN C 185 -11.29 2.06 16.82
CA GLN C 185 -12.34 3.07 16.75
C GLN C 185 -13.73 2.47 16.72
N PHE C 186 -13.99 1.52 15.82
CA PHE C 186 -15.31 0.93 15.67
C PHE C 186 -15.56 -0.10 16.77
N SER C 187 -16.72 -0.76 16.69
CA SER C 187 -17.07 -1.83 17.61
C SER C 187 -18.06 -2.76 16.92
N ILE C 188 -17.82 -4.06 17.02
CA ILE C 188 -18.69 -5.04 16.38
C ILE C 188 -20.02 -5.07 17.10
N VAL C 189 -21.10 -5.28 16.35
CA VAL C 189 -22.44 -5.32 16.93
C VAL C 189 -23.07 -6.69 16.69
N ASP C 190 -23.18 -7.08 15.43
CA ASP C 190 -23.84 -8.33 15.08
C ASP C 190 -23.39 -8.76 13.68
N TYR C 191 -23.22 -10.06 13.51
CA TYR C 191 -22.83 -10.62 12.21
C TYR C 191 -23.83 -11.69 11.79
N LYS C 192 -24.16 -11.71 10.50
CA LYS C 192 -25.11 -12.66 9.95
C LYS C 192 -24.47 -13.48 8.85
N LEU C 193 -25.08 -14.62 8.57
CA LEU C 193 -24.60 -15.56 7.56
C LEU C 193 -25.72 -15.80 6.55
N ILE C 194 -25.39 -15.69 5.26
CA ILE C 194 -26.39 -15.75 4.20
C ILE C 194 -25.96 -16.81 3.19
N THR C 195 -26.96 -17.41 2.54
CA THR C 195 -26.73 -18.32 1.42
C THR C 195 -27.66 -17.92 0.29
N LYS C 196 -27.11 -17.67 -0.89
CA LYS C 196 -27.89 -17.17 -2.02
C LYS C 196 -27.55 -17.95 -3.28
N LYS C 197 -28.16 -17.53 -4.38
CA LYS C 197 -27.84 -18.03 -5.71
C LYS C 197 -27.92 -16.86 -6.68
N VAL C 198 -26.79 -16.54 -7.32
CA VAL C 198 -26.68 -15.39 -8.19
C VAL C 198 -26.66 -15.85 -9.63
N VAL C 199 -27.36 -15.12 -10.50
CA VAL C 199 -27.50 -15.48 -11.90
C VAL C 199 -26.84 -14.38 -12.75
N PHE C 200 -25.78 -14.74 -13.45
CA PHE C 200 -25.16 -13.82 -14.37
C PHE C 200 -25.65 -14.16 -15.78
N SER C 201 -24.95 -13.72 -16.81
CA SER C 201 -25.37 -13.99 -18.17
C SER C 201 -25.02 -15.40 -18.63
N THR C 202 -24.11 -16.07 -17.93
CA THR C 202 -23.72 -17.43 -18.34
C THR C 202 -24.41 -18.55 -17.56
N GLY C 203 -24.71 -18.33 -16.30
CA GLY C 203 -25.38 -19.35 -15.52
C GLY C 203 -25.84 -18.84 -14.18
N SER C 204 -26.09 -19.78 -13.28
CA SER C 204 -26.52 -19.50 -11.91
C SER C 204 -25.41 -19.94 -10.97
N TYR C 205 -24.68 -19.00 -10.38
CA TYR C 205 -23.56 -19.34 -9.50
C TYR C 205 -23.91 -19.27 -8.03
N PRO C 206 -23.36 -20.18 -7.22
CA PRO C 206 -23.64 -20.19 -5.78
C PRO C 206 -22.81 -19.15 -5.05
N ARG C 207 -23.43 -18.49 -4.08
CA ARG C 207 -22.76 -17.43 -3.33
C ARG C 207 -22.97 -17.62 -1.85
N LEU C 208 -21.96 -17.28 -1.06
CA LEU C 208 -22.08 -17.16 0.39
C LEU C 208 -21.60 -15.79 0.80
N SER C 209 -22.13 -15.29 1.91
CA SER C 209 -21.89 -13.92 2.31
C SER C 209 -21.62 -13.84 3.80
N LEU C 210 -20.68 -12.96 4.16
CA LEU C 210 -20.40 -12.62 5.54
C LEU C 210 -20.65 -11.13 5.71
N SER C 211 -21.43 -10.76 6.72
CA SER C 211 -21.82 -9.37 6.91
C SER C 211 -21.89 -9.04 8.39
N PHE C 212 -21.32 -7.90 8.78
CA PHE C 212 -21.36 -7.47 10.17
C PHE C 212 -21.30 -5.95 10.25
N LYS C 213 -22.29 -5.36 10.93
CA LYS C 213 -22.40 -3.91 11.05
C LYS C 213 -21.30 -3.34 11.94
N LEU C 214 -20.98 -2.08 11.70
CA LEU C 214 -19.97 -1.35 12.48
C LEU C 214 -20.58 -0.06 13.01
N LYS C 215 -20.30 0.25 14.28
CA LYS C 215 -20.79 1.47 14.91
C LYS C 215 -19.62 2.19 15.57
N ARG C 216 -19.51 3.49 15.33
CA ARG C 216 -18.39 4.28 15.82
C ARG C 216 -18.57 4.62 17.30
N ASN C 217 -17.45 4.95 17.94
CA ASN C 217 -17.50 5.53 19.27
C ASN C 217 -17.96 6.99 19.17
N ILE C 218 -18.48 7.51 20.28
CA ILE C 218 -19.23 8.76 20.30
C ILE C 218 -18.47 9.86 21.01
N GLY C 219 -18.01 9.60 22.23
CA GLY C 219 -17.61 10.68 23.12
C GLY C 219 -16.40 11.48 22.65
N TYR C 220 -15.55 10.88 21.82
CA TYR C 220 -14.28 11.52 21.50
C TYR C 220 -14.44 12.63 20.48
N PHE C 221 -15.21 12.37 19.41
CA PHE C 221 -15.30 13.32 18.30
C PHE C 221 -16.21 14.50 18.59
N ILE C 222 -17.25 14.31 19.40
CA ILE C 222 -18.25 15.35 19.59
C ILE C 222 -17.63 16.57 20.24
N LEU C 223 -16.93 16.38 21.35
CA LEU C 223 -16.28 17.50 22.01
C LEU C 223 -15.25 18.16 21.10
N GLN C 224 -14.53 17.36 20.32
CA GLN C 224 -13.49 17.90 19.46
C GLN C 224 -14.06 18.79 18.37
N THR C 225 -15.21 18.42 17.81
CA THR C 225 -15.73 19.12 16.63
C THR C 225 -16.81 20.15 16.94
N TYR C 226 -17.84 19.78 17.70
CA TYR C 226 -19.05 20.60 17.74
C TYR C 226 -18.90 21.84 18.62
N MET C 227 -18.24 21.71 19.77
CA MET C 227 -18.23 22.79 20.76
C MET C 227 -17.81 24.16 20.23
N PRO C 228 -16.75 24.29 19.42
CA PRO C 228 -16.31 25.65 19.03
C PRO C 228 -17.38 26.47 18.33
N SER C 229 -18.20 25.86 17.48
CA SER C 229 -19.22 26.63 16.78
C SER C 229 -20.30 27.10 17.75
N ILE C 230 -20.68 26.26 18.70
CA ILE C 230 -21.65 26.68 19.71
C ILE C 230 -21.08 27.83 20.53
N LEU C 231 -19.80 27.77 20.84
CA LEU C 231 -19.16 28.86 21.58
C LEU C 231 -19.18 30.15 20.77
N ILE C 232 -18.90 30.05 19.47
CA ILE C 232 -18.91 31.25 18.63
C ILE C 232 -20.30 31.84 18.53
N THR C 233 -21.32 31.00 18.42
CA THR C 233 -22.69 31.51 18.38
C THR C 233 -23.07 32.19 19.68
N ILE C 234 -22.67 31.60 20.81
CA ILE C 234 -22.98 32.23 22.10
C ILE C 234 -22.24 33.56 22.24
N LEU C 235 -20.99 33.61 21.78
CA LEU C 235 -20.26 34.87 21.84
C LEU C 235 -20.89 35.92 20.94
N SER C 236 -21.40 35.51 19.78
CA SER C 236 -22.14 36.45 18.94
C SER C 236 -23.39 36.94 19.65
N TRP C 237 -24.01 36.08 20.45
CA TRP C 237 -25.15 36.52 21.27
C TRP C 237 -24.71 37.54 22.31
N VAL C 238 -23.51 37.38 22.87
CA VAL C 238 -23.03 38.26 23.93
C VAL C 238 -23.11 39.72 23.51
N SER C 239 -23.05 40.00 22.21
CA SER C 239 -22.98 41.37 21.73
C SER C 239 -24.28 42.14 21.92
N PHE C 240 -25.42 41.45 22.11
CA PHE C 240 -26.69 42.15 22.13
C PHE C 240 -26.87 43.00 23.39
N TRP C 241 -26.38 42.51 24.53
CA TRP C 241 -26.58 43.23 25.78
C TRP C 241 -25.92 44.59 25.76
N ILE C 242 -24.85 44.76 24.97
CA ILE C 242 -24.09 45.99 24.98
C ILE C 242 -24.96 47.16 24.51
N ASN C 243 -24.81 48.29 25.19
CA ASN C 243 -25.54 49.50 24.84
C ASN C 243 -25.27 49.89 23.39
N TYR C 244 -26.27 50.54 22.78
CA TYR C 244 -26.13 51.02 21.41
C TYR C 244 -25.26 52.27 21.30
N ASP C 245 -24.81 52.83 22.43
CA ASP C 245 -23.96 54.01 22.38
C ASP C 245 -22.57 53.66 21.86
N ALA C 246 -21.94 52.64 22.45
CA ALA C 246 -20.62 52.18 22.00
C ALA C 246 -20.82 51.20 20.86
N SER C 247 -21.14 51.76 19.69
CA SER C 247 -21.44 50.91 18.53
C SER C 247 -20.21 50.21 18.00
N ALA C 248 -19.04 50.85 18.09
CA ALA C 248 -17.82 50.27 17.52
C ALA C 248 -17.50 48.92 18.15
N ALA C 249 -17.76 48.77 19.44
CA ALA C 249 -17.46 47.51 20.12
C ALA C 249 -18.30 46.37 19.54
N ARG C 250 -19.62 46.59 19.42
CA ARG C 250 -20.45 45.52 18.89
C ARG C 250 -20.17 45.27 17.42
N VAL C 251 -19.80 46.30 16.67
CA VAL C 251 -19.40 46.09 15.28
C VAL C 251 -18.17 45.19 15.22
N ALA C 252 -17.15 45.50 16.02
CA ALA C 252 -15.96 44.68 16.06
C ALA C 252 -16.28 43.24 16.44
N LEU C 253 -17.20 43.06 17.40
CA LEU C 253 -17.57 41.70 17.81
C LEU C 253 -18.28 40.96 16.69
N GLY C 254 -19.27 41.60 16.06
CA GLY C 254 -19.99 40.96 14.98
C GLY C 254 -19.13 40.66 13.76
N ILE C 255 -18.01 41.37 13.60
CA ILE C 255 -17.09 41.04 12.52
C ILE C 255 -16.16 39.90 12.92
N THR C 256 -15.60 39.99 14.13
CA THR C 256 -14.65 38.99 14.59
C THR C 256 -15.29 37.62 14.69
N THR C 257 -16.56 37.57 15.10
CA THR C 257 -17.24 36.27 15.15
C THR C 257 -17.34 35.65 13.77
N VAL C 258 -17.70 36.45 12.76
CA VAL C 258 -17.82 35.92 11.40
C VAL C 258 -16.49 35.35 10.93
N LEU C 259 -15.41 36.12 11.09
CA LEU C 259 -14.16 35.61 10.54
C LEU C 259 -13.60 34.46 11.36
N THR C 260 -13.81 34.48 12.69
CA THR C 260 -13.37 33.35 13.50
C THR C 260 -14.13 32.08 13.12
N MET C 261 -15.43 32.21 12.85
CA MET C 261 -16.20 31.05 12.41
C MET C 261 -15.71 30.52 11.07
N THR C 262 -15.42 31.42 10.13
CA THR C 262 -14.90 30.99 8.85
C THR C 262 -13.56 30.25 9.01
N THR C 263 -12.67 30.78 9.86
CA THR C 263 -11.39 30.11 10.07
C THR C 263 -11.56 28.77 10.75
N ILE C 264 -12.48 28.67 11.71
CA ILE C 264 -12.74 27.39 12.36
C ILE C 264 -13.24 26.37 11.35
N ASN C 265 -14.15 26.79 10.47
CA ASN C 265 -14.65 25.89 9.43
C ASN C 265 -13.51 25.42 8.52
N THR C 266 -12.68 26.36 8.05
CA THR C 266 -11.62 26.00 7.13
C THR C 266 -10.60 25.07 7.79
N HIS C 267 -10.29 25.31 9.07
CA HIS C 267 -9.34 24.43 9.74
C HIS C 267 -9.94 23.06 10.02
N LEU C 268 -11.23 23.01 10.31
CA LEU C 268 -11.86 21.71 10.57
C LEU C 268 -12.02 20.90 9.30
N ARG C 269 -12.12 21.57 8.14
CA ARG C 269 -12.26 20.82 6.90
C ARG C 269 -10.99 20.12 6.45
N GLU C 270 -9.89 20.22 7.20
CA GLU C 270 -8.67 19.50 6.87
C GLU C 270 -8.49 18.23 7.68
N THR C 271 -8.60 18.30 9.01
CA THR C 271 -8.36 17.13 9.83
C THR C 271 -9.39 16.04 9.60
N LEU C 272 -10.60 16.41 9.19
CA LEU C 272 -11.60 15.42 8.87
C LEU C 272 -11.20 14.65 7.61
N PRO C 273 -11.71 13.42 7.45
CA PRO C 273 -11.37 12.65 6.25
C PRO C 273 -11.92 13.33 4.99
N LYS C 274 -11.07 13.43 3.98
CA LYS C 274 -11.41 14.14 2.75
C LYS C 274 -12.36 13.28 1.93
N ILE C 275 -13.66 13.58 2.01
CA ILE C 275 -14.67 12.91 1.20
C ILE C 275 -15.47 13.99 0.46
N PRO C 276 -15.59 13.91 -0.85
CA PRO C 276 -16.11 15.04 -1.62
C PRO C 276 -17.63 15.16 -1.70
N TYR C 277 -18.39 14.50 -0.85
CA TYR C 277 -19.83 14.66 -0.86
C TYR C 277 -20.33 15.17 0.49
N VAL C 278 -21.57 15.66 0.48
CA VAL C 278 -22.11 16.42 1.61
C VAL C 278 -22.23 15.53 2.84
N LYS C 279 -21.90 16.11 4.00
CA LYS C 279 -22.03 15.47 5.29
C LYS C 279 -23.08 16.21 6.12
N ALA C 280 -23.22 15.80 7.38
CA ALA C 280 -24.09 16.50 8.32
C ALA C 280 -23.36 17.60 9.07
N ILE C 281 -22.10 17.35 9.45
CA ILE C 281 -21.33 18.36 10.18
C ILE C 281 -21.15 19.62 9.34
N ASP C 282 -21.06 19.48 8.01
CA ASP C 282 -20.95 20.65 7.16
C ASP C 282 -22.25 21.46 7.16
N MET C 283 -23.40 20.78 7.12
CA MET C 283 -24.66 21.50 7.21
C MET C 283 -24.79 22.21 8.55
N TYR C 284 -24.30 21.58 9.62
CA TYR C 284 -24.34 22.19 10.94
C TYR C 284 -23.49 23.46 10.99
N LEU C 285 -22.26 23.36 10.47
CA LEU C 285 -21.38 24.53 10.45
C LEU C 285 -21.96 25.65 9.60
N MET C 286 -22.56 25.31 8.45
CA MET C 286 -23.18 26.33 7.62
C MET C 286 -24.36 26.97 8.33
N GLY C 287 -25.11 26.18 9.11
CA GLY C 287 -26.18 26.75 9.90
C GLY C 287 -25.68 27.78 10.88
N CYS C 288 -24.60 27.45 11.60
CA CYS C 288 -24.05 28.41 12.56
C CYS C 288 -23.55 29.66 11.85
N PHE C 289 -22.94 29.49 10.67
CA PHE C 289 -22.50 30.64 9.88
C PHE C 289 -23.68 31.53 9.52
N VAL C 290 -24.80 30.92 9.14
CA VAL C 290 -25.99 31.70 8.82
C VAL C 290 -26.50 32.44 10.05
N PHE C 291 -26.44 31.79 11.22
CA PHE C 291 -26.87 32.47 12.44
C PHE C 291 -26.07 33.74 12.70
N VAL C 292 -24.74 33.62 12.67
CA VAL C 292 -23.93 34.80 13.00
C VAL C 292 -24.10 35.88 11.93
N PHE C 293 -24.25 35.49 10.67
CA PHE C 293 -24.45 36.47 9.62
C PHE C 293 -25.77 37.21 9.79
N MET C 294 -26.83 36.47 10.15
CA MET C 294 -28.11 37.12 10.41
C MET C 294 -28.03 38.07 11.59
N ALA C 295 -27.29 37.68 12.64
CA ALA C 295 -27.12 38.57 13.79
C ALA C 295 -26.44 39.87 13.38
N LEU C 296 -25.40 39.78 12.56
CA LEU C 296 -24.69 40.99 12.15
C LEU C 296 -25.57 41.87 11.26
N LEU C 297 -26.33 41.27 10.34
CA LEU C 297 -27.26 42.06 9.55
C LEU C 297 -28.32 42.73 10.42
N GLU C 298 -28.81 42.02 11.43
CA GLU C 298 -29.78 42.58 12.36
C GLU C 298 -29.22 43.81 13.05
N TYR C 299 -27.98 43.73 13.51
CA TYR C 299 -27.40 44.90 14.17
C TYR C 299 -27.18 46.04 13.19
N ALA C 300 -26.81 45.73 11.94
CA ALA C 300 -26.67 46.80 10.95
C ALA C 300 -28.00 47.53 10.75
N LEU C 301 -29.09 46.76 10.64
CA LEU C 301 -30.41 47.37 10.51
C LEU C 301 -30.74 48.25 11.70
N VAL C 302 -30.48 47.74 12.91
CA VAL C 302 -30.78 48.50 14.12
C VAL C 302 -29.98 49.79 14.15
N ASN C 303 -28.70 49.74 13.76
CA ASN C 303 -27.86 50.93 13.78
C ASN C 303 -28.32 51.94 12.74
N TYR C 304 -28.87 51.48 11.61
CA TYR C 304 -29.32 52.45 10.61
C TYR C 304 -30.65 53.08 10.99
N ILE C 305 -31.59 52.29 11.51
CA ILE C 305 -32.94 52.81 11.73
C ILE C 305 -33.09 53.57 13.05
N PHE C 306 -32.08 53.53 13.92
CA PHE C 306 -32.25 54.09 15.25
C PHE C 306 -32.44 55.60 15.23
N PHE C 307 -31.68 56.30 14.39
CA PHE C 307 -31.66 57.76 14.45
C PHE C 307 -33.02 58.36 14.15
N SER C 308 -33.87 57.66 13.40
CA SER C 308 -35.21 58.17 13.11
C SER C 308 -36.17 57.87 14.25
N GLN C 309 -36.09 56.68 14.84
CA GLN C 309 -37.00 56.27 15.90
C GLN C 309 -36.27 55.41 16.94
N PRO C 310 -36.21 55.84 18.20
CA PRO C 310 -35.45 55.07 19.20
C PRO C 310 -36.23 53.90 19.78
N ALA C 311 -37.56 54.02 19.84
CA ALA C 311 -38.36 52.97 20.43
C ALA C 311 -38.35 51.69 19.60
N ARG C 312 -38.24 51.83 18.28
CA ARG C 312 -38.14 50.65 17.42
C ARG C 312 -36.94 49.79 17.81
N ALA C 313 -35.76 50.41 17.92
CA ALA C 313 -34.57 49.66 18.28
C ALA C 313 -34.63 49.20 19.74
N ALA C 314 -35.17 50.04 20.63
CA ALA C 314 -35.26 49.65 22.03
C ALA C 314 -36.18 48.45 22.22
N ALA C 315 -37.14 48.26 21.32
CA ALA C 315 -37.95 47.05 21.35
C ALA C 315 -37.21 45.89 20.70
N ILE C 316 -36.62 46.13 19.52
CA ILE C 316 -35.97 45.05 18.78
C ILE C 316 -34.85 44.41 19.57
N ASP C 317 -34.11 45.19 20.36
CA ASP C 317 -33.06 44.59 21.18
C ASP C 317 -33.62 43.56 22.15
N ARG C 318 -34.65 43.95 22.91
CA ARG C 318 -35.21 43.05 23.91
C ARG C 318 -35.97 41.89 23.29
N TRP C 319 -36.49 42.04 22.07
CA TRP C 319 -37.12 40.90 21.41
C TRP C 319 -36.09 39.94 20.84
N SER C 320 -35.00 40.47 20.27
CA SER C 320 -33.98 39.59 19.70
C SER C 320 -33.25 38.81 20.79
N ARG C 321 -32.96 39.46 21.92
CA ARG C 321 -32.28 38.78 23.02
C ARG C 321 -32.98 37.48 23.41
N ILE C 322 -34.30 37.42 23.26
CA ILE C 322 -35.05 36.22 23.63
C ILE C 322 -35.46 35.38 22.43
N PHE C 323 -35.43 35.94 21.22
CA PHE C 323 -35.79 35.15 20.05
C PHE C 323 -34.62 34.39 19.43
N PHE C 324 -33.40 34.91 19.50
CA PHE C 324 -32.27 34.15 18.97
C PHE C 324 -32.07 32.82 19.70
N PRO C 325 -31.91 32.79 21.02
CA PRO C 325 -31.68 31.49 21.68
C PRO C 325 -32.80 30.50 21.48
N VAL C 326 -34.06 30.96 21.39
CA VAL C 326 -35.18 30.04 21.19
C VAL C 326 -35.06 29.35 19.84
N VAL C 327 -34.85 30.12 18.77
CA VAL C 327 -34.74 29.54 17.45
C VAL C 327 -33.51 28.63 17.37
N PHE C 328 -32.42 29.03 18.03
CA PHE C 328 -31.21 28.21 18.00
C PHE C 328 -31.44 26.87 18.68
N SER C 329 -32.06 26.89 19.86
CA SER C 329 -32.32 25.64 20.57
C SER C 329 -33.33 24.78 19.82
N PHE C 330 -34.33 25.39 19.18
CA PHE C 330 -35.28 24.62 18.39
C PHE C 330 -34.60 23.93 17.22
N PHE C 331 -33.74 24.68 16.51
CA PHE C 331 -32.99 24.09 15.41
C PHE C 331 -32.12 22.93 15.88
N ASN C 332 -31.43 23.11 17.01
CA ASN C 332 -30.58 22.03 17.52
C ASN C 332 -31.40 20.83 17.96
N ILE C 333 -32.57 21.06 18.56
CA ILE C 333 -33.42 19.93 18.96
C ILE C 333 -33.85 19.14 17.73
N VAL C 334 -34.26 19.84 16.67
CA VAL C 334 -34.64 19.14 15.44
C VAL C 334 -33.45 18.36 14.88
N TYR C 335 -32.28 18.99 14.87
CA TYR C 335 -31.10 18.35 14.31
C TYR C 335 -30.75 17.08 15.07
N TRP C 336 -30.68 17.16 16.40
CA TRP C 336 -30.28 16.02 17.21
C TRP C 336 -31.40 15.00 17.40
N LEU C 337 -32.65 15.35 17.08
CA LEU C 337 -33.68 14.32 16.99
C LEU C 337 -33.58 13.56 15.67
N TYR C 338 -33.21 14.25 14.58
CA TYR C 338 -33.20 13.58 13.29
C TYR C 338 -31.90 12.85 12.98
N TYR C 339 -30.75 13.30 13.50
CA TYR C 339 -29.47 12.66 13.23
C TYR C 339 -28.86 11.97 14.45
N VAL C 340 -29.68 11.34 15.28
CA VAL C 340 -29.16 10.52 16.37
C VAL C 340 -29.90 9.19 16.44
N ASP D 10 -15.14 -45.86 -12.86
CA ASP D 10 -14.62 -45.72 -14.22
C ASP D 10 -15.45 -44.71 -15.02
N ASN D 11 -16.37 -44.02 -14.33
CA ASN D 11 -17.22 -43.04 -15.00
C ASN D 11 -16.43 -41.84 -15.51
N THR D 12 -15.21 -41.63 -15.02
CA THR D 12 -14.36 -40.56 -15.51
C THR D 12 -13.38 -41.01 -16.59
N THR D 13 -13.21 -42.32 -16.77
CA THR D 13 -12.23 -42.80 -17.74
C THR D 13 -12.65 -42.44 -19.16
N VAL D 14 -13.94 -42.50 -19.46
CA VAL D 14 -14.41 -42.12 -20.79
C VAL D 14 -14.08 -40.67 -21.09
N PHE D 15 -14.30 -39.79 -20.11
CA PHE D 15 -14.01 -38.38 -20.34
C PHE D 15 -12.52 -38.13 -20.44
N THR D 16 -11.72 -38.83 -19.64
CA THR D 16 -10.27 -38.64 -19.73
C THR D 16 -9.74 -39.12 -21.08
N ARG D 17 -10.27 -40.24 -21.59
CA ARG D 17 -9.87 -40.69 -22.92
C ARG D 17 -10.29 -39.69 -23.99
N ILE D 18 -11.53 -39.19 -23.90
CA ILE D 18 -11.98 -38.17 -24.85
C ILE D 18 -11.04 -36.97 -24.84
N LEU D 19 -10.66 -36.51 -23.64
CA LEU D 19 -9.86 -35.30 -23.55
C LEU D 19 -8.44 -35.53 -24.04
N ASP D 20 -7.85 -36.67 -23.70
CA ASP D 20 -6.50 -36.98 -24.16
C ASP D 20 -6.46 -37.15 -25.67
N ARG D 21 -7.51 -37.73 -26.26
CA ARG D 21 -7.59 -37.78 -27.71
C ARG D 21 -7.79 -36.39 -28.30
N LEU D 22 -8.49 -35.52 -27.58
CA LEU D 22 -8.71 -34.16 -28.05
C LEU D 22 -7.40 -33.38 -28.12
N LEU D 23 -6.54 -33.51 -27.11
CA LEU D 23 -5.26 -32.81 -27.10
C LEU D 23 -4.16 -33.55 -27.85
N ASP D 24 -4.48 -34.63 -28.57
CA ASP D 24 -3.46 -35.38 -29.28
C ASP D 24 -2.99 -34.58 -30.50
N GLY D 25 -1.77 -34.09 -30.44
CA GLY D 25 -1.20 -33.35 -31.55
C GLY D 25 -1.87 -32.02 -31.81
N TYR D 26 -2.06 -31.24 -30.76
CA TYR D 26 -2.63 -29.90 -30.88
C TYR D 26 -1.51 -28.88 -30.73
N ASP D 27 -1.38 -27.99 -31.71
CA ASP D 27 -0.27 -27.06 -31.78
C ASP D 27 -0.79 -25.68 -31.40
N ASN D 28 -0.47 -25.23 -30.19
CA ASN D 28 -1.05 -24.00 -29.66
C ASN D 28 -0.47 -22.75 -30.28
N ARG D 29 0.64 -22.86 -31.01
CA ARG D 29 1.23 -21.68 -31.61
C ARG D 29 0.47 -21.21 -32.85
N LEU D 30 -0.37 -22.06 -33.42
CA LEU D 30 -1.11 -21.75 -34.63
C LEU D 30 -2.57 -21.47 -34.29
N ARG D 31 -3.05 -20.30 -34.69
CA ARG D 31 -4.44 -19.97 -34.49
C ARG D 31 -5.33 -20.89 -35.32
N PRO D 32 -6.59 -21.06 -34.93
CA PRO D 32 -7.48 -21.97 -35.68
C PRO D 32 -7.75 -21.42 -37.06
N GLY D 33 -7.62 -22.29 -38.07
CA GLY D 33 -7.82 -21.88 -39.44
C GLY D 33 -6.74 -20.93 -39.91
N LEU D 34 -5.50 -21.43 -40.01
CA LEU D 34 -4.39 -20.58 -40.41
C LEU D 34 -4.51 -20.17 -41.87
N GLY D 35 -4.57 -21.16 -42.78
CA GLY D 35 -4.74 -20.86 -44.19
C GLY D 35 -6.16 -20.59 -44.62
N GLU D 36 -7.12 -20.89 -43.76
CA GLU D 36 -8.54 -20.71 -44.06
C GLU D 36 -8.98 -19.32 -43.60
N ARG D 37 -10.28 -19.10 -43.48
CA ARG D 37 -10.85 -17.83 -43.06
C ARG D 37 -10.26 -17.30 -41.77
N VAL D 38 -10.39 -15.99 -41.55
CA VAL D 38 -9.82 -15.34 -40.37
C VAL D 38 -10.55 -15.82 -39.12
N THR D 39 -9.84 -15.76 -37.99
CA THR D 39 -10.47 -16.06 -36.70
C THR D 39 -11.26 -14.85 -36.24
N GLU D 40 -12.49 -15.09 -35.77
CA GLU D 40 -13.41 -14.00 -35.42
C GLU D 40 -13.74 -14.10 -33.94
N VAL D 41 -12.92 -13.46 -33.12
CA VAL D 41 -13.16 -13.42 -31.68
C VAL D 41 -14.38 -12.55 -31.39
N LYS D 42 -15.19 -12.98 -30.43
CA LYS D 42 -16.34 -12.21 -29.96
C LYS D 42 -16.09 -11.77 -28.53
N THR D 43 -16.33 -10.50 -28.24
CA THR D 43 -16.00 -9.92 -26.95
C THR D 43 -17.26 -9.43 -26.25
N ASP D 44 -17.21 -9.42 -24.92
CA ASP D 44 -18.29 -8.89 -24.11
C ASP D 44 -17.74 -8.56 -22.74
N ILE D 45 -18.14 -7.41 -22.20
CA ILE D 45 -17.69 -6.96 -20.89
C ILE D 45 -18.89 -6.89 -19.97
N PHE D 46 -18.67 -7.28 -18.71
CA PHE D 46 -19.67 -7.13 -17.65
C PHE D 46 -18.98 -6.43 -16.48
N VAL D 47 -19.00 -5.09 -16.50
CA VAL D 47 -18.34 -4.30 -15.48
C VAL D 47 -18.99 -4.56 -14.12
N THR D 48 -18.23 -5.18 -13.21
CA THR D 48 -18.79 -5.48 -11.89
C THR D 48 -18.90 -4.22 -11.04
N SER D 49 -17.84 -3.43 -10.98
CA SER D 49 -17.84 -2.23 -10.15
C SER D 49 -16.90 -1.20 -10.75
N PHE D 50 -17.36 0.04 -10.82
CA PHE D 50 -16.62 1.12 -11.46
C PHE D 50 -15.86 1.87 -10.35
N GLY D 51 -14.54 1.78 -10.38
CA GLY D 51 -13.73 2.21 -9.27
C GLY D 51 -13.61 3.72 -9.14
N PRO D 52 -12.72 4.16 -8.24
CA PRO D 52 -12.59 5.58 -7.93
C PRO D 52 -11.80 6.31 -9.01
N VAL D 53 -12.47 7.23 -9.70
CA VAL D 53 -11.78 8.08 -10.67
C VAL D 53 -10.91 9.09 -9.93
N SER D 54 -9.69 9.28 -10.43
CA SER D 54 -8.72 10.15 -9.79
C SER D 54 -8.43 11.34 -10.69
N ASP D 55 -8.45 12.54 -10.11
CA ASP D 55 -8.16 13.75 -10.88
C ASP D 55 -6.67 14.02 -10.98
N HIS D 56 -5.92 13.76 -9.89
CA HIS D 56 -4.49 14.05 -9.88
C HIS D 56 -3.76 13.22 -10.92
N ASP D 57 -3.82 11.90 -10.80
CA ASP D 57 -3.14 11.02 -11.75
C ASP D 57 -3.88 10.90 -13.07
N MET D 58 -5.16 11.24 -13.10
CA MET D 58 -6.01 11.07 -14.29
C MET D 58 -6.07 9.63 -14.75
N GLU D 59 -6.22 8.71 -13.80
CA GLU D 59 -6.50 7.31 -14.09
C GLU D 59 -7.81 6.94 -13.42
N TYR D 60 -8.48 5.93 -13.95
CA TYR D 60 -9.72 5.45 -13.36
C TYR D 60 -9.68 3.92 -13.30
N THR D 61 -9.97 3.37 -12.14
CA THR D 61 -9.98 1.94 -11.96
C THR D 61 -11.33 1.37 -12.36
N ILE D 62 -11.30 0.26 -13.09
CA ILE D 62 -12.52 -0.41 -13.53
C ILE D 62 -12.33 -1.91 -13.35
N ASP D 63 -13.40 -2.59 -12.95
CA ASP D 63 -13.41 -4.04 -12.84
C ASP D 63 -14.29 -4.63 -13.93
N VAL D 64 -13.83 -5.73 -14.54
CA VAL D 64 -14.50 -6.30 -15.69
C VAL D 64 -14.50 -7.82 -15.57
N PHE D 65 -15.39 -8.46 -16.32
CA PHE D 65 -15.45 -9.91 -16.45
C PHE D 65 -15.30 -10.00 -17.95
N PHE D 66 -14.07 -9.90 -18.43
CA PHE D 66 -13.80 -9.78 -19.85
C PHE D 66 -14.08 -11.11 -20.55
N ARG D 67 -15.23 -11.22 -21.20
CA ARG D 67 -15.60 -12.47 -21.86
C ARG D 67 -15.15 -12.56 -23.31
N GLN D 68 -14.83 -13.76 -23.75
CA GLN D 68 -14.41 -14.01 -25.12
C GLN D 68 -14.97 -15.32 -25.64
N SER D 69 -15.07 -15.44 -26.96
CA SER D 69 -15.64 -16.63 -27.57
C SER D 69 -15.23 -16.69 -29.02
N TRP D 70 -14.66 -17.82 -29.44
CA TRP D 70 -14.23 -17.99 -30.82
C TRP D 70 -14.41 -19.44 -31.23
N LYS D 71 -14.60 -19.65 -32.52
CA LYS D 71 -14.90 -20.98 -33.05
C LYS D 71 -13.61 -21.64 -33.51
N ASP D 72 -13.17 -22.65 -32.78
CA ASP D 72 -11.98 -23.42 -33.09
C ASP D 72 -12.40 -24.78 -33.60
N GLU D 73 -11.89 -25.15 -34.77
CA GLU D 73 -12.42 -26.32 -35.47
C GLU D 73 -11.83 -27.63 -34.97
N ARG D 74 -10.60 -27.60 -34.45
CA ARG D 74 -9.92 -28.84 -34.10
C ARG D 74 -10.40 -29.45 -32.79
N LEU D 75 -11.04 -28.67 -31.92
CA LEU D 75 -11.44 -29.14 -30.60
C LEU D 75 -12.81 -29.82 -30.60
N LYS D 76 -13.38 -30.09 -31.77
CA LYS D 76 -14.69 -30.74 -31.82
C LYS D 76 -14.59 -32.18 -31.34
N PHE D 77 -15.64 -32.65 -30.67
CA PHE D 77 -15.65 -34.00 -30.13
C PHE D 77 -17.08 -34.51 -30.09
N LYS D 78 -17.21 -35.84 -30.06
CA LYS D 78 -18.50 -36.51 -29.97
C LYS D 78 -18.55 -37.24 -28.63
N GLY D 79 -19.41 -36.78 -27.73
CA GLY D 79 -19.46 -37.32 -26.40
C GLY D 79 -20.83 -37.18 -25.76
N PRO D 80 -20.96 -37.69 -24.53
CA PRO D 80 -22.26 -37.68 -23.85
C PRO D 80 -22.63 -36.35 -23.22
N MET D 81 -21.65 -35.59 -22.74
CA MET D 81 -21.94 -34.40 -21.95
C MET D 81 -22.30 -33.20 -22.84
N THR D 82 -21.57 -33.02 -23.95
CA THR D 82 -21.82 -32.01 -24.97
C THR D 82 -21.45 -30.60 -24.53
N VAL D 83 -21.10 -30.43 -23.25
CA VAL D 83 -20.55 -29.18 -22.73
C VAL D 83 -19.52 -29.55 -21.68
N LEU D 84 -18.24 -29.36 -21.98
CA LEU D 84 -17.19 -29.64 -21.04
C LEU D 84 -16.89 -28.38 -20.24
N ARG D 85 -17.04 -28.46 -18.93
CA ARG D 85 -16.70 -27.35 -18.03
C ARG D 85 -15.30 -27.64 -17.47
N LEU D 86 -14.30 -27.43 -18.30
CA LEU D 86 -12.94 -27.77 -17.94
C LEU D 86 -12.40 -26.80 -16.88
N ASN D 87 -11.30 -27.20 -16.27
CA ASN D 87 -10.73 -26.51 -15.13
C ASN D 87 -10.00 -25.26 -15.61
N ASN D 88 -9.24 -24.63 -14.73
CA ASN D 88 -8.50 -23.42 -15.08
C ASN D 88 -7.16 -23.73 -15.73
N LEU D 89 -6.61 -24.92 -15.49
CA LEU D 89 -5.29 -25.26 -16.02
C LEU D 89 -5.35 -25.59 -17.51
N MET D 90 -6.50 -26.04 -17.99
CA MET D 90 -6.67 -26.37 -19.39
C MET D 90 -6.50 -25.15 -20.30
N ALA D 91 -6.75 -23.95 -19.78
CA ALA D 91 -6.77 -22.76 -20.62
C ALA D 91 -5.41 -22.43 -21.22
N SER D 92 -4.31 -22.93 -20.66
CA SER D 92 -3.00 -22.55 -21.15
C SER D 92 -2.56 -23.36 -22.36
N LYS D 93 -3.08 -24.58 -22.51
CA LYS D 93 -2.58 -25.47 -23.56
C LYS D 93 -3.19 -25.17 -24.93
N ILE D 94 -4.45 -24.71 -24.97
CA ILE D 94 -5.11 -24.36 -26.22
C ILE D 94 -4.71 -22.94 -26.63
N TRP D 95 -5.06 -22.55 -27.85
CA TRP D 95 -4.82 -21.18 -28.28
C TRP D 95 -5.69 -20.24 -27.47
N THR D 96 -5.12 -19.10 -27.09
CA THR D 96 -5.87 -18.05 -26.41
C THR D 96 -5.48 -16.70 -26.99
N PRO D 97 -6.41 -15.96 -27.58
CA PRO D 97 -6.04 -14.73 -28.28
C PRO D 97 -5.50 -13.69 -27.31
N ASP D 98 -4.45 -13.01 -27.73
CA ASP D 98 -3.82 -11.97 -26.92
C ASP D 98 -4.55 -10.66 -27.15
N THR D 99 -5.10 -10.11 -26.06
CA THR D 99 -5.94 -8.92 -26.11
C THR D 99 -5.45 -7.94 -25.05
N PHE D 100 -4.67 -6.95 -25.47
CA PHE D 100 -4.11 -5.96 -24.52
C PHE D 100 -4.97 -4.70 -24.54
N PHE D 101 -4.71 -3.76 -23.62
CA PHE D 101 -5.43 -2.51 -23.48
C PHE D 101 -4.52 -1.37 -23.90
N HIS D 102 -4.87 -0.72 -25.01
CA HIS D 102 -4.05 0.36 -25.64
C HIS D 102 -3.71 1.51 -24.68
N ASN D 103 -4.52 1.74 -23.65
CA ASN D 103 -4.29 2.85 -22.73
C ASN D 103 -4.54 2.42 -21.29
N GLY D 104 -3.96 1.30 -20.89
CA GLY D 104 -4.04 0.87 -19.50
C GLY D 104 -2.69 0.86 -18.84
N LYS D 105 -2.50 1.67 -17.79
CA LYS D 105 -1.17 1.81 -17.22
C LYS D 105 -0.73 0.55 -16.48
N LYS D 106 -1.45 0.18 -15.41
CA LYS D 106 -1.02 -0.95 -14.58
C LYS D 106 -2.23 -1.82 -14.25
N SER D 107 -2.50 -2.80 -15.10
CA SER D 107 -3.58 -3.72 -14.82
C SER D 107 -3.12 -4.83 -13.89
N VAL D 108 -4.06 -5.68 -13.50
CA VAL D 108 -3.77 -6.82 -12.64
C VAL D 108 -4.85 -7.86 -12.78
N ALA D 109 -4.46 -9.12 -12.96
CA ALA D 109 -5.39 -10.23 -13.03
C ALA D 109 -5.30 -11.01 -11.73
N HIS D 110 -6.44 -11.19 -11.07
CA HIS D 110 -6.44 -11.75 -9.73
C HIS D 110 -6.00 -13.21 -9.73
N ASN D 111 -5.41 -13.63 -8.63
CA ASN D 111 -4.97 -15.00 -8.43
C ASN D 111 -5.35 -15.44 -7.03
N MET D 112 -6.58 -15.16 -6.63
CA MET D 112 -6.96 -15.23 -5.23
C MET D 112 -6.78 -16.59 -4.59
N THR D 113 -7.56 -17.59 -5.04
CA THR D 113 -7.41 -18.94 -4.53
C THR D 113 -7.13 -19.95 -5.61
N MET D 114 -7.35 -19.61 -6.87
CA MET D 114 -7.02 -20.41 -8.04
C MET D 114 -7.27 -19.51 -9.23
N PRO D 115 -6.41 -19.52 -10.24
CA PRO D 115 -6.54 -18.54 -11.34
C PRO D 115 -7.97 -18.44 -11.85
N ASN D 116 -8.45 -17.20 -11.93
CA ASN D 116 -9.87 -16.93 -12.21
C ASN D 116 -10.09 -16.97 -13.72
N LYS D 117 -10.31 -18.17 -14.25
CA LYS D 117 -10.51 -18.36 -15.68
C LYS D 117 -11.35 -19.61 -15.88
N LEU D 118 -12.49 -19.46 -16.54
CA LEU D 118 -13.35 -20.61 -16.84
C LEU D 118 -13.23 -20.87 -18.33
N LEU D 119 -13.17 -22.14 -18.73
CA LEU D 119 -13.01 -22.53 -20.12
C LEU D 119 -14.08 -23.55 -20.46
N ARG D 120 -15.05 -23.16 -21.27
CA ARG D 120 -16.15 -24.03 -21.68
C ARG D 120 -15.97 -24.41 -23.13
N ILE D 121 -16.11 -25.71 -23.43
CA ILE D 121 -15.99 -26.21 -24.79
C ILE D 121 -17.31 -26.85 -25.16
N THR D 122 -18.01 -26.27 -26.12
CA THR D 122 -19.22 -26.90 -26.63
C THR D 122 -18.87 -28.00 -27.62
N GLU D 123 -19.88 -28.79 -27.98
CA GLU D 123 -19.64 -29.91 -28.89
C GLU D 123 -19.31 -29.42 -30.29
N ASP D 124 -19.93 -28.32 -30.72
CA ASP D 124 -19.66 -27.77 -32.04
C ASP D 124 -18.20 -27.37 -32.19
N GLY D 125 -17.59 -26.88 -31.12
CA GLY D 125 -16.25 -26.31 -31.16
C GLY D 125 -16.19 -24.88 -30.69
N THR D 126 -17.31 -24.28 -30.29
CA THR D 126 -17.31 -22.92 -29.78
C THR D 126 -16.78 -22.89 -28.36
N LEU D 127 -15.79 -22.04 -28.12
CA LEU D 127 -15.18 -21.89 -26.81
C LEU D 127 -15.74 -20.68 -26.08
N LEU D 128 -15.51 -20.66 -24.78
CA LEU D 128 -15.82 -19.52 -23.95
C LEU D 128 -14.67 -19.34 -22.97
N TYR D 129 -14.27 -18.09 -22.75
CA TYR D 129 -13.06 -17.81 -21.98
C TYR D 129 -13.23 -16.44 -21.35
N THR D 130 -13.13 -16.39 -20.03
CA THR D 130 -13.35 -15.17 -19.28
C THR D 130 -12.40 -14.99 -18.11
N MET D 131 -11.99 -13.76 -17.86
CA MET D 131 -11.09 -13.44 -16.77
C MET D 131 -11.79 -12.50 -15.82
N ARG D 132 -11.18 -12.26 -14.66
CA ARG D 132 -11.65 -11.21 -13.76
C ARG D 132 -10.48 -10.24 -13.59
N LEU D 133 -10.39 -9.28 -14.51
CA LEU D 133 -9.31 -8.30 -14.48
C LEU D 133 -9.64 -7.19 -13.49
N THR D 134 -8.66 -6.33 -13.26
CA THR D 134 -8.86 -5.07 -12.54
C THR D 134 -8.07 -4.03 -13.33
N VAL D 135 -8.75 -3.41 -14.28
CA VAL D 135 -8.09 -2.54 -15.24
C VAL D 135 -7.87 -1.16 -14.62
N ARG D 136 -6.76 -0.54 -14.98
CA ARG D 136 -6.42 0.80 -14.51
C ARG D 136 -6.03 1.62 -15.73
N ALA D 137 -7.02 2.19 -16.40
CA ALA D 137 -6.80 2.85 -17.68
C ALA D 137 -6.34 4.29 -17.46
N GLU D 138 -6.26 5.05 -18.54
CA GLU D 138 -5.89 6.45 -18.52
C GLU D 138 -6.85 7.22 -19.41
N CYS D 139 -7.43 8.30 -18.89
CA CYS D 139 -8.35 9.12 -19.67
C CYS D 139 -7.97 10.59 -19.52
N PRO D 140 -7.62 11.27 -20.60
CA PRO D 140 -7.34 12.70 -20.49
C PRO D 140 -8.59 13.48 -20.18
N MET D 141 -8.46 14.46 -19.28
CA MET D 141 -9.58 15.27 -18.85
C MET D 141 -9.41 16.71 -19.34
N HIS D 142 -10.53 17.40 -19.47
CA HIS D 142 -10.56 18.82 -19.81
C HIS D 142 -11.28 19.54 -18.68
N LEU D 143 -10.50 20.19 -17.81
CA LEU D 143 -11.05 20.87 -16.64
C LEU D 143 -11.42 22.31 -16.91
N GLU D 144 -11.71 22.65 -18.17
CA GLU D 144 -12.06 24.01 -18.52
C GLU D 144 -13.41 24.44 -17.95
N ASP D 145 -14.27 23.48 -17.60
CA ASP D 145 -15.58 23.77 -17.03
C ASP D 145 -15.68 23.34 -15.58
N PHE D 146 -14.55 23.28 -14.89
CA PHE D 146 -14.55 22.88 -13.49
C PHE D 146 -15.41 23.86 -12.68
N PRO D 147 -16.19 23.38 -11.71
CA PRO D 147 -16.42 21.96 -11.40
C PRO D 147 -17.69 21.44 -12.05
N MET D 148 -18.07 22.00 -13.19
CA MET D 148 -19.29 21.60 -13.88
C MET D 148 -19.00 20.76 -15.11
N ASP D 149 -17.79 20.24 -15.23
CA ASP D 149 -17.37 19.51 -16.42
C ASP D 149 -18.15 18.22 -16.57
N ALA D 150 -18.31 17.79 -17.83
CA ALA D 150 -18.91 16.50 -18.16
C ALA D 150 -18.00 15.84 -19.20
N HIS D 151 -16.98 15.15 -18.72
CA HIS D 151 -15.98 14.53 -19.58
C HIS D 151 -16.18 13.02 -19.64
N ALA D 152 -15.61 12.41 -20.68
CA ALA D 152 -15.82 11.00 -21.00
C ALA D 152 -14.48 10.28 -21.03
N CYS D 153 -14.34 9.22 -20.23
CA CYS D 153 -13.10 8.46 -20.18
C CYS D 153 -13.19 7.24 -21.09
N PRO D 154 -12.23 7.04 -21.99
CA PRO D 154 -12.31 5.92 -22.93
C PRO D 154 -11.69 4.63 -22.40
N LEU D 155 -11.79 3.57 -23.21
CA LEU D 155 -11.16 2.29 -22.91
C LEU D 155 -11.03 1.55 -24.24
N LYS D 156 -9.80 1.39 -24.73
CA LYS D 156 -9.57 0.79 -26.04
C LYS D 156 -8.81 -0.51 -25.88
N PHE D 157 -9.37 -1.60 -26.40
CA PHE D 157 -8.71 -2.90 -26.38
C PHE D 157 -8.74 -3.49 -27.77
N GLY D 158 -7.59 -3.93 -28.26
CA GLY D 158 -7.48 -4.51 -29.57
C GLY D 158 -6.55 -5.69 -29.57
N SER D 159 -6.52 -6.40 -30.69
CA SER D 159 -5.66 -7.59 -30.77
C SER D 159 -4.21 -7.15 -30.95
N TYR D 160 -3.29 -8.00 -30.54
CA TYR D 160 -1.84 -7.70 -30.67
C TYR D 160 -1.22 -8.79 -31.55
N ALA D 161 -0.11 -8.47 -32.19
CA ALA D 161 0.69 -9.43 -32.94
C ALA D 161 -0.09 -10.11 -34.07
N TYR D 162 -1.36 -9.78 -34.24
CA TYR D 162 -2.15 -10.27 -35.37
C TYR D 162 -2.79 -9.09 -36.08
N THR D 163 -2.50 -8.94 -37.37
CA THR D 163 -3.07 -7.84 -38.13
C THR D 163 -4.56 -8.06 -38.36
N ARG D 164 -5.17 -7.14 -39.11
CA ARG D 164 -6.60 -7.25 -39.38
C ARG D 164 -6.92 -8.40 -40.32
N ALA D 165 -5.95 -8.88 -41.08
CA ALA D 165 -6.17 -10.01 -41.97
C ALA D 165 -6.16 -11.35 -41.24
N GLU D 166 -6.06 -11.36 -39.93
CA GLU D 166 -6.00 -12.62 -39.21
C GLU D 166 -6.96 -12.74 -38.05
N VAL D 167 -7.23 -11.64 -37.34
CA VAL D 167 -8.15 -11.66 -36.20
C VAL D 167 -9.02 -10.41 -36.25
N VAL D 168 -10.33 -10.60 -36.16
CA VAL D 168 -11.29 -9.51 -36.21
C VAL D 168 -12.20 -9.62 -34.99
N TYR D 169 -12.33 -8.53 -34.25
CA TYR D 169 -13.19 -8.49 -33.07
C TYR D 169 -14.58 -8.01 -33.44
N GLU D 170 -15.60 -8.66 -32.87
CA GLU D 170 -16.98 -8.23 -33.01
C GLU D 170 -17.67 -8.41 -31.67
N TRP D 171 -18.53 -7.46 -31.32
CA TRP D 171 -19.22 -7.52 -30.04
C TRP D 171 -20.18 -8.71 -30.03
N THR D 172 -20.25 -9.38 -28.87
CA THR D 172 -20.98 -10.64 -28.79
C THR D 172 -22.46 -10.45 -29.08
N ARG D 173 -23.07 -9.47 -28.45
CA ARG D 173 -24.46 -9.13 -28.69
C ARG D 173 -24.53 -7.82 -29.47
N GLU D 174 -25.74 -7.33 -29.70
CA GLU D 174 -25.86 -6.06 -30.39
C GLU D 174 -25.19 -4.96 -29.55
N PRO D 175 -24.45 -4.04 -30.19
CA PRO D 175 -23.50 -3.21 -29.44
C PRO D 175 -24.11 -2.39 -28.31
N ALA D 176 -25.39 -2.06 -28.38
CA ALA D 176 -25.98 -1.27 -27.32
C ALA D 176 -25.98 -2.04 -26.00
N ARG D 177 -26.20 -3.35 -26.05
CA ARG D 177 -26.39 -4.17 -24.88
C ARG D 177 -25.19 -5.07 -24.59
N SER D 178 -23.98 -4.64 -24.98
CA SER D 178 -22.80 -5.45 -24.70
C SER D 178 -22.10 -5.03 -23.42
N VAL D 179 -21.64 -3.78 -23.34
CA VAL D 179 -20.93 -3.32 -22.15
C VAL D 179 -21.97 -3.00 -21.09
N VAL D 180 -22.12 -3.90 -20.11
CA VAL D 180 -23.14 -3.78 -19.08
C VAL D 180 -22.48 -3.40 -17.77
N VAL D 181 -23.08 -2.45 -17.06
CA VAL D 181 -22.63 -2.05 -15.74
C VAL D 181 -23.61 -2.58 -14.71
N ALA D 182 -23.08 -3.00 -13.56
CA ALA D 182 -23.92 -3.59 -12.53
C ALA D 182 -24.81 -2.54 -11.89
N GLU D 183 -25.87 -3.00 -11.23
CA GLU D 183 -26.84 -2.08 -10.64
C GLU D 183 -26.22 -1.26 -9.51
N ASP D 184 -25.78 -1.95 -8.45
CA ASP D 184 -25.23 -1.30 -7.28
C ASP D 184 -23.71 -1.39 -7.22
N GLY D 185 -23.05 -1.54 -8.37
CA GLY D 185 -21.61 -1.65 -8.37
C GLY D 185 -20.83 -0.37 -8.39
N SER D 186 -21.51 0.77 -8.58
CA SER D 186 -20.82 2.05 -8.72
C SER D 186 -20.31 2.51 -7.36
N ARG D 187 -19.15 1.99 -6.97
CA ARG D 187 -18.48 2.46 -5.76
C ARG D 187 -17.71 3.75 -6.09
N LEU D 188 -18.48 4.77 -6.46
CA LEU D 188 -17.96 6.04 -6.92
C LEU D 188 -18.65 7.16 -6.16
N ASN D 189 -17.89 8.13 -5.69
CA ASN D 189 -18.40 9.16 -4.79
C ASN D 189 -18.52 10.54 -5.42
N GLN D 190 -17.50 11.00 -6.13
CA GLN D 190 -17.55 12.35 -6.69
C GLN D 190 -18.53 12.44 -7.85
N TYR D 191 -18.27 11.67 -8.90
CA TYR D 191 -18.97 11.79 -10.17
C TYR D 191 -20.29 11.02 -10.13
N ASP D 192 -20.98 11.00 -11.26
CA ASP D 192 -22.17 10.20 -11.45
C ASP D 192 -22.09 9.54 -12.81
N LEU D 193 -22.42 8.25 -12.87
CA LEU D 193 -22.34 7.51 -14.12
C LEU D 193 -23.61 7.72 -14.95
N LEU D 194 -23.44 7.75 -16.26
CA LEU D 194 -24.55 8.02 -17.18
C LEU D 194 -24.86 6.84 -18.09
N GLY D 195 -23.90 6.33 -18.83
CA GLY D 195 -24.18 5.28 -19.77
C GLY D 195 -22.93 4.75 -20.41
N GLN D 196 -23.09 4.09 -21.56
CA GLN D 196 -21.97 3.53 -22.28
C GLN D 196 -22.10 3.84 -23.76
N THR D 197 -20.98 3.83 -24.45
CA THR D 197 -20.92 4.08 -25.88
C THR D 197 -19.82 3.24 -26.47
N VAL D 198 -20.15 2.45 -27.49
CA VAL D 198 -19.20 1.53 -28.09
C VAL D 198 -19.08 1.83 -29.57
N ASP D 199 -17.90 1.59 -30.12
CA ASP D 199 -17.60 1.99 -31.50
C ASP D 199 -16.42 1.20 -32.02
N SER D 200 -16.65 0.37 -33.03
CA SER D 200 -15.56 -0.34 -33.66
C SER D 200 -14.64 0.64 -34.38
N GLY D 201 -13.54 0.13 -34.91
CA GLY D 201 -12.62 1.01 -35.61
C GLY D 201 -11.48 0.23 -36.22
N ILE D 202 -10.58 0.97 -36.85
CA ILE D 202 -9.35 0.43 -37.43
C ILE D 202 -8.23 1.43 -37.22
N VAL D 203 -7.10 0.96 -36.68
CA VAL D 203 -5.95 1.86 -36.37
C VAL D 203 -4.71 1.37 -37.13
N GLN D 204 -4.28 2.15 -38.13
CA GLN D 204 -3.13 1.83 -38.96
C GLN D 204 -1.86 2.29 -38.27
N SER D 205 -0.81 1.46 -38.33
CA SER D 205 0.47 1.78 -37.67
C SER D 205 1.64 1.35 -38.56
N SER D 206 2.87 1.43 -38.03
CA SER D 206 4.08 1.07 -38.79
C SER D 206 4.05 -0.41 -39.18
N THR D 207 3.59 -1.28 -38.28
CA THR D 207 3.53 -2.74 -38.57
C THR D 207 2.41 -3.04 -39.58
N GLY D 208 1.17 -2.66 -39.27
CA GLY D 208 0.08 -2.93 -40.18
C GLY D 208 -1.21 -2.31 -39.67
N GLU D 209 -2.32 -2.81 -40.19
CA GLU D 209 -3.64 -2.36 -39.79
C GLU D 209 -4.21 -3.31 -38.75
N TYR D 210 -4.48 -2.79 -37.56
CA TYR D 210 -5.01 -3.61 -36.44
C TYR D 210 -6.43 -3.17 -36.08
N VAL D 211 -7.28 -4.12 -35.73
CA VAL D 211 -8.66 -3.83 -35.35
C VAL D 211 -8.66 -3.38 -33.90
N VAL D 212 -9.54 -2.44 -33.57
CA VAL D 212 -9.53 -1.87 -32.20
C VAL D 212 -10.93 -1.51 -31.71
N MET D 213 -11.47 -2.28 -30.76
CA MET D 213 -12.75 -1.96 -30.14
C MET D 213 -12.58 -0.75 -29.22
N THR D 214 -13.66 -0.03 -29.01
CA THR D 214 -13.64 1.18 -28.19
C THR D 214 -14.86 1.22 -27.30
N THR D 215 -14.67 1.74 -26.09
CA THR D 215 -15.77 1.94 -25.16
C THR D 215 -15.60 3.29 -24.48
N HIS D 216 -16.68 4.07 -24.42
CA HIS D 216 -16.68 5.37 -23.76
C HIS D 216 -17.63 5.33 -22.58
N PHE D 217 -17.11 5.64 -21.40
CA PHE D 217 -17.93 5.81 -20.21
C PHE D 217 -18.08 7.31 -19.96
N HIS D 218 -19.32 7.75 -19.75
CA HIS D 218 -19.60 9.17 -19.56
C HIS D 218 -19.67 9.48 -18.07
N LEU D 219 -19.22 10.69 -17.71
CA LEU D 219 -19.15 11.10 -16.31
C LEU D 219 -19.55 12.56 -16.21
N LYS D 220 -20.22 12.90 -15.10
CA LYS D 220 -20.63 14.28 -14.83
C LYS D 220 -20.40 14.57 -13.35
N ARG D 221 -19.62 15.60 -13.07
CA ARG D 221 -19.26 15.90 -11.69
C ARG D 221 -20.45 16.44 -10.92
N LYS D 222 -20.54 16.08 -9.64
CA LYS D 222 -21.58 16.60 -8.77
C LYS D 222 -21.13 17.90 -8.12
N ILE D 223 -22.04 18.87 -8.07
CA ILE D 223 -21.71 20.22 -7.61
C ILE D 223 -22.26 20.50 -6.22
N GLY D 224 -23.08 19.60 -5.66
CA GLY D 224 -23.73 19.88 -4.39
C GLY D 224 -22.75 20.16 -3.27
N TYR D 225 -21.61 19.48 -3.27
CA TYR D 225 -20.61 19.72 -2.23
C TYR D 225 -19.97 21.10 -2.39
N PHE D 226 -19.58 21.44 -3.61
CA PHE D 226 -18.90 22.71 -3.83
C PHE D 226 -19.83 23.90 -3.65
N VAL D 227 -21.15 23.68 -3.73
CA VAL D 227 -22.08 24.78 -3.47
C VAL D 227 -21.98 25.21 -2.01
N ILE D 228 -22.08 24.26 -1.07
CA ILE D 228 -21.93 24.60 0.34
C ILE D 228 -20.49 24.70 0.78
N GLN D 229 -19.53 24.47 -0.13
CA GLN D 229 -18.12 24.56 0.23
C GLN D 229 -17.54 25.95 -0.05
N THR D 230 -17.63 26.43 -1.29
CA THR D 230 -16.96 27.65 -1.67
C THR D 230 -17.89 28.75 -2.18
N TYR D 231 -18.81 28.42 -3.08
CA TYR D 231 -19.61 29.46 -3.73
C TYR D 231 -20.47 30.23 -2.73
N LEU D 232 -21.13 29.52 -1.83
CA LEU D 232 -22.04 30.17 -0.91
C LEU D 232 -21.30 31.02 0.12
N PRO D 233 -20.13 30.59 0.64
CA PRO D 233 -19.34 31.53 1.45
C PRO D 233 -18.90 32.76 0.69
N CYS D 234 -18.51 32.62 -0.58
CA CYS D 234 -18.24 33.80 -1.40
C CYS D 234 -19.43 34.75 -1.44
N ILE D 235 -20.61 34.22 -1.75
CA ILE D 235 -21.78 35.09 -1.88
C ILE D 235 -22.09 35.76 -0.55
N MET D 236 -21.98 35.02 0.55
CA MET D 236 -22.20 35.61 1.86
C MET D 236 -21.17 36.70 2.16
N THR D 237 -19.91 36.47 1.80
CA THR D 237 -18.88 37.47 2.08
C THR D 237 -19.10 38.73 1.25
N VAL D 238 -19.50 38.59 0.00
CA VAL D 238 -19.77 39.77 -0.82
C VAL D 238 -20.97 40.54 -0.27
N ILE D 239 -22.04 39.84 0.08
CA ILE D 239 -23.20 40.52 0.66
C ILE D 239 -22.80 41.22 1.95
N LEU D 240 -21.92 40.61 2.75
CA LEU D 240 -21.48 41.24 3.98
C LEU D 240 -20.64 42.47 3.69
N SER D 241 -19.79 42.42 2.68
CA SER D 241 -18.96 43.57 2.35
C SER D 241 -19.79 44.72 1.80
N GLN D 242 -20.93 44.42 1.17
CA GLN D 242 -21.82 45.49 0.76
C GLN D 242 -22.61 46.11 1.91
N VAL D 243 -22.50 45.56 3.13
CA VAL D 243 -23.23 46.13 4.25
C VAL D 243 -22.62 47.46 4.69
N SER D 244 -21.33 47.69 4.42
CA SER D 244 -20.64 48.86 4.95
C SER D 244 -21.33 50.16 4.57
N PHE D 245 -22.01 50.19 3.43
CA PHE D 245 -22.60 51.44 2.96
C PHE D 245 -23.69 51.95 3.89
N TRP D 246 -24.33 51.05 4.63
CA TRP D 246 -25.39 51.44 5.55
C TRP D 246 -24.86 51.85 6.92
N LEU D 247 -23.56 51.75 7.15
CA LEU D 247 -22.98 52.25 8.39
C LEU D 247 -22.88 53.77 8.34
N ASN D 248 -22.64 54.36 9.51
CA ASN D 248 -22.55 55.81 9.61
C ASN D 248 -21.18 56.28 9.11
N ARG D 249 -21.20 57.39 8.37
CA ARG D 249 -19.98 57.90 7.75
C ARG D 249 -19.01 58.48 8.76
N GLU D 250 -19.48 58.81 9.98
CA GLU D 250 -18.61 59.43 10.97
C GLU D 250 -17.72 58.40 11.67
N SER D 251 -18.26 57.20 11.94
CA SER D 251 -17.50 56.15 12.61
C SER D 251 -16.51 55.56 11.61
N VAL D 252 -15.37 56.23 11.47
CA VAL D 252 -14.37 55.86 10.48
C VAL D 252 -13.70 54.53 10.82
N PRO D 253 -13.14 54.35 12.04
CA PRO D 253 -12.42 53.09 12.29
C PRO D 253 -13.28 51.86 12.14
N ALA D 254 -14.55 51.96 12.52
CA ALA D 254 -15.46 50.83 12.36
C ALA D 254 -15.56 50.41 10.90
N ARG D 255 -15.80 51.38 10.01
CA ARG D 255 -15.92 51.07 8.59
C ARG D 255 -14.60 50.55 8.03
N THR D 256 -13.47 51.08 8.49
CA THR D 256 -12.18 50.59 8.01
C THR D 256 -11.98 49.13 8.37
N VAL D 257 -12.19 48.78 9.65
CA VAL D 257 -12.05 47.38 10.06
C VAL D 257 -13.03 46.51 9.31
N PHE D 258 -14.26 46.99 9.12
CA PHE D 258 -15.28 46.21 8.42
C PHE D 258 -14.84 45.90 7.00
N GLY D 259 -14.27 46.89 6.31
CA GLY D 259 -13.82 46.66 4.95
C GLY D 259 -12.60 45.75 4.88
N VAL D 260 -11.68 45.88 5.82
CA VAL D 260 -10.46 45.07 5.78
C VAL D 260 -10.76 43.61 6.07
N THR D 261 -11.65 43.36 7.03
CA THR D 261 -11.88 41.97 7.43
C THR D 261 -12.58 41.18 6.34
N THR D 262 -13.36 41.85 5.47
CA THR D 262 -13.95 41.15 4.34
C THR D 262 -12.88 40.64 3.39
N VAL D 263 -11.86 41.47 3.12
CA VAL D 263 -10.74 41.03 2.30
C VAL D 263 -10.00 39.89 2.97
N LEU D 264 -9.85 39.96 4.29
CA LEU D 264 -9.20 38.88 5.02
C LEU D 264 -9.98 37.57 4.85
N THR D 265 -11.30 37.64 4.99
CA THR D 265 -12.14 36.46 4.78
C THR D 265 -12.01 35.93 3.37
N MET D 266 -12.01 36.82 2.38
CA MET D 266 -11.85 36.38 0.99
C MET D 266 -10.53 35.66 0.79
N THR D 267 -9.45 36.18 1.38
CA THR D 267 -8.15 35.53 1.24
C THR D 267 -8.18 34.14 1.87
N THR D 268 -8.71 34.02 3.08
CA THR D 268 -8.79 32.71 3.74
C THR D 268 -9.60 31.74 2.91
N LEU D 269 -10.77 32.17 2.43
CA LEU D 269 -11.66 31.30 1.68
C LEU D 269 -11.01 30.85 0.37
N SER D 270 -10.39 31.78 -0.35
CA SER D 270 -9.76 31.43 -1.62
C SER D 270 -8.61 30.47 -1.42
N ILE D 271 -7.80 30.69 -0.38
CA ILE D 271 -6.70 29.77 -0.11
C ILE D 271 -7.23 28.38 0.23
N SER D 272 -8.29 28.32 1.03
CA SER D 272 -8.84 27.02 1.40
C SER D 272 -9.44 26.31 0.19
N ALA D 273 -10.02 27.07 -0.74
CA ALA D 273 -10.71 26.44 -1.87
C ALA D 273 -9.74 26.02 -2.97
N ARG D 274 -8.75 26.85 -3.29
CA ARG D 274 -7.88 26.58 -4.42
C ARG D 274 -6.90 25.45 -4.17
N ASN D 275 -6.81 24.95 -2.93
CA ASN D 275 -5.86 23.88 -2.63
C ASN D 275 -6.30 22.56 -3.26
N SER D 276 -7.60 22.25 -3.22
CA SER D 276 -8.07 20.97 -3.73
C SER D 276 -8.05 20.91 -5.26
N LEU D 277 -8.00 22.05 -5.93
CA LEU D 277 -7.96 22.06 -7.39
C LEU D 277 -6.68 21.39 -7.88
N PRO D 278 -6.77 20.48 -8.85
CA PRO D 278 -5.55 19.88 -9.41
C PRO D 278 -4.81 20.86 -10.31
N LYS D 279 -3.51 20.63 -10.44
CA LYS D 279 -2.66 21.55 -11.19
C LYS D 279 -2.96 21.49 -12.68
N VAL D 280 -3.14 22.66 -13.29
CA VAL D 280 -3.37 22.79 -14.72
C VAL D 280 -2.62 24.01 -15.22
N ALA D 281 -2.43 24.07 -16.53
CA ALA D 281 -1.73 25.20 -17.14
C ALA D 281 -2.64 26.41 -17.27
N TYR D 282 -3.85 26.19 -17.79
CA TYR D 282 -4.80 27.27 -18.00
C TYR D 282 -5.54 27.59 -16.70
N ALA D 283 -6.58 28.41 -16.80
CA ALA D 283 -7.36 28.85 -15.64
C ALA D 283 -8.71 28.16 -15.64
N THR D 284 -9.06 27.55 -14.51
CA THR D 284 -10.31 26.82 -14.40
C THR D 284 -11.48 27.80 -14.33
N ALA D 285 -12.69 27.24 -14.45
CA ALA D 285 -13.89 28.07 -14.46
C ALA D 285 -14.27 28.59 -13.09
N MET D 286 -13.77 27.98 -12.01
CA MET D 286 -13.99 28.53 -10.69
C MET D 286 -13.08 29.71 -10.41
N ASP D 287 -11.92 29.76 -11.09
CA ASP D 287 -10.97 30.83 -10.85
C ASP D 287 -11.56 32.18 -11.22
N TRP D 288 -12.35 32.25 -12.30
CA TRP D 288 -12.95 33.52 -12.67
C TRP D 288 -13.94 33.99 -11.63
N PHE D 289 -14.78 33.08 -11.14
CA PHE D 289 -15.73 33.45 -10.10
C PHE D 289 -15.00 33.93 -8.84
N ILE D 290 -13.94 33.22 -8.44
CA ILE D 290 -13.21 33.62 -7.25
C ILE D 290 -12.54 34.97 -7.47
N ALA D 291 -12.02 35.22 -8.67
CA ALA D 291 -11.36 36.49 -8.95
C ALA D 291 -12.35 37.65 -8.88
N VAL D 292 -13.54 37.48 -9.45
CA VAL D 292 -14.51 38.57 -9.41
C VAL D 292 -15.02 38.77 -7.98
N CYS D 293 -15.33 37.68 -7.29
CA CYS D 293 -15.73 37.74 -5.89
C CYS D 293 -14.66 38.39 -5.03
N TYR D 294 -13.40 38.30 -5.46
CA TYR D 294 -12.27 38.87 -4.74
C TYR D 294 -11.98 40.31 -5.14
N ALA D 295 -12.43 40.72 -6.32
CA ALA D 295 -12.23 42.10 -6.78
C ALA D 295 -13.33 43.03 -6.31
N PHE D 296 -14.55 42.53 -6.12
CA PHE D 296 -15.62 43.41 -5.64
C PHE D 296 -15.33 43.98 -4.26
N VAL D 297 -14.66 43.22 -3.39
CA VAL D 297 -14.37 43.75 -2.06
C VAL D 297 -13.31 44.84 -2.13
N PHE D 298 -12.32 44.70 -3.01
CA PHE D 298 -11.39 45.79 -3.24
C PHE D 298 -12.09 47.01 -3.80
N SER D 299 -13.08 46.80 -4.70
CA SER D 299 -13.85 47.92 -5.22
C SER D 299 -14.55 48.67 -4.09
N ALA D 300 -15.21 47.93 -3.20
CA ALA D 300 -15.90 48.56 -2.08
C ALA D 300 -14.92 49.28 -1.16
N LEU D 301 -13.74 48.70 -0.96
CA LEU D 301 -12.75 49.32 -0.08
C LEU D 301 -12.25 50.64 -0.67
N ILE D 302 -11.90 50.65 -1.96
CA ILE D 302 -11.46 51.88 -2.60
C ILE D 302 -12.58 52.91 -2.64
N GLU D 303 -13.83 52.45 -2.77
CA GLU D 303 -14.96 53.36 -2.69
C GLU D 303 -15.01 54.04 -1.34
N PHE D 304 -14.91 53.26 -0.27
CA PHE D 304 -14.86 53.87 1.07
C PHE D 304 -13.69 54.84 1.19
N ALA D 305 -12.56 54.51 0.57
CA ALA D 305 -11.40 55.39 0.65
C ALA D 305 -11.68 56.74 0.01
N THR D 306 -12.22 56.73 -1.21
CA THR D 306 -12.49 57.99 -1.88
C THR D 306 -13.61 58.77 -1.18
N VAL D 307 -14.53 58.06 -0.52
CA VAL D 307 -15.54 58.76 0.27
C VAL D 307 -14.90 59.44 1.47
N ASN D 308 -13.99 58.74 2.15
CA ASN D 308 -13.28 59.34 3.28
C ASN D 308 -12.48 60.56 2.84
N TYR D 309 -11.96 60.54 1.62
CA TYR D 309 -11.23 61.71 1.13
C TYR D 309 -12.18 62.86 0.80
N PHE D 310 -13.27 62.56 0.08
CA PHE D 310 -14.17 63.61 -0.39
C PHE D 310 -15.04 64.21 0.71
N THR D 311 -15.27 63.49 1.82
CA THR D 311 -16.14 64.02 2.85
C THR D 311 -15.55 65.25 3.55
N LYS D 312 -14.27 65.53 3.35
CA LYS D 312 -13.66 66.70 3.98
C LYS D 312 -13.89 67.96 3.15
N SER D 313 -13.64 67.88 1.84
CA SER D 313 -13.78 69.06 0.99
C SER D 313 -15.24 69.38 0.70
N GLN D 314 -16.06 68.35 0.41
CA GLN D 314 -17.47 68.54 0.12
C GLN D 314 -18.28 67.54 0.93
N PRO D 315 -19.18 68.00 1.79
CA PRO D 315 -19.93 67.03 2.62
C PRO D 315 -20.99 66.26 1.83
N ALA D 316 -21.71 66.91 0.93
CA ALA D 316 -22.82 66.25 0.24
C ALA D 316 -22.34 65.28 -0.84
N ARG D 317 -21.14 65.46 -1.37
CA ARG D 317 -20.64 64.54 -2.39
C ARG D 317 -20.49 63.13 -1.84
N ALA D 318 -20.03 63.01 -0.60
CA ALA D 318 -19.91 61.68 0.01
C ALA D 318 -21.27 61.02 0.16
N ALA D 319 -22.27 61.78 0.60
CA ALA D 319 -23.61 61.22 0.74
C ALA D 319 -24.15 60.78 -0.62
N LYS D 320 -23.95 61.60 -1.66
CA LYS D 320 -24.40 61.22 -3.00
C LYS D 320 -23.71 59.95 -3.47
N ILE D 321 -22.40 59.85 -3.24
CA ILE D 321 -21.66 58.67 -3.69
C ILE D 321 -22.15 57.42 -2.97
N ASP D 322 -22.36 57.50 -1.65
CA ASP D 322 -22.83 56.33 -0.93
C ASP D 322 -24.25 55.95 -1.36
N ARG D 323 -25.11 56.94 -1.56
CA ARG D 323 -26.47 56.66 -1.99
C ARG D 323 -26.50 56.00 -3.36
N LEU D 324 -25.57 56.40 -4.24
CA LEU D 324 -25.49 55.75 -5.54
C LEU D 324 -24.94 54.33 -5.44
N SER D 325 -23.91 54.14 -4.60
CA SER D 325 -23.31 52.82 -4.48
C SER D 325 -24.28 51.81 -3.90
N ARG D 326 -25.07 52.22 -2.90
CA ARG D 326 -26.05 51.33 -2.28
C ARG D 326 -26.95 50.70 -3.32
N ILE D 327 -27.34 51.46 -4.35
CA ILE D 327 -28.22 50.94 -5.38
C ILE D 327 -27.43 50.29 -6.52
N ALA D 328 -26.18 50.70 -6.72
CA ALA D 328 -25.42 50.21 -7.87
C ALA D 328 -24.86 48.81 -7.62
N PHE D 329 -24.16 48.61 -6.50
CA PHE D 329 -23.38 47.38 -6.33
C PHE D 329 -24.23 46.12 -6.28
N PRO D 330 -25.29 46.03 -5.48
CA PRO D 330 -26.09 44.78 -5.47
C PRO D 330 -26.62 44.42 -6.84
N LEU D 331 -27.06 45.41 -7.62
CA LEU D 331 -27.58 45.13 -8.95
C LEU D 331 -26.52 44.52 -9.85
N LEU D 332 -25.31 45.11 -9.84
CA LEU D 332 -24.24 44.59 -10.69
C LEU D 332 -23.81 43.19 -10.25
N PHE D 333 -23.73 42.96 -8.94
CA PHE D 333 -23.35 41.63 -8.47
C PHE D 333 -24.40 40.59 -8.85
N GLY D 334 -25.67 40.94 -8.73
CA GLY D 334 -26.73 40.02 -9.14
C GLY D 334 -26.68 39.73 -10.63
N ILE D 335 -26.47 40.77 -11.44
CA ILE D 335 -26.37 40.56 -12.88
C ILE D 335 -25.19 39.66 -13.22
N PHE D 336 -24.06 39.85 -12.53
CA PHE D 336 -22.89 39.01 -12.79
C PHE D 336 -23.15 37.56 -12.44
N ASN D 337 -23.76 37.31 -11.28
CA ASN D 337 -24.06 35.93 -10.92
C ASN D 337 -25.06 35.30 -11.89
N LEU D 338 -26.04 36.09 -12.33
CA LEU D 338 -26.97 35.60 -13.35
C LEU D 338 -26.21 35.14 -14.59
N VAL D 339 -25.36 36.01 -15.14
CA VAL D 339 -24.60 35.67 -16.34
C VAL D 339 -23.78 34.41 -16.11
N TYR D 340 -23.02 34.39 -15.02
CA TYR D 340 -22.12 33.26 -14.73
C TYR D 340 -22.88 31.95 -14.67
N TRP D 341 -23.86 31.87 -13.76
CA TRP D 341 -24.55 30.60 -13.54
C TRP D 341 -25.33 30.17 -14.76
N ALA D 342 -26.02 31.10 -15.43
CA ALA D 342 -26.73 30.74 -16.65
C ALA D 342 -25.78 30.16 -17.68
N THR D 343 -24.69 30.89 -17.97
CA THR D 343 -23.75 30.46 -19.00
C THR D 343 -23.20 29.07 -18.71
N TYR D 344 -22.77 28.82 -17.47
CA TYR D 344 -22.13 27.53 -17.20
C TYR D 344 -23.15 26.41 -17.04
N LEU D 345 -24.13 26.56 -16.14
CA LEU D 345 -25.06 25.48 -15.90
C LEU D 345 -25.89 25.13 -17.13
N ASN D 346 -26.16 26.11 -18.00
CA ASN D 346 -27.01 25.83 -19.15
C ASN D 346 -26.31 25.05 -20.26
N ARG D 347 -25.01 24.80 -20.15
CA ARG D 347 -24.31 24.03 -21.16
C ARG D 347 -24.62 22.54 -21.03
N GLY E 62 -1.25 -27.20 -41.12
CA GLY E 62 -0.76 -28.54 -41.29
C GLY E 62 0.75 -28.62 -41.47
N ASP E 63 1.26 -27.92 -42.49
CA ASP E 63 2.68 -27.93 -42.77
C ASP E 63 3.47 -26.99 -41.88
N VAL E 64 2.82 -25.97 -41.31
CA VAL E 64 3.54 -25.00 -40.48
C VAL E 64 4.08 -25.68 -39.23
N THR E 65 3.35 -26.65 -38.69
CA THR E 65 3.87 -27.41 -37.56
C THR E 65 5.13 -28.17 -37.94
N VAL E 66 5.15 -28.73 -39.16
CA VAL E 66 6.35 -29.41 -39.64
C VAL E 66 7.51 -28.44 -39.76
N ILE E 67 7.24 -27.24 -40.28
CA ILE E 67 8.31 -26.26 -40.45
C ILE E 67 8.88 -25.86 -39.09
N LEU E 68 8.00 -25.63 -38.10
CA LEU E 68 8.48 -25.26 -36.78
C LEU E 68 9.28 -26.38 -36.13
N ASN E 69 8.79 -27.62 -36.23
CA ASN E 69 9.53 -28.74 -35.65
C ASN E 69 10.87 -28.95 -36.33
N ASN E 70 10.97 -28.62 -37.62
CA ASN E 70 12.27 -28.69 -38.28
C ASN E 70 13.19 -27.58 -37.82
N LEU E 71 12.65 -26.38 -37.60
CA LEU E 71 13.49 -25.28 -37.14
C LEU E 71 14.03 -25.55 -35.75
N LEU E 72 13.23 -26.14 -34.88
CA LEU E 72 13.64 -26.29 -33.48
C LEU E 72 14.51 -27.52 -33.24
N GLU E 73 14.55 -28.47 -34.17
CA GLU E 73 15.44 -29.61 -34.01
C GLU E 73 16.89 -29.18 -34.20
N GLY E 74 17.75 -29.62 -33.30
CA GLY E 74 19.16 -29.25 -33.40
C GLY E 74 19.40 -27.77 -33.26
N TYR E 75 18.63 -27.10 -32.41
CA TYR E 75 18.76 -25.66 -32.18
C TYR E 75 19.14 -25.45 -30.72
N ASP E 76 20.16 -24.64 -30.49
CA ASP E 76 20.68 -24.42 -29.15
C ASP E 76 20.43 -22.98 -28.73
N ASN E 77 19.81 -22.81 -27.56
CA ASN E 77 19.27 -21.51 -27.17
C ASN E 77 20.32 -20.60 -26.58
N LYS E 78 21.32 -21.16 -25.91
CA LYS E 78 22.24 -20.37 -25.13
C LYS E 78 23.19 -19.56 -25.99
N LEU E 79 23.45 -20.02 -27.21
CA LEU E 79 24.47 -19.43 -28.08
C LEU E 79 23.83 -18.49 -29.08
N ARG E 80 24.34 -17.26 -29.14
CA ARG E 80 23.90 -16.31 -30.14
C ARG E 80 24.31 -16.78 -31.52
N PRO E 81 23.64 -16.28 -32.57
CA PRO E 81 24.03 -16.67 -33.92
C PRO E 81 25.40 -16.12 -34.27
N ASP E 82 26.16 -16.90 -35.03
CA ASP E 82 27.46 -16.48 -35.53
C ASP E 82 28.42 -16.22 -34.37
N ILE E 83 28.66 -17.27 -33.58
CA ILE E 83 29.51 -17.11 -32.40
C ILE E 83 30.98 -17.03 -32.76
N GLY E 84 31.41 -17.66 -33.84
CA GLY E 84 32.81 -17.68 -34.20
C GLY E 84 33.24 -16.65 -35.23
N VAL E 85 32.28 -15.98 -35.86
CA VAL E 85 32.57 -15.03 -36.94
C VAL E 85 32.03 -13.67 -36.56
N LYS E 86 32.09 -12.72 -37.50
CA LYS E 86 31.71 -11.32 -37.32
C LYS E 86 30.43 -11.18 -36.51
N PRO E 87 30.33 -10.16 -35.66
CA PRO E 87 29.22 -10.10 -34.70
C PRO E 87 27.89 -9.80 -35.36
N THR E 88 26.83 -10.13 -34.63
CA THR E 88 25.48 -9.82 -35.09
C THR E 88 25.22 -8.32 -35.00
N LEU E 89 24.38 -7.84 -35.90
CA LEU E 89 24.11 -6.41 -36.02
C LEU E 89 22.62 -6.21 -35.80
N ILE E 90 22.24 -5.80 -34.59
CA ILE E 90 20.84 -5.62 -34.23
C ILE E 90 20.41 -4.21 -34.59
N HIS E 91 19.37 -4.10 -35.41
CA HIS E 91 18.75 -2.81 -35.70
C HIS E 91 17.67 -2.54 -34.67
N THR E 92 17.53 -1.28 -34.28
CA THR E 92 16.64 -0.91 -33.19
C THR E 92 15.68 0.17 -33.65
N ASP E 93 14.41 0.12 -33.21
CA ASP E 93 13.43 1.18 -33.57
C ASP E 93 12.34 1.25 -32.50
N MET E 94 12.14 2.40 -31.86
CA MET E 94 11.14 2.46 -30.77
C MET E 94 10.07 3.52 -31.06
N TYR E 95 8.89 3.38 -30.45
CA TYR E 95 7.74 4.30 -30.65
C TYR E 95 7.22 4.74 -29.28
N VAL E 96 7.35 6.03 -28.97
CA VAL E 96 6.99 6.60 -27.67
C VAL E 96 5.48 6.78 -27.62
N ASN E 97 4.84 6.17 -26.63
CA ASN E 97 3.39 6.27 -26.51
C ASN E 97 2.97 7.45 -25.65
N SER E 98 3.56 7.59 -24.47
CA SER E 98 3.24 8.71 -23.60
C SER E 98 4.38 8.91 -22.62
N ILE E 99 4.48 10.14 -22.10
CA ILE E 99 5.50 10.51 -21.14
C ILE E 99 4.80 10.87 -19.84
N GLY E 100 5.10 10.12 -18.79
CA GLY E 100 4.40 10.27 -17.52
C GLY E 100 4.70 11.58 -16.83
N PRO E 101 4.25 11.71 -15.59
CA PRO E 101 4.46 12.96 -14.86
C PRO E 101 5.92 13.16 -14.53
N VAL E 102 6.38 14.39 -14.66
CA VAL E 102 7.75 14.77 -14.36
C VAL E 102 7.73 15.65 -13.12
N ASN E 103 8.54 15.31 -12.12
CA ASN E 103 8.64 16.08 -10.90
C ASN E 103 10.08 16.51 -10.66
N ALA E 104 10.25 17.70 -10.09
CA ALA E 104 11.58 18.25 -9.89
C ALA E 104 12.22 17.74 -8.60
N ILE E 105 11.40 17.38 -7.61
CA ILE E 105 11.95 16.92 -6.33
C ILE E 105 12.65 15.57 -6.49
N ASN E 106 11.91 14.55 -6.92
CA ASN E 106 12.47 13.22 -7.04
C ASN E 106 13.53 13.13 -8.14
N MET E 107 13.54 14.07 -9.08
CA MET E 107 14.47 14.06 -10.21
C MET E 107 14.35 12.76 -11.01
N GLU E 108 13.18 12.58 -11.62
CA GLU E 108 12.86 11.38 -12.38
C GLU E 108 11.62 11.65 -13.21
N TYR E 109 11.34 10.74 -14.15
CA TYR E 109 10.17 10.87 -15.00
C TYR E 109 9.79 9.49 -15.52
N THR E 110 8.56 9.39 -16.04
CA THR E 110 8.01 8.12 -16.50
C THR E 110 7.77 8.18 -18.00
N ILE E 111 8.09 7.08 -18.69
CA ILE E 111 7.91 6.97 -20.13
C ILE E 111 7.29 5.62 -20.43
N ASP E 112 6.64 5.52 -21.60
CA ASP E 112 5.94 4.30 -22.01
C ASP E 112 6.19 4.08 -23.49
N ILE E 113 7.07 3.15 -23.84
CA ILE E 113 7.50 3.01 -25.23
C ILE E 113 7.13 1.63 -25.77
N PHE E 114 7.42 1.38 -27.05
CA PHE E 114 7.15 0.07 -27.71
C PHE E 114 8.45 -0.39 -28.37
N PHE E 115 9.37 -0.96 -27.58
CA PHE E 115 10.70 -1.30 -28.04
C PHE E 115 10.63 -2.38 -29.12
N ALA E 116 11.40 -2.21 -30.19
CA ALA E 116 11.37 -3.17 -31.33
C ALA E 116 12.77 -3.30 -31.92
N GLN E 117 13.27 -4.52 -32.07
CA GLN E 117 14.62 -4.75 -32.55
C GLN E 117 14.69 -5.97 -33.45
N THR E 118 15.61 -5.93 -34.41
CA THR E 118 15.69 -6.89 -35.51
C THR E 118 17.12 -7.36 -35.69
N TRP E 119 17.29 -8.64 -36.03
CA TRP E 119 18.63 -9.19 -36.23
C TRP E 119 18.54 -10.41 -37.12
N TYR E 120 19.53 -10.58 -38.00
CA TYR E 120 19.57 -11.79 -38.80
C TYR E 120 19.95 -12.99 -37.95
N ASP E 121 19.66 -14.18 -38.47
CA ASP E 121 19.92 -15.42 -37.75
C ASP E 121 19.93 -16.56 -38.77
N ARG E 122 21.09 -17.17 -38.97
CA ARG E 122 21.25 -18.12 -40.06
C ARG E 122 20.59 -19.46 -39.80
N ARG E 123 20.21 -19.75 -38.56
CA ARG E 123 19.65 -21.05 -38.23
C ARG E 123 18.15 -21.13 -38.49
N LEU E 124 17.47 -19.99 -38.60
CA LEU E 124 16.05 -19.95 -38.92
C LEU E 124 15.89 -19.62 -40.40
N LYS E 125 16.16 -20.61 -41.24
CA LYS E 125 16.21 -20.42 -42.68
C LYS E 125 15.33 -21.44 -43.39
N PHE E 126 14.09 -21.55 -42.93
CA PHE E 126 13.16 -22.49 -43.53
C PHE E 126 12.93 -22.16 -45.00
N ASN E 127 12.57 -23.17 -45.78
CA ASN E 127 12.29 -23.03 -47.20
C ASN E 127 10.93 -23.66 -47.49
N SER E 128 9.97 -22.82 -47.87
CA SER E 128 8.63 -23.29 -48.22
C SER E 128 7.92 -22.19 -49.00
N THR E 129 6.65 -22.44 -49.32
CA THR E 129 5.85 -21.43 -50.00
C THR E 129 5.41 -20.33 -49.06
N ILE E 130 5.25 -20.65 -47.77
CA ILE E 130 4.84 -19.66 -46.79
C ILE E 130 5.91 -18.59 -46.68
N LYS E 131 5.58 -17.37 -47.09
CA LYS E 131 6.55 -16.29 -47.07
C LYS E 131 6.89 -15.88 -45.64
N VAL E 132 5.88 -15.49 -44.86
CA VAL E 132 6.07 -14.96 -43.52
C VAL E 132 5.18 -15.74 -42.58
N LEU E 133 5.68 -16.07 -41.40
CA LEU E 133 4.87 -16.68 -40.36
C LEU E 133 4.88 -15.81 -39.12
N ARG E 134 3.71 -15.34 -38.72
CA ARG E 134 3.57 -14.66 -37.45
C ARG E 134 3.62 -15.67 -36.32
N LEU E 135 3.91 -15.19 -35.11
CA LEU E 135 3.91 -16.06 -33.96
C LEU E 135 3.39 -15.31 -32.74
N ASN E 136 2.69 -16.05 -31.88
CA ASN E 136 2.26 -15.53 -30.59
C ASN E 136 3.48 -15.43 -29.68
N SER E 137 3.26 -14.89 -28.47
CA SER E 137 4.37 -14.75 -27.54
C SER E 137 4.83 -16.07 -26.95
N ASN E 138 4.14 -17.18 -27.23
CA ASN E 138 4.51 -18.46 -26.66
C ASN E 138 5.83 -18.99 -27.21
N MET E 139 6.35 -18.37 -28.26
CA MET E 139 7.55 -18.87 -28.92
C MET E 139 8.83 -18.16 -28.48
N VAL E 140 8.70 -16.99 -27.86
CA VAL E 140 9.87 -16.16 -27.54
C VAL E 140 10.85 -16.90 -26.64
N GLY E 141 10.36 -17.75 -25.75
CA GLY E 141 11.25 -18.39 -24.80
C GLY E 141 12.27 -19.30 -25.46
N LYS E 142 11.92 -19.90 -26.59
CA LYS E 142 12.79 -20.90 -27.20
C LYS E 142 13.92 -20.28 -27.98
N ILE E 143 13.60 -19.53 -29.05
CA ILE E 143 14.63 -18.99 -29.92
C ILE E 143 15.45 -17.96 -29.15
N TRP E 144 16.61 -17.58 -29.70
CA TRP E 144 17.47 -16.63 -29.01
C TRP E 144 16.81 -15.26 -28.94
N ILE E 145 17.06 -14.56 -27.84
CA ILE E 145 16.57 -13.20 -27.65
C ILE E 145 17.67 -12.35 -27.03
N PRO E 146 17.96 -11.16 -27.56
CA PRO E 146 19.11 -10.40 -27.07
C PRO E 146 18.79 -9.65 -25.79
N ASP E 147 19.71 -9.72 -24.83
CA ASP E 147 19.57 -8.96 -23.61
C ASP E 147 19.86 -7.49 -23.87
N THR E 148 18.96 -6.63 -23.39
CA THR E 148 19.10 -5.19 -23.61
C THR E 148 18.46 -4.48 -22.44
N PHE E 149 19.26 -3.83 -21.62
CA PHE E 149 18.76 -3.14 -20.45
C PHE E 149 18.98 -1.65 -20.60
N PHE E 150 18.27 -0.88 -19.79
CA PHE E 150 18.33 0.58 -19.86
C PHE E 150 19.19 1.08 -18.71
N ARG E 151 20.38 1.61 -19.03
CA ARG E 151 21.31 2.04 -18.00
C ARG E 151 20.72 3.12 -17.12
N ASN E 152 19.83 3.94 -17.67
CA ASN E 152 19.23 5.03 -16.92
C ASN E 152 18.00 4.62 -16.14
N SER E 153 17.60 3.35 -16.23
CA SER E 153 16.37 2.91 -15.59
C SER E 153 16.52 2.85 -14.09
N LYS E 154 15.50 3.32 -13.36
CA LYS E 154 15.40 3.08 -11.94
C LYS E 154 14.48 1.91 -11.62
N LYS E 155 13.38 1.77 -12.36
CA LYS E 155 12.42 0.70 -12.12
C LYS E 155 11.64 0.48 -13.42
N ALA E 156 11.90 -0.62 -14.11
CA ALA E 156 11.32 -0.90 -15.40
C ALA E 156 10.50 -2.19 -15.33
N ASP E 157 9.28 -2.14 -15.86
CA ASP E 157 8.39 -3.30 -15.88
C ASP E 157 7.66 -3.35 -17.21
N ALA E 158 7.61 -4.54 -17.80
CA ALA E 158 6.88 -4.76 -19.05
C ALA E 158 5.42 -5.05 -18.72
N HIS E 159 4.56 -5.17 -19.72
CA HIS E 159 3.14 -5.39 -19.44
C HIS E 159 2.57 -6.74 -19.78
N TRP E 160 1.82 -7.33 -18.84
CA TRP E 160 1.14 -8.59 -19.11
C TRP E 160 -0.29 -8.44 -18.63
N ILE E 161 -1.07 -7.56 -19.27
CA ILE E 161 -2.44 -7.36 -18.83
C ILE E 161 -3.33 -8.57 -19.01
N THR E 162 -3.25 -9.22 -20.16
CA THR E 162 -4.04 -10.42 -20.40
C THR E 162 -3.10 -11.59 -20.58
N THR E 163 -2.14 -11.37 -21.46
CA THR E 163 -1.09 -12.35 -21.74
C THR E 163 0.24 -11.59 -21.79
N PRO E 164 1.35 -12.30 -21.99
CA PRO E 164 2.59 -11.55 -22.05
C PRO E 164 2.53 -10.73 -23.31
N ASN E 165 2.84 -9.43 -23.24
CA ASN E 165 2.78 -8.62 -24.43
C ASN E 165 4.12 -8.73 -25.10
N ARG E 166 4.16 -9.49 -26.18
CA ARG E 166 5.36 -9.72 -26.94
C ARG E 166 4.92 -10.14 -28.32
N MET E 167 5.74 -9.87 -29.32
CA MET E 167 5.40 -10.24 -30.68
C MET E 167 6.63 -10.88 -31.30
N LEU E 168 6.44 -11.74 -32.27
CA LEU E 168 7.56 -12.40 -32.92
C LEU E 168 7.19 -12.65 -34.38
N ARG E 169 8.06 -12.24 -35.30
CA ARG E 169 7.83 -12.39 -36.72
C ARG E 169 9.11 -12.90 -37.37
N ILE E 170 9.02 -14.05 -38.01
CA ILE E 170 10.17 -14.68 -38.64
C ILE E 170 9.95 -14.66 -40.15
N TRP E 171 10.74 -13.86 -40.86
CA TRP E 171 10.62 -13.80 -42.32
C TRP E 171 11.31 -15.01 -42.95
N ASN E 172 11.49 -14.97 -44.27
CA ASN E 172 11.87 -16.15 -45.02
C ASN E 172 13.33 -16.52 -44.78
N ASP E 173 14.22 -15.54 -44.70
CA ASP E 173 15.66 -15.78 -44.56
C ASP E 173 16.15 -15.14 -43.27
N GLY E 174 16.02 -15.88 -42.16
CA GLY E 174 16.38 -15.32 -40.87
C GLY E 174 15.58 -14.08 -40.57
N ARG E 175 16.26 -13.06 -40.06
CA ARG E 175 15.67 -11.75 -39.86
C ARG E 175 14.48 -11.81 -38.91
N VAL E 176 14.76 -12.27 -37.69
CA VAL E 176 13.73 -12.29 -36.66
C VAL E 176 13.30 -10.86 -36.35
N LEU E 177 12.04 -10.70 -35.95
CA LEU E 177 11.55 -9.45 -35.41
C LEU E 177 10.98 -9.69 -34.02
N TYR E 178 11.33 -8.85 -33.07
CA TYR E 178 10.93 -9.00 -31.68
C TYR E 178 10.61 -7.63 -31.11
N THR E 179 9.34 -7.44 -30.74
CA THR E 179 8.87 -6.16 -30.17
C THR E 179 8.17 -6.45 -28.85
N LEU E 180 8.17 -5.50 -27.92
CA LEU E 180 7.55 -5.73 -26.62
C LEU E 180 7.32 -4.39 -25.95
N ARG E 181 6.26 -4.32 -25.16
CA ARG E 181 5.91 -3.09 -24.47
C ARG E 181 6.77 -2.92 -23.24
N LEU E 182 6.97 -1.68 -22.83
CA LEU E 182 7.76 -1.38 -21.65
C LEU E 182 7.17 -0.19 -20.92
N THR E 183 7.74 0.11 -19.75
CA THR E 183 7.39 1.29 -18.98
C THR E 183 8.56 1.62 -18.08
N ILE E 184 9.21 2.77 -18.32
CA ILE E 184 10.53 3.03 -17.77
C ILE E 184 10.49 4.28 -16.91
N ASP E 185 11.28 4.27 -15.85
CA ASP E 185 11.50 5.42 -14.98
C ASP E 185 12.98 5.77 -15.03
N ALA E 186 13.29 6.96 -15.52
CA ALA E 186 14.67 7.36 -15.77
C ALA E 186 15.02 8.61 -15.00
N GLU E 187 16.29 8.74 -14.64
CA GLU E 187 16.79 9.93 -13.96
C GLU E 187 17.10 11.01 -14.98
N CYS E 188 16.49 12.18 -14.82
CA CYS E 188 16.67 13.30 -15.73
C CYS E 188 17.45 14.38 -15.01
N GLN E 189 18.66 14.68 -15.49
CA GLN E 189 19.49 15.71 -14.88
C GLN E 189 18.79 17.07 -14.99
N LEU E 190 18.31 17.59 -13.86
CA LEU E 190 17.47 18.78 -13.84
C LEU E 190 18.29 19.99 -13.41
N GLN E 191 18.26 21.03 -14.23
CA GLN E 191 18.91 22.30 -13.97
C GLN E 191 17.91 23.42 -14.16
N LEU E 192 17.98 24.44 -13.32
CA LEU E 192 16.95 25.47 -13.28
C LEU E 192 17.46 26.90 -13.38
N HIS E 193 18.78 27.12 -13.43
CA HIS E 193 19.29 28.49 -13.50
C HIS E 193 19.01 29.13 -14.84
N ASN E 194 18.92 28.34 -15.91
CA ASN E 194 18.69 28.89 -17.24
C ASN E 194 17.35 29.59 -17.37
N PHE E 195 16.43 29.34 -16.45
CA PHE E 195 15.11 29.97 -16.49
C PHE E 195 15.25 31.48 -16.60
N PRO E 196 14.43 32.16 -17.43
CA PRO E 196 13.29 31.66 -18.21
C PRO E 196 13.66 30.86 -19.46
N MET E 197 14.96 30.80 -19.78
CA MET E 197 15.44 30.09 -20.97
C MET E 197 15.82 28.65 -20.69
N ASP E 198 15.23 28.03 -19.66
CA ASP E 198 15.64 26.69 -19.26
C ASP E 198 15.19 25.64 -20.26
N GLU E 199 16.10 24.70 -20.56
CA GLU E 199 15.84 23.63 -21.52
C GLU E 199 16.41 22.34 -20.91
N HIS E 200 15.55 21.61 -20.21
CA HIS E 200 15.98 20.34 -19.65
C HIS E 200 16.09 19.27 -20.72
N SER E 201 17.04 18.36 -20.55
CA SER E 201 17.23 17.23 -21.43
C SER E 201 17.16 15.96 -20.60
N CYS E 202 16.23 15.07 -20.95
CA CYS E 202 16.04 13.84 -20.20
C CYS E 202 16.56 12.66 -20.99
N PRO E 203 17.62 11.99 -20.54
CA PRO E 203 18.23 10.93 -21.34
C PRO E 203 17.57 9.58 -21.16
N LEU E 204 17.73 8.74 -22.18
CA LEU E 204 17.31 7.35 -22.14
C LEU E 204 18.32 6.57 -22.98
N GLU E 205 19.18 5.80 -22.32
CA GLU E 205 20.29 5.15 -23.01
C GLU E 205 20.29 3.66 -22.70
N PHE E 206 20.25 2.86 -23.75
CA PHE E 206 20.19 1.40 -23.64
C PHE E 206 21.37 0.76 -24.35
N SER E 207 21.75 -0.42 -23.87
CA SER E 207 22.93 -1.11 -24.36
C SER E 207 22.89 -2.55 -23.87
N SER E 208 23.62 -3.42 -24.55
CA SER E 208 23.71 -4.81 -24.13
C SER E 208 24.38 -4.90 -22.77
N TYR E 209 24.20 -6.05 -22.11
CA TYR E 209 24.74 -6.24 -20.77
C TYR E 209 25.89 -7.24 -20.73
N GLY E 210 25.76 -8.37 -21.42
CA GLY E 210 26.76 -9.40 -21.36
C GLY E 210 27.67 -9.53 -22.55
N TYR E 211 27.55 -8.66 -23.55
CA TYR E 211 28.29 -8.81 -24.78
C TYR E 211 29.15 -7.59 -25.05
N PRO E 212 30.45 -7.75 -25.28
CA PRO E 212 31.29 -6.60 -25.61
C PRO E 212 31.00 -6.06 -26.99
N ARG E 213 31.76 -5.04 -27.40
CA ARG E 213 31.61 -4.50 -28.75
C ARG E 213 31.98 -5.52 -29.81
N GLU E 214 32.85 -6.47 -29.48
CA GLU E 214 33.24 -7.47 -30.46
C GLU E 214 32.16 -8.50 -30.73
N GLU E 215 31.07 -8.50 -29.97
CA GLU E 215 30.06 -9.53 -30.12
C GLU E 215 28.66 -9.03 -30.38
N ILE E 216 28.39 -7.73 -30.26
CA ILE E 216 27.07 -7.19 -30.59
C ILE E 216 27.22 -5.70 -30.87
N VAL E 217 26.46 -5.22 -31.86
CA VAL E 217 26.53 -3.82 -32.28
C VAL E 217 25.12 -3.37 -32.61
N TYR E 218 24.71 -2.23 -32.05
CA TYR E 218 23.41 -1.67 -32.36
C TYR E 218 23.53 -0.63 -33.48
N GLN E 219 22.39 -0.27 -34.04
CA GLN E 219 22.32 0.67 -35.15
C GLN E 219 20.86 1.05 -35.36
N TRP E 220 20.62 2.33 -35.65
CA TRP E 220 19.25 2.80 -35.83
C TRP E 220 18.79 2.60 -37.26
N LYS E 221 17.48 2.65 -37.45
CA LYS E 221 16.88 2.57 -38.77
C LYS E 221 16.84 3.97 -39.40
N ARG E 222 16.05 4.11 -40.48
CA ARG E 222 15.99 5.36 -41.21
C ARG E 222 15.49 6.49 -40.31
N SER E 223 14.30 6.33 -39.74
CA SER E 223 13.74 7.29 -38.79
C SER E 223 13.88 6.80 -37.36
N SER E 224 13.31 5.63 -37.08
CA SER E 224 13.54 4.83 -35.87
C SER E 224 13.01 5.47 -34.59
N VAL E 225 12.43 6.66 -34.63
CA VAL E 225 11.81 7.27 -33.46
C VAL E 225 10.53 7.99 -33.92
N GLU E 226 9.43 7.76 -33.21
CA GLU E 226 8.17 8.39 -33.54
C GLU E 226 7.52 8.90 -32.27
N VAL E 227 6.52 9.77 -32.44
CA VAL E 227 5.70 10.27 -31.34
C VAL E 227 4.26 10.34 -31.83
N GLY E 228 3.33 10.41 -30.88
CA GLY E 228 1.93 10.50 -31.23
C GLY E 228 1.12 11.11 -30.11
N ASP E 229 0.09 11.87 -30.48
CA ASP E 229 -0.84 12.46 -29.52
C ASP E 229 -0.12 13.33 -28.51
N THR E 230 0.68 14.28 -29.02
CA THR E 230 1.50 15.12 -28.15
C THR E 230 0.66 15.96 -27.20
N ARG E 231 -0.61 16.17 -27.49
CA ARG E 231 -1.45 16.98 -26.61
C ARG E 231 -1.78 16.25 -25.32
N SER E 232 -1.83 14.92 -25.34
CA SER E 232 -2.33 14.13 -24.23
C SER E 232 -1.20 13.43 -23.48
N TRP E 233 -0.05 14.08 -23.35
CA TRP E 233 1.07 13.50 -22.62
C TRP E 233 1.08 13.87 -21.14
N ARG E 234 0.05 14.51 -20.62
CA ARG E 234 -0.18 14.57 -19.17
C ARG E 234 0.88 15.36 -18.41
N LEU E 235 1.91 15.84 -19.09
CA LEU E 235 2.94 16.64 -18.44
C LEU E 235 2.54 18.11 -18.48
N TYR E 236 2.57 18.76 -17.32
CA TYR E 236 2.07 20.12 -17.17
C TYR E 236 3.18 21.17 -17.15
N GLN E 237 4.10 21.06 -16.21
CA GLN E 237 5.09 22.12 -15.98
C GLN E 237 6.03 22.30 -17.17
N PHE E 238 6.24 21.26 -17.97
CA PHE E 238 7.15 21.32 -19.10
C PHE E 238 6.35 21.23 -20.40
N SER E 239 7.09 21.24 -21.51
CA SER E 239 6.47 21.16 -22.84
C SER E 239 7.48 20.55 -23.81
N PHE E 240 7.03 19.56 -24.57
CA PHE E 240 7.90 18.87 -25.51
C PHE E 240 8.34 19.81 -26.63
N VAL E 241 9.63 19.81 -26.94
CA VAL E 241 10.16 20.69 -27.97
C VAL E 241 10.91 19.91 -29.04
N GLY E 242 12.01 19.22 -28.65
CA GLY E 242 12.91 18.61 -29.60
C GLY E 242 13.20 17.15 -29.27
N LEU E 243 14.01 16.54 -30.12
CA LEU E 243 14.32 15.11 -30.02
C LEU E 243 15.54 14.81 -30.87
N ARG E 244 16.52 14.12 -30.30
CA ARG E 244 17.76 13.79 -30.99
C ARG E 244 18.17 12.37 -30.66
N ASN E 245 19.24 11.92 -31.29
CA ASN E 245 19.72 10.54 -31.13
C ASN E 245 21.23 10.48 -31.33
N THR E 246 21.92 9.77 -30.44
CA THR E 246 23.37 9.66 -30.50
C THR E 246 23.80 8.23 -30.17
N THR E 247 24.96 7.86 -30.69
CA THR E 247 25.59 6.57 -30.39
C THR E 247 27.00 6.81 -29.86
N GLU E 248 27.40 6.03 -28.87
CA GLU E 248 28.69 6.20 -28.23
C GLU E 248 29.31 4.83 -27.98
N VAL E 249 30.52 4.84 -27.40
CA VAL E 249 31.19 3.64 -26.94
C VAL E 249 31.63 3.88 -25.51
N VAL E 250 31.28 2.97 -24.60
CA VAL E 250 31.55 3.12 -23.18
C VAL E 250 32.40 1.95 -22.72
N LYS E 251 33.45 2.25 -21.97
CA LYS E 251 34.34 1.24 -21.42
C LYS E 251 34.01 1.01 -19.95
N THR E 252 33.96 -0.25 -19.54
CA THR E 252 33.61 -0.62 -18.18
C THR E 252 34.54 -1.74 -17.73
N THR E 253 34.17 -2.41 -16.63
CA THR E 253 35.00 -3.46 -16.07
C THR E 253 35.14 -4.63 -17.04
N SER E 254 34.05 -5.00 -17.72
CA SER E 254 34.09 -6.18 -18.57
C SER E 254 34.79 -5.92 -19.90
N GLY E 255 34.62 -4.72 -20.46
CA GLY E 255 35.19 -4.43 -21.75
C GLY E 255 34.61 -3.17 -22.36
N ASP E 256 34.19 -3.25 -23.63
CA ASP E 256 33.62 -2.11 -24.34
C ASP E 256 32.22 -2.44 -24.80
N TYR E 257 31.26 -1.59 -24.45
CA TYR E 257 29.86 -1.79 -24.79
C TYR E 257 29.40 -0.64 -25.68
N VAL E 258 28.71 -0.97 -26.77
CA VAL E 258 28.11 0.06 -27.61
C VAL E 258 26.81 0.52 -26.93
N VAL E 259 26.75 1.79 -26.60
CA VAL E 259 25.67 2.34 -25.79
C VAL E 259 24.85 3.25 -26.69
N MET E 260 23.71 2.78 -27.15
CA MET E 260 22.76 3.67 -27.80
C MET E 260 22.29 4.73 -26.82
N SER E 261 21.73 5.81 -27.36
CA SER E 261 21.25 6.89 -26.51
C SER E 261 20.24 7.70 -27.30
N VAL E 262 19.01 7.78 -26.78
CA VAL E 262 18.01 8.71 -27.29
C VAL E 262 17.61 9.62 -26.15
N TYR E 263 17.80 10.92 -26.33
CA TYR E 263 17.40 11.88 -25.31
C TYR E 263 16.76 13.08 -25.98
N PHE E 264 15.56 13.44 -25.52
CA PHE E 264 14.78 14.51 -26.09
C PHE E 264 14.62 15.64 -25.09
N ASP E 265 14.52 16.86 -25.62
CA ASP E 265 14.56 18.07 -24.81
C ASP E 265 13.17 18.49 -24.38
N LEU E 266 13.13 19.32 -23.34
CA LEU E 266 11.89 19.86 -22.79
C LEU E 266 12.12 21.30 -22.38
N SER E 267 11.04 22.07 -22.33
CA SER E 267 11.11 23.47 -21.94
C SER E 267 10.03 23.77 -20.91
N ARG E 268 10.31 24.76 -20.07
CA ARG E 268 9.40 25.13 -18.98
C ARG E 268 8.58 26.35 -19.38
N ARG E 269 7.31 26.35 -18.98
CA ARG E 269 6.41 27.47 -19.24
C ARG E 269 6.29 28.37 -18.01
N THR E 274 3.91 28.59 -5.66
CA THR E 274 5.07 29.36 -5.21
C THR E 274 4.83 30.85 -5.42
N ILE E 275 4.90 31.28 -6.68
CA ILE E 275 4.64 32.68 -7.01
C ILE E 275 3.17 33.02 -6.80
N GLN E 276 2.30 32.02 -6.91
CA GLN E 276 0.87 32.22 -6.63
C GLN E 276 0.55 32.09 -5.15
N THR E 277 1.51 31.67 -4.34
CA THR E 277 1.30 31.45 -2.91
C THR E 277 1.98 32.48 -2.02
N TYR E 278 3.07 33.10 -2.50
CA TYR E 278 3.72 34.15 -1.71
C TYR E 278 2.91 35.43 -1.62
N ILE E 279 2.00 35.67 -2.57
CA ILE E 279 1.22 36.90 -2.61
C ILE E 279 0.26 36.98 -1.42
N PRO E 280 -0.49 35.91 -1.07
CA PRO E 280 -1.39 36.02 0.09
C PRO E 280 -0.67 36.30 1.41
N CYS E 281 0.63 36.05 1.50
CA CYS E 281 1.32 36.29 2.76
C CYS E 281 1.74 37.75 2.87
N THR E 282 2.37 38.27 1.81
CA THR E 282 2.75 39.67 1.76
C THR E 282 1.52 40.57 1.82
N LEU E 283 0.42 40.14 1.21
CA LEU E 283 -0.80 40.92 1.25
C LEU E 283 -1.27 41.12 2.68
N ILE E 284 -1.33 40.04 3.47
CA ILE E 284 -1.79 40.16 4.84
C ILE E 284 -0.80 40.97 5.67
N VAL E 285 0.50 40.83 5.39
CA VAL E 285 1.49 41.63 6.10
C VAL E 285 1.23 43.11 5.88
N VAL E 286 1.18 43.53 4.61
CA VAL E 286 0.97 44.94 4.29
C VAL E 286 -0.39 45.41 4.79
N LEU E 287 -1.38 44.52 4.82
CA LEU E 287 -2.72 44.93 5.21
C LEU E 287 -2.87 45.08 6.71
N SER E 288 -2.08 44.35 7.50
CA SER E 288 -2.11 44.52 8.94
C SER E 288 -1.67 45.91 9.37
N TRP E 289 -0.90 46.60 8.53
CA TRP E 289 -0.40 47.93 8.87
C TRP E 289 -1.48 48.99 8.87
N VAL E 290 -2.66 48.71 8.32
CA VAL E 290 -3.74 49.68 8.35
C VAL E 290 -4.11 50.06 9.77
N SER E 291 -3.77 49.21 10.74
CA SER E 291 -4.04 49.53 12.14
C SER E 291 -3.34 50.82 12.55
N PHE E 292 -2.09 51.01 12.13
CA PHE E 292 -1.27 52.10 12.68
C PHE E 292 -1.92 53.46 12.48
N TRP E 293 -2.35 53.76 11.25
CA TRP E 293 -2.90 55.09 11.00
C TRP E 293 -4.28 55.30 11.59
N ILE E 294 -4.84 54.32 12.29
CA ILE E 294 -6.09 54.52 13.02
C ILE E 294 -5.79 55.23 14.33
N ASN E 295 -6.74 56.05 14.79
CA ASN E 295 -6.55 56.82 16.00
C ASN E 295 -6.37 55.91 17.21
N LYS E 296 -5.62 56.39 18.20
CA LYS E 296 -5.36 55.59 19.39
C LYS E 296 -6.59 55.44 20.25
N ASP E 297 -7.52 56.40 20.18
CA ASP E 297 -8.70 56.36 21.04
C ASP E 297 -9.66 55.24 20.67
N ALA E 298 -9.59 54.71 19.45
CA ALA E 298 -10.41 53.59 19.04
C ALA E 298 -9.80 52.32 19.61
N VAL E 299 -10.33 51.86 20.73
CA VAL E 299 -9.79 50.69 21.44
C VAL E 299 -10.17 49.38 20.74
N PRO E 300 -11.45 49.09 20.49
CA PRO E 300 -11.79 47.75 19.97
C PRO E 300 -11.32 47.51 18.55
N ALA E 301 -11.26 48.55 17.72
CA ALA E 301 -10.97 48.36 16.30
C ALA E 301 -9.58 47.79 16.09
N ARG E 302 -8.57 48.38 16.72
CA ARG E 302 -7.20 47.95 16.49
C ARG E 302 -6.97 46.54 17.02
N THR E 303 -7.51 46.23 18.20
CA THR E 303 -7.36 44.89 18.75
C THR E 303 -8.07 43.86 17.90
N SER E 304 -9.27 44.18 17.40
CA SER E 304 -9.98 43.25 16.53
C SER E 304 -9.21 43.01 15.26
N LEU E 305 -8.64 44.06 14.67
CA LEU E 305 -7.84 43.88 13.46
C LEU E 305 -6.63 43.00 13.72
N GLY E 306 -5.95 43.22 14.86
CA GLY E 306 -4.79 42.40 15.18
C GLY E 306 -5.16 40.94 15.34
N ILE E 307 -6.20 40.66 16.13
CA ILE E 307 -6.64 39.28 16.35
C ILE E 307 -7.02 38.63 15.02
N THR E 308 -7.71 39.38 14.16
CA THR E 308 -8.15 38.83 12.89
C THR E 308 -6.96 38.48 12.00
N THR E 309 -5.97 39.38 11.92
CA THR E 309 -4.79 39.09 11.12
C THR E 309 -4.01 37.90 11.67
N VAL E 310 -3.94 37.77 13.00
CA VAL E 310 -3.24 36.63 13.57
C VAL E 310 -3.94 35.33 13.22
N LEU E 311 -5.27 35.31 13.29
CA LEU E 311 -6.01 34.10 12.94
C LEU E 311 -5.84 33.78 11.45
N THR E 312 -5.82 34.81 10.59
CA THR E 312 -5.59 34.57 9.18
C THR E 312 -4.23 33.96 8.93
N MET E 313 -3.19 34.46 9.62
CA MET E 313 -1.87 33.85 9.50
C MET E 313 -1.87 32.41 10.00
N THR E 314 -2.60 32.13 11.07
CA THR E 314 -2.71 30.75 11.55
C THR E 314 -3.27 29.84 10.49
N THR E 315 -4.37 30.26 9.85
CA THR E 315 -4.97 29.44 8.80
C THR E 315 -4.03 29.28 7.61
N LEU E 316 -3.40 30.38 7.18
CA LEU E 316 -2.47 30.30 6.05
C LEU E 316 -1.32 29.34 6.34
N SER E 317 -0.78 29.39 7.56
CA SER E 317 0.26 28.45 7.95
C SER E 317 -0.26 27.01 7.87
N THR E 318 -1.30 26.70 8.66
CA THR E 318 -1.81 25.33 8.70
C THR E 318 -2.22 24.82 7.33
N ILE E 319 -2.47 25.70 6.36
CA ILE E 319 -2.68 25.23 5.00
C ILE E 319 -1.34 25.02 4.29
N ALA E 320 -0.36 25.90 4.52
CA ALA E 320 0.87 25.87 3.73
C ALA E 320 1.83 24.78 4.15
N ARG E 321 1.85 24.40 5.44
CA ARG E 321 2.78 23.36 5.87
C ARG E 321 2.48 22.03 5.20
N LYS E 322 1.22 21.80 4.83
CA LYS E 322 0.84 20.51 4.25
C LYS E 322 1.22 20.43 2.77
N SER E 323 1.05 21.51 2.02
CA SER E 323 1.41 21.53 0.61
C SER E 323 2.91 21.72 0.43
N TYR E 329 14.82 18.67 6.44
CA TYR E 329 15.39 20.01 6.40
C TYR E 329 14.28 21.06 6.39
N VAL E 330 14.67 22.33 6.25
CA VAL E 330 13.73 23.44 6.26
C VAL E 330 13.71 24.04 4.86
N THR E 331 12.58 23.90 4.17
CA THR E 331 12.46 24.43 2.83
C THR E 331 12.45 25.96 2.85
N ALA E 332 12.85 26.54 1.72
CA ALA E 332 12.89 28.00 1.61
C ALA E 332 11.50 28.61 1.70
N MET E 333 10.47 27.88 1.25
CA MET E 333 9.11 28.42 1.30
C MET E 333 8.57 28.45 2.72
N ASP E 334 9.00 27.53 3.57
CA ASP E 334 8.50 27.49 4.94
C ASP E 334 9.07 28.62 5.80
N LEU E 335 10.19 29.21 5.40
CA LEU E 335 10.77 30.29 6.19
C LEU E 335 10.02 31.60 6.02
N PHE E 336 9.68 31.94 4.76
CA PHE E 336 9.06 33.23 4.50
C PHE E 336 7.69 33.35 5.15
N VAL E 337 6.95 32.23 5.23
CA VAL E 337 5.59 32.30 5.75
C VAL E 337 5.55 32.58 7.25
N SER E 338 6.62 32.27 7.97
CA SER E 338 6.63 32.52 9.41
C SER E 338 6.99 33.97 9.74
N VAL E 339 7.79 34.63 8.90
CA VAL E 339 8.14 36.01 9.18
C VAL E 339 6.93 36.93 8.98
N CYS E 340 6.04 36.56 8.07
CA CYS E 340 4.72 37.21 8.01
C CYS E 340 4.06 37.23 9.38
N PHE E 341 3.94 36.05 9.98
CA PHE E 341 3.34 35.92 11.30
C PHE E 341 4.08 36.75 12.33
N ILE E 342 5.41 36.73 12.26
CA ILE E 342 6.22 37.46 13.23
C ILE E 342 5.91 38.96 13.18
N PHE E 343 5.86 39.52 11.96
CA PHE E 343 5.56 40.94 11.81
C PHE E 343 4.13 41.25 12.28
N VAL E 344 3.16 40.49 11.79
CA VAL E 344 1.77 40.83 12.08
C VAL E 344 1.42 40.59 13.54
N PHE E 345 2.23 39.81 14.26
CA PHE E 345 2.07 39.64 15.70
C PHE E 345 2.82 40.72 16.47
N SER E 346 4.00 41.10 16.00
CA SER E 346 4.76 42.16 16.65
C SER E 346 4.00 43.48 16.60
N ALA E 347 3.24 43.72 15.53
CA ALA E 347 2.46 44.95 15.46
C ALA E 347 1.40 45.00 16.57
N LEU E 348 0.69 43.89 16.77
CA LEU E 348 -0.30 43.85 17.83
C LEU E 348 0.36 43.99 19.20
N VAL E 349 1.55 43.40 19.38
CA VAL E 349 2.27 43.56 20.64
C VAL E 349 2.66 45.02 20.84
N GLU E 350 3.07 45.69 19.77
CA GLU E 350 3.42 47.11 19.88
C GLU E 350 2.21 47.94 20.30
N TYR E 351 1.04 47.65 19.74
CA TYR E 351 -0.13 48.41 20.17
C TYR E 351 -0.49 48.10 21.62
N GLY E 352 -0.29 46.86 22.05
CA GLY E 352 -0.49 46.55 23.46
C GLY E 352 0.41 47.40 24.35
N THR E 353 1.68 47.52 23.97
CA THR E 353 2.59 48.40 24.69
C THR E 353 2.12 49.84 24.65
N LEU E 354 1.62 50.30 23.50
CA LEU E 354 1.13 51.67 23.39
C LEU E 354 0.00 51.93 24.37
N HIS E 355 -0.98 51.02 24.43
CA HIS E 355 -2.08 51.25 25.35
C HIS E 355 -1.64 51.13 26.80
N TYR E 356 -0.65 50.29 27.08
CA TYR E 356 -0.21 50.16 28.47
C TYR E 356 0.52 51.41 28.94
N PHE E 357 1.52 51.88 28.18
CA PHE E 357 2.30 53.04 28.57
C PHE E 357 1.75 54.34 28.01
N VAL E 358 0.43 54.45 27.83
CA VAL E 358 -0.13 55.69 27.29
C VAL E 358 -0.23 56.76 28.36
N SER E 359 -0.34 56.38 29.64
CA SER E 359 -0.66 57.35 30.68
C SER E 359 0.56 58.14 31.14
N SER E 360 1.70 57.46 31.28
CA SER E 360 2.88 58.13 31.84
C SER E 360 3.43 59.17 30.89
N GLN E 361 3.67 58.80 29.64
CA GLN E 361 4.29 59.69 28.66
C GLN E 361 3.32 59.89 27.49
N PRO E 362 2.60 61.01 27.45
CA PRO E 362 1.64 61.21 26.34
C PRO E 362 2.32 61.47 25.01
N ALA E 363 3.44 62.20 25.01
CA ALA E 363 4.13 62.49 23.76
C ALA E 363 4.88 61.29 23.21
N ARG E 364 5.10 60.26 24.03
CA ARG E 364 5.85 59.09 23.57
C ARG E 364 5.05 58.31 22.52
N ALA E 365 3.76 58.10 22.76
CA ALA E 365 2.95 57.30 21.84
C ALA E 365 2.96 57.90 20.44
N ALA E 366 2.84 59.23 20.34
CA ALA E 366 2.96 59.87 19.04
C ALA E 366 4.31 59.60 18.41
N LYS E 367 5.39 59.71 19.20
CA LYS E 367 6.71 59.37 18.69
C LYS E 367 6.80 57.89 18.32
N MET E 368 6.12 57.03 19.08
CA MET E 368 6.13 55.60 18.77
C MET E 368 5.51 55.34 17.40
N ASP E 369 4.35 55.93 17.14
CA ASP E 369 3.76 55.81 15.81
C ASP E 369 4.67 56.41 14.75
N SER E 370 5.30 57.55 15.05
CA SER E 370 6.19 58.18 14.09
C SER E 370 7.34 57.26 13.71
N TYR E 371 7.87 56.52 14.68
CA TYR E 371 8.91 55.55 14.36
C TYR E 371 8.34 54.38 13.56
N ALA E 372 7.27 53.75 14.06
CA ALA E 372 6.80 52.50 13.48
C ALA E 372 6.34 52.68 12.05
N ARG E 373 5.56 53.74 11.78
CA ARG E 373 4.99 53.96 10.45
C ARG E 373 6.07 53.91 9.37
N ILE E 374 7.26 54.43 9.67
CA ILE E 374 8.34 54.48 8.69
C ILE E 374 9.34 53.35 8.87
N PHE E 375 9.30 52.62 9.98
CA PHE E 375 10.28 51.55 10.17
C PHE E 375 9.76 50.18 9.74
N PHE E 376 8.46 49.89 9.90
CA PHE E 376 7.94 48.63 9.41
C PHE E 376 8.13 48.44 7.90
N PRO E 377 7.80 49.41 7.04
CA PRO E 377 8.11 49.22 5.61
C PRO E 377 9.59 49.03 5.35
N THR E 378 10.44 49.78 6.06
CA THR E 378 11.88 49.60 5.91
C THR E 378 12.29 48.18 6.26
N ALA E 379 11.80 47.66 7.38
CA ALA E 379 12.16 46.30 7.79
C ALA E 379 11.64 45.26 6.81
N PHE E 380 10.43 45.46 6.28
CA PHE E 380 9.86 44.48 5.36
C PHE E 380 10.62 44.48 4.04
N CYS E 381 10.95 45.66 3.50
CA CYS E 381 11.74 45.71 2.28
C CYS E 381 13.15 45.15 2.52
N LEU E 382 13.71 45.37 3.70
CA LEU E 382 15.03 44.83 4.00
C LEU E 382 14.99 43.30 4.06
N PHE E 383 13.94 42.74 4.66
CA PHE E 383 13.80 41.28 4.68
C PHE E 383 13.61 40.74 3.27
N ASN E 384 12.82 41.43 2.44
CA ASN E 384 12.66 41.01 1.06
C ASN E 384 13.98 41.03 0.33
N LEU E 385 14.80 42.05 0.57
CA LEU E 385 16.11 42.13 -0.07
C LEU E 385 17.00 40.96 0.37
N VAL E 386 17.04 40.69 1.67
CA VAL E 386 17.88 39.59 2.16
C VAL E 386 17.39 38.25 1.62
N TYR E 387 16.07 38.09 1.44
CA TYR E 387 15.53 36.79 1.07
C TYR E 387 15.75 36.48 -0.41
N TRP E 388 15.32 37.38 -1.29
CA TRP E 388 15.30 37.07 -2.72
C TRP E 388 16.67 37.11 -3.38
N VAL E 389 17.63 37.81 -2.79
CA VAL E 389 18.99 37.78 -3.34
C VAL E 389 19.61 36.40 -3.15
N SER E 390 19.32 35.76 -2.00
CA SER E 390 19.81 34.40 -1.81
C SER E 390 19.13 33.43 -2.76
N TYR E 391 17.92 33.75 -3.23
CA TYR E 391 17.23 32.86 -4.15
C TYR E 391 17.86 32.88 -5.53
N LEU E 392 18.50 34.00 -5.91
CA LEU E 392 19.18 34.09 -7.20
C LEU E 392 20.58 34.66 -7.03
N ASN F 1 21.94 -17.12 41.02
CA ASN F 1 21.28 -18.29 40.44
C ASN F 1 19.84 -18.37 40.95
N ILE F 2 18.98 -19.04 40.19
CA ILE F 2 17.57 -19.15 40.55
C ILE F 2 17.45 -20.03 41.78
N VAL F 3 16.64 -19.58 42.74
CA VAL F 3 16.43 -20.29 44.00
C VAL F 3 14.97 -20.67 44.11
N MET F 4 14.71 -21.89 44.56
CA MET F 4 13.36 -22.40 44.72
C MET F 4 13.05 -22.52 46.21
N THR F 5 11.88 -22.01 46.61
CA THR F 5 11.41 -22.08 47.97
C THR F 5 10.17 -22.96 48.01
N GLN F 6 10.14 -23.91 48.96
CA GLN F 6 9.07 -24.89 49.02
C GLN F 6 8.47 -24.89 50.42
N SER F 7 7.14 -25.00 50.47
CA SER F 7 6.40 -25.00 51.73
C SER F 7 5.11 -25.78 51.53
N PRO F 8 4.64 -26.50 52.55
CA PRO F 8 5.22 -26.64 53.89
C PRO F 8 6.43 -27.57 53.92
N LYS F 9 7.28 -27.42 54.94
CA LYS F 9 8.47 -28.25 55.04
C LYS F 9 8.11 -29.72 55.22
N SER F 10 7.20 -30.01 56.14
CA SER F 10 6.78 -31.37 56.41
C SER F 10 5.41 -31.34 57.07
N MET F 11 4.48 -32.11 56.51
CA MET F 11 3.13 -32.18 57.03
C MET F 11 2.61 -33.60 56.88
N SER F 12 1.64 -33.95 57.74
CA SER F 12 1.03 -35.27 57.73
C SER F 12 -0.47 -35.14 57.60
N MET F 13 -1.07 -36.03 56.81
CA MET F 13 -2.51 -36.02 56.57
C MET F 13 -3.04 -37.44 56.69
N SER F 14 -4.36 -37.53 56.87
CA SER F 14 -5.01 -38.83 57.00
C SER F 14 -5.23 -39.45 55.63
N VAL F 15 -5.78 -40.65 55.62
CA VAL F 15 -6.02 -41.38 54.38
C VAL F 15 -7.28 -40.83 53.72
N GLY F 16 -7.21 -40.56 52.42
CA GLY F 16 -8.38 -40.11 51.68
C GLY F 16 -8.75 -38.66 51.90
N GLU F 17 -7.76 -37.77 51.99
CA GLU F 17 -8.02 -36.35 52.17
C GLU F 17 -7.25 -35.54 51.15
N ARG F 18 -7.78 -34.37 50.83
CA ARG F 18 -7.14 -33.48 49.86
C ARG F 18 -5.87 -32.88 50.46
N VAL F 19 -4.82 -32.80 49.65
CA VAL F 19 -3.52 -32.33 50.09
C VAL F 19 -2.97 -31.34 49.07
N THR F 20 -2.48 -30.20 49.55
CA THR F 20 -1.97 -29.13 48.70
C THR F 20 -0.52 -28.84 49.05
N LEU F 21 0.33 -28.78 48.03
CA LEU F 21 1.72 -28.41 48.17
C LEU F 21 1.98 -27.15 47.35
N SER F 22 3.05 -26.45 47.69
CA SER F 22 3.39 -25.21 46.99
C SER F 22 4.90 -25.09 46.86
N CYS F 23 5.34 -24.51 45.74
CA CYS F 23 6.75 -24.27 45.49
C CYS F 23 6.90 -22.87 44.92
N LYS F 24 7.54 -21.99 45.68
CA LYS F 24 7.71 -20.59 45.28
C LYS F 24 9.05 -20.43 44.58
N ALA F 25 9.04 -19.68 43.47
CA ALA F 25 10.23 -19.40 42.69
C ALA F 25 10.49 -17.91 42.70
N SER F 26 11.69 -17.51 43.11
CA SER F 26 12.00 -16.08 43.22
C SER F 26 12.01 -15.42 41.84
N GLU F 27 12.84 -15.92 40.94
CA GLU F 27 12.95 -15.35 39.61
C GLU F 27 11.76 -15.80 38.76
N TYR F 28 11.81 -15.49 37.47
CA TYR F 28 10.79 -15.93 36.53
C TYR F 28 11.10 -17.34 36.05
N VAL F 29 10.11 -18.22 36.14
CA VAL F 29 10.17 -19.53 35.48
C VAL F 29 8.82 -19.83 34.85
N GLY F 30 8.70 -19.66 33.54
CA GLY F 30 7.39 -19.80 32.92
C GLY F 30 7.04 -21.21 32.50
N THR F 31 6.33 -21.92 33.38
CA THR F 31 5.78 -23.24 33.06
C THR F 31 6.85 -24.22 32.60
N TYR F 32 8.01 -24.18 33.23
CA TYR F 32 9.05 -25.20 33.06
C TYR F 32 9.45 -25.80 34.40
N VAL F 33 8.46 -26.09 35.24
CA VAL F 33 8.68 -26.57 36.60
C VAL F 33 8.18 -28.00 36.71
N SER F 34 9.06 -28.92 37.07
CA SER F 34 8.72 -30.33 37.19
C SER F 34 8.67 -30.75 38.66
N TRP F 35 7.98 -31.86 38.91
CA TRP F 35 7.75 -32.38 40.25
C TRP F 35 8.21 -33.83 40.31
N TYR F 36 9.11 -34.15 41.24
CA TYR F 36 9.67 -35.48 41.35
C TYR F 36 9.19 -36.16 42.63
N GLN F 37 9.11 -37.49 42.58
CA GLN F 37 8.64 -38.30 43.70
C GLN F 37 9.72 -39.30 44.07
N GLN F 38 10.39 -39.07 45.20
CA GLN F 38 11.47 -39.93 45.66
C GLN F 38 10.98 -40.74 46.87
N LYS F 39 10.89 -42.04 46.70
CA LYS F 39 10.61 -42.94 47.80
C LYS F 39 11.88 -43.26 48.56
N PRO F 40 11.79 -43.72 49.80
CA PRO F 40 13.01 -43.94 50.60
C PRO F 40 13.87 -45.05 50.02
N GLU F 41 15.14 -44.72 49.78
CA GLU F 41 16.13 -45.65 49.24
C GLU F 41 15.71 -46.21 47.88
N GLN F 42 15.35 -45.31 46.98
CA GLN F 42 15.05 -45.65 45.59
C GLN F 42 15.56 -44.53 44.71
N SER F 43 15.15 -44.55 43.44
CA SER F 43 15.52 -43.52 42.49
C SER F 43 14.33 -42.61 42.24
N PRO F 44 14.52 -41.29 42.28
CA PRO F 44 13.40 -40.37 42.07
C PRO F 44 12.77 -40.57 40.70
N LYS F 45 11.43 -40.63 40.69
CA LYS F 45 10.66 -40.76 39.46
C LYS F 45 10.13 -39.39 39.04
N LEU F 46 9.34 -39.38 37.98
CA LEU F 46 8.75 -38.15 37.45
C LEU F 46 7.24 -38.21 37.57
N LEU F 47 6.64 -37.09 37.94
CA LEU F 47 5.18 -36.98 38.01
C LEU F 47 4.61 -35.94 37.07
N ILE F 48 5.12 -34.71 37.13
CA ILE F 48 4.59 -33.61 36.34
C ILE F 48 5.74 -32.95 35.59
N TYR F 49 5.58 -32.76 34.29
CA TYR F 49 6.51 -31.97 33.51
C TYR F 49 5.77 -30.79 32.90
N GLY F 50 6.49 -29.70 32.68
CA GLY F 50 5.86 -28.47 32.27
C GLY F 50 4.99 -27.93 33.39
N ALA F 51 3.68 -28.03 33.24
CA ALA F 51 2.74 -27.71 34.30
C ALA F 51 1.39 -28.28 33.91
N SER F 52 0.71 -28.94 34.85
CA SER F 52 -0.59 -29.56 34.60
C SER F 52 -0.52 -30.61 33.50
N ASN F 53 0.63 -31.25 33.34
CA ASN F 53 0.79 -32.37 32.42
C ASN F 53 1.32 -33.55 33.20
N ARG F 54 0.69 -34.71 33.01
CA ARG F 54 1.06 -35.91 33.74
C ARG F 54 1.95 -36.79 32.87
N TYR F 55 3.09 -37.20 33.41
CA TYR F 55 3.92 -38.18 32.74
C TYR F 55 3.15 -39.49 32.62
N THR F 56 3.52 -40.29 31.63
CA THR F 56 2.79 -41.52 31.36
C THR F 56 2.93 -42.50 32.52
N GLY F 57 1.95 -43.40 32.65
CA GLY F 57 1.97 -44.38 33.70
C GLY F 57 1.73 -43.84 35.09
N VAL F 58 1.18 -42.64 35.21
CA VAL F 58 0.97 -41.99 36.50
C VAL F 58 -0.52 -41.97 36.81
N PRO F 59 -0.92 -42.25 38.05
CA PRO F 59 -2.35 -42.18 38.40
C PRO F 59 -2.92 -40.80 38.14
N ASP F 60 -4.25 -40.74 38.04
CA ASP F 60 -4.92 -39.48 37.73
C ASP F 60 -5.14 -38.59 38.94
N ARG F 61 -4.90 -39.09 40.15
CA ARG F 61 -5.13 -38.28 41.33
C ARG F 61 -4.12 -37.15 41.49
N PHE F 62 -3.06 -37.12 40.69
CA PHE F 62 -2.07 -36.06 40.73
C PHE F 62 -2.43 -34.98 39.71
N THR F 63 -2.59 -33.75 40.17
CA THR F 63 -2.88 -32.62 39.30
C THR F 63 -1.94 -31.47 39.65
N GLY F 64 -1.58 -30.69 38.62
CA GLY F 64 -0.74 -29.53 38.81
C GLY F 64 -1.38 -28.30 38.19
N SER F 65 -0.82 -27.15 38.55
CA SER F 65 -1.24 -25.86 38.01
C SER F 65 -0.21 -24.83 38.40
N GLY F 66 0.18 -23.98 37.46
CA GLY F 66 1.26 -23.05 37.70
C GLY F 66 1.13 -21.79 36.88
N SER F 67 2.05 -20.86 37.14
CA SER F 67 2.06 -19.54 36.54
C SER F 67 3.51 -19.09 36.46
N ALA F 68 3.72 -17.77 36.35
CA ALA F 68 5.07 -17.22 36.32
C ALA F 68 5.88 -17.67 37.55
N THR F 69 5.31 -17.51 38.74
CA THR F 69 6.04 -17.82 39.96
C THR F 69 5.34 -18.81 40.87
N ASP F 70 4.02 -18.75 41.00
CA ASP F 70 3.31 -19.66 41.87
C ASP F 70 3.15 -21.03 41.23
N PHE F 71 3.18 -22.08 42.05
CA PHE F 71 3.00 -23.43 41.57
C PHE F 71 2.35 -24.25 42.68
N THR F 72 1.61 -25.30 42.29
CA THR F 72 0.84 -26.05 43.26
C THR F 72 0.65 -27.48 42.77
N LEU F 73 1.02 -28.44 43.61
CA LEU F 73 0.78 -29.86 43.38
C LEU F 73 -0.29 -30.33 44.36
N THR F 74 -1.45 -30.67 43.84
CA THR F 74 -2.60 -31.06 44.66
C THR F 74 -2.89 -32.53 44.42
N ILE F 75 -2.66 -33.35 45.44
CA ILE F 75 -3.00 -34.77 45.39
C ILE F 75 -4.52 -34.91 45.53
N GLY F 76 -5.08 -35.94 44.92
CA GLY F 76 -6.50 -36.20 45.05
C GLY F 76 -6.79 -37.12 46.21
N SER F 77 -7.31 -38.31 45.91
CA SER F 77 -7.59 -39.32 46.93
C SER F 77 -6.28 -39.99 47.30
N VAL F 78 -5.62 -39.47 48.34
CA VAL F 78 -4.32 -39.99 48.75
C VAL F 78 -4.46 -41.45 49.17
N GLN F 79 -3.68 -42.32 48.55
CA GLN F 79 -3.72 -43.74 48.81
C GLN F 79 -2.78 -44.07 49.96
N ALA F 80 -2.53 -45.37 50.18
CA ALA F 80 -1.65 -45.78 51.27
C ALA F 80 -0.18 -45.62 50.89
N GLU F 81 0.17 -45.92 49.64
CA GLU F 81 1.56 -45.94 49.19
C GLU F 81 2.03 -44.58 48.68
N ASP F 82 1.30 -43.50 48.98
CA ASP F 82 1.68 -42.16 48.55
C ASP F 82 2.52 -41.43 49.58
N LEU F 83 3.26 -42.15 50.41
CA LEU F 83 4.15 -41.54 51.39
C LEU F 83 5.57 -41.57 50.83
N ALA F 84 6.12 -40.41 50.54
CA ALA F 84 7.46 -40.26 49.96
C ALA F 84 7.83 -38.78 50.04
N ASP F 85 8.92 -38.41 49.39
CA ASP F 85 9.38 -37.03 49.31
C ASP F 85 9.09 -36.49 47.92
N TYR F 86 8.52 -35.29 47.86
CA TYR F 86 8.21 -34.63 46.60
C TYR F 86 9.10 -33.43 46.41
N HIS F 87 9.82 -33.39 45.28
CA HIS F 87 10.78 -32.32 45.00
C HIS F 87 10.27 -31.50 43.82
N CYS F 88 10.20 -30.19 44.01
CA CYS F 88 9.86 -29.29 42.92
C CYS F 88 11.15 -28.83 42.25
N GLY F 89 11.21 -29.01 40.94
CA GLY F 89 12.42 -28.68 40.19
C GLY F 89 12.09 -27.91 38.92
N GLN F 90 12.90 -26.89 38.65
CA GLN F 90 12.71 -26.03 37.50
C GLN F 90 13.90 -26.16 36.56
N SER F 91 13.64 -25.96 35.27
CA SER F 91 14.69 -26.07 34.26
C SER F 91 14.60 -24.92 33.26
N TYR F 92 14.12 -23.76 33.69
CA TYR F 92 14.19 -22.58 32.83
C TYR F 92 15.62 -22.19 32.55
N SER F 93 16.48 -22.33 33.55
CA SER F 93 17.91 -22.09 33.41
C SER F 93 18.62 -23.34 33.89
N TYR F 94 19.93 -23.25 34.15
CA TYR F 94 20.65 -24.36 34.75
C TYR F 94 19.84 -24.92 35.92
N PRO F 95 19.49 -26.21 35.90
CA PRO F 95 18.44 -26.70 36.79
C PRO F 95 18.87 -26.67 38.26
N THR F 96 17.96 -26.21 39.11
CA THR F 96 18.12 -26.31 40.56
C THR F 96 16.89 -27.02 41.12
N PHE F 97 16.97 -27.40 42.39
CA PHE F 97 15.92 -28.17 43.03
C PHE F 97 15.51 -27.53 44.34
N GLY F 98 14.29 -27.80 44.76
CA GLY F 98 13.78 -27.27 46.01
C GLY F 98 14.30 -28.02 47.21
N ALA F 99 13.89 -27.55 48.40
CA ALA F 99 14.33 -28.18 49.63
C ALA F 99 13.71 -29.56 49.79
N GLY F 100 12.48 -29.75 49.33
CA GLY F 100 11.83 -31.04 49.42
C GLY F 100 10.81 -31.12 50.54
N THR F 101 9.67 -31.75 50.26
CA THR F 101 8.60 -31.92 51.23
C THR F 101 8.50 -33.39 51.60
N LYS F 102 8.38 -33.66 52.90
CA LYS F 102 8.28 -35.02 53.41
C LYS F 102 6.85 -35.28 53.86
N LEU F 103 6.24 -36.34 53.33
CA LEU F 103 4.83 -36.64 53.54
C LEU F 103 4.72 -37.96 54.30
N GLU F 104 4.04 -37.92 55.45
CA GLU F 104 3.81 -39.10 56.25
C GLU F 104 2.32 -39.24 56.54
N LEU F 105 1.86 -40.48 56.61
CA LEU F 105 0.47 -40.77 56.92
C LEU F 105 0.21 -40.61 58.43
N LYS F 106 -1.07 -40.59 58.80
CA LYS F 106 -1.45 -40.47 60.19
C LYS F 106 -2.67 -41.32 60.49
N VAL G 2 15.75 -45.49 28.18
CA VAL G 2 14.96 -46.39 29.03
C VAL G 2 15.71 -46.73 30.31
N GLN G 3 16.42 -47.85 30.29
CA GLN G 3 17.19 -48.30 31.45
C GLN G 3 18.56 -47.65 31.48
N LEU G 4 18.95 -47.17 32.66
CA LEU G 4 20.27 -46.61 32.89
C LEU G 4 20.98 -47.43 33.94
N GLN G 5 22.19 -47.87 33.62
CA GLN G 5 23.00 -48.68 34.52
C GLN G 5 24.21 -47.87 34.98
N GLN G 6 24.55 -47.99 36.26
CA GLN G 6 25.71 -47.33 36.83
C GLN G 6 26.68 -48.36 37.39
N SER G 7 27.79 -47.86 37.94
CA SER G 7 28.80 -48.71 38.54
C SER G 7 28.40 -49.06 39.97
N GLY G 8 29.22 -49.88 40.63
CA GLY G 8 29.00 -50.25 42.00
C GLY G 8 29.51 -49.19 42.96
N ALA G 9 29.49 -49.55 44.25
CA ALA G 9 29.91 -48.62 45.29
C ALA G 9 31.40 -48.32 45.20
N GLU G 10 31.77 -47.15 45.68
CA GLU G 10 33.15 -46.67 45.66
C GLU G 10 33.55 -46.19 47.05
N LEU G 11 34.65 -46.72 47.57
CA LEU G 11 35.19 -46.32 48.86
C LEU G 11 36.64 -45.89 48.64
N VAL G 12 36.94 -44.62 48.95
CA VAL G 12 38.24 -44.06 48.63
C VAL G 12 38.64 -43.06 49.70
N LYS G 13 39.94 -42.99 49.98
CA LYS G 13 40.49 -42.11 50.99
C LYS G 13 40.69 -40.70 50.43
N PRO G 14 40.70 -39.68 51.29
CA PRO G 14 40.86 -38.30 50.80
C PRO G 14 42.17 -38.12 50.06
N GLY G 15 42.13 -37.29 49.03
CA GLY G 15 43.30 -37.05 48.21
C GLY G 15 43.46 -38.00 47.04
N ALA G 16 42.38 -38.61 46.57
CA ALA G 16 42.46 -39.54 45.45
C ALA G 16 41.27 -39.33 44.53
N SER G 17 41.48 -39.57 43.25
CA SER G 17 40.45 -39.38 42.24
C SER G 17 39.66 -40.67 42.03
N VAL G 18 38.35 -40.53 41.91
CA VAL G 18 37.46 -41.65 41.63
C VAL G 18 36.65 -41.31 40.39
N LYS G 19 36.31 -42.34 39.61
CA LYS G 19 35.66 -42.16 38.32
C LYS G 19 34.38 -42.97 38.29
N LEU G 20 33.24 -42.27 38.17
CA LEU G 20 31.94 -42.89 38.16
C LEU G 20 31.38 -42.88 36.74
N SER G 21 30.61 -43.91 36.41
CA SER G 21 30.15 -44.10 35.04
C SER G 21 28.72 -44.62 35.04
N CYS G 22 27.87 -44.03 34.19
CA CYS G 22 26.54 -44.54 33.91
C CYS G 22 26.48 -44.95 32.45
N THR G 23 26.10 -46.20 32.20
CA THR G 23 26.09 -46.76 30.86
C THR G 23 24.66 -46.78 30.34
N ALA G 24 24.38 -45.97 29.33
CA ALA G 24 23.05 -45.92 28.74
C ALA G 24 22.74 -47.21 28.00
N SER G 25 21.44 -47.45 27.80
CA SER G 25 20.98 -48.63 27.10
C SER G 25 19.56 -48.40 26.62
N GLY G 26 19.27 -48.83 25.39
CA GLY G 26 17.95 -48.67 24.82
C GLY G 26 17.73 -47.38 24.07
N PHE G 27 18.71 -46.49 24.03
CA PHE G 27 18.59 -45.26 23.27
C PHE G 27 19.99 -44.77 22.94
N ASN G 28 20.11 -44.04 21.83
CA ASN G 28 21.38 -43.47 21.45
C ASN G 28 21.65 -42.22 22.28
N ILE G 29 22.87 -42.12 22.80
CA ILE G 29 23.20 -41.01 23.70
C ILE G 29 23.32 -39.68 22.95
N LYS G 30 23.63 -39.73 21.65
CA LYS G 30 23.86 -38.50 20.90
C LYS G 30 22.59 -37.69 20.67
N ASP G 31 21.44 -38.14 21.18
CA ASP G 31 20.20 -37.40 20.97
C ASP G 31 19.93 -36.39 22.08
N THR G 32 20.17 -36.76 23.34
CA THR G 32 19.82 -35.93 24.47
C THR G 32 21.04 -35.64 25.32
N TYR G 33 20.91 -34.66 26.22
CA TYR G 33 21.98 -34.32 27.13
C TYR G 33 22.10 -35.39 28.22
N MET G 34 23.05 -35.19 29.13
CA MET G 34 23.21 -36.05 30.29
C MET G 34 23.48 -35.16 31.50
N TYR G 35 22.76 -35.39 32.59
CA TYR G 35 22.90 -34.61 33.81
C TYR G 35 23.55 -35.45 34.90
N TRP G 36 23.90 -34.77 36.00
CA TRP G 36 24.46 -35.43 37.18
C TRP G 36 23.95 -34.72 38.42
N VAL G 37 23.18 -35.43 39.24
CA VAL G 37 22.60 -34.88 40.46
C VAL G 37 23.14 -35.67 41.65
N LYS G 38 23.63 -34.95 42.65
CA LYS G 38 24.13 -35.57 43.88
C LYS G 38 23.18 -35.29 45.04
N GLN G 39 22.98 -36.28 45.89
CA GLN G 39 22.05 -36.18 47.00
C GLN G 39 22.74 -36.67 48.27
N ARG G 40 22.92 -35.75 49.22
CA ARG G 40 23.39 -36.11 50.54
C ARG G 40 22.27 -36.83 51.29
N PRO G 41 22.56 -37.41 52.47
CA PRO G 41 21.49 -38.06 53.24
C PRO G 41 20.40 -37.08 53.66
N GLU G 42 19.21 -37.25 53.09
CA GLU G 42 18.01 -36.50 53.45
C GLU G 42 18.23 -34.99 53.31
N GLN G 43 18.50 -34.58 52.08
CA GLN G 43 18.58 -33.17 51.71
C GLN G 43 18.02 -33.00 50.32
N GLY G 44 17.90 -31.75 49.89
CA GLY G 44 17.41 -31.49 48.56
C GLY G 44 18.43 -31.85 47.50
N LEU G 45 17.92 -32.26 46.34
CA LEU G 45 18.79 -32.61 45.23
C LEU G 45 19.60 -31.40 44.78
N GLU G 46 20.79 -31.66 44.26
CA GLU G 46 21.72 -30.61 43.87
C GLU G 46 22.34 -30.96 42.53
N TRP G 47 22.57 -29.94 41.70
CA TRP G 47 23.04 -30.14 40.35
C TRP G 47 24.57 -30.02 40.30
N ILE G 48 25.22 -30.94 39.59
CA ILE G 48 26.67 -30.93 39.47
C ILE G 48 27.08 -30.34 38.13
N GLY G 49 26.69 -30.99 37.04
CA GLY G 49 27.12 -30.53 35.73
C GLY G 49 26.28 -31.16 34.63
N ARG G 50 26.53 -30.67 33.41
CA ARG G 50 25.82 -31.12 32.23
C ARG G 50 26.80 -31.32 31.09
N ILE G 51 26.59 -32.39 30.33
CA ILE G 51 27.45 -32.71 29.19
C ILE G 51 26.59 -32.91 27.95
N ASP G 52 27.13 -32.52 26.80
CA ASP G 52 26.47 -32.75 25.51
C ASP G 52 27.36 -33.67 24.68
N PRO G 53 26.95 -34.91 24.42
CA PRO G 53 27.86 -35.86 23.77
C PRO G 53 28.25 -35.45 22.35
N ALA G 54 27.34 -34.83 21.60
CA ALA G 54 27.62 -34.50 20.21
C ALA G 54 28.69 -33.41 20.12
N ASN G 55 28.42 -32.24 20.68
CA ASN G 55 29.35 -31.12 20.57
C ASN G 55 30.52 -31.28 21.53
N GLY G 56 30.23 -31.51 22.81
CA GLY G 56 31.25 -31.61 23.84
C GLY G 56 31.19 -30.53 24.89
N ASP G 57 30.29 -29.55 24.74
CA ASP G 57 30.20 -28.47 25.70
C ASP G 57 29.75 -28.99 27.06
N THR G 58 30.40 -28.51 28.12
CA THR G 58 30.07 -28.89 29.49
C THR G 58 30.01 -27.64 30.36
N LYS G 59 28.92 -27.49 31.11
CA LYS G 59 28.75 -26.39 32.04
C LYS G 59 28.55 -26.95 33.44
N TYR G 60 29.17 -26.30 34.42
CA TYR G 60 29.20 -26.81 35.78
C TYR G 60 28.63 -25.79 36.75
N ASP G 61 28.12 -26.30 37.87
CA ASP G 61 27.70 -25.45 38.98
C ASP G 61 28.92 -24.72 39.54
N PRO G 62 28.90 -23.38 39.58
CA PRO G 62 30.10 -22.65 40.02
C PRO G 62 30.69 -23.12 41.34
N LYS G 63 29.87 -23.65 42.25
CA LYS G 63 30.43 -24.14 43.51
C LYS G 63 31.20 -25.44 43.33
N PHE G 64 31.03 -26.13 42.20
CA PHE G 64 31.76 -27.36 41.92
C PHE G 64 32.72 -27.24 40.76
N GLN G 65 32.83 -26.06 40.14
CA GLN G 65 33.62 -25.94 38.93
C GLN G 65 35.10 -26.12 39.24
N GLY G 66 35.75 -27.00 38.49
CA GLY G 66 37.13 -27.36 38.70
C GLY G 66 37.31 -28.61 39.54
N LYS G 67 36.32 -28.94 40.38
CA LYS G 67 36.42 -30.12 41.23
C LYS G 67 36.06 -31.39 40.46
N ALA G 68 35.08 -31.32 39.58
CA ALA G 68 34.61 -32.48 38.84
C ALA G 68 34.60 -32.19 37.34
N THR G 69 35.06 -33.16 36.57
CA THR G 69 35.12 -33.06 35.11
C THR G 69 34.29 -34.17 34.51
N ILE G 70 33.42 -33.81 33.57
CA ILE G 70 32.51 -34.77 32.93
C ILE G 70 32.99 -34.99 31.50
N THR G 71 33.27 -36.25 31.17
CA THR G 71 33.64 -36.64 29.83
C THR G 71 32.76 -37.80 29.38
N THR G 72 32.61 -37.94 28.07
CA THR G 72 31.78 -38.99 27.50
C THR G 72 32.53 -39.74 26.42
N ASP G 73 32.22 -41.03 26.31
CA ASP G 73 32.75 -41.89 25.25
C ASP G 73 31.58 -42.26 24.34
N THR G 74 31.49 -41.59 23.20
CA THR G 74 30.31 -41.74 22.34
C THR G 74 30.22 -43.15 21.76
N PHE G 75 31.36 -43.74 21.39
CA PHE G 75 31.33 -45.03 20.70
C PHE G 75 30.89 -46.14 21.65
N SER G 76 31.28 -46.08 22.91
CA SER G 76 30.86 -47.07 23.89
C SER G 76 29.53 -46.70 24.54
N ASN G 77 28.99 -45.53 24.25
CA ASN G 77 27.69 -45.09 24.75
C ASN G 77 27.69 -45.09 26.29
N THR G 78 28.55 -44.26 26.85
CA THR G 78 28.74 -44.19 28.30
C THR G 78 29.16 -42.78 28.67
N ALA G 79 28.66 -42.29 29.81
CA ALA G 79 29.04 -40.99 30.35
C ALA G 79 29.86 -41.20 31.62
N TYR G 80 30.96 -40.47 31.72
CA TYR G 80 31.91 -40.63 32.83
C TYR G 80 31.95 -39.38 33.68
N LEU G 81 32.04 -39.58 35.00
CA LEU G 81 32.17 -38.50 35.97
C LEU G 81 33.42 -38.71 36.79
N GLN G 82 34.32 -37.75 36.77
CA GLN G 82 35.59 -37.83 37.49
C GLN G 82 35.58 -36.84 38.64
N LEU G 83 35.87 -37.35 39.84
CA LEU G 83 35.95 -36.53 41.04
C LEU G 83 37.41 -36.36 41.45
N SER G 84 37.77 -35.14 41.84
CA SER G 84 39.12 -34.84 42.30
C SER G 84 39.03 -33.95 43.52
N SER G 85 40.09 -33.98 44.33
CA SER G 85 40.18 -33.19 45.56
C SER G 85 39.02 -33.51 46.50
N LEU G 86 38.95 -34.78 46.89
CA LEU G 86 37.86 -35.25 47.74
C LEU G 86 38.12 -34.88 49.19
N THR G 87 37.05 -34.51 49.89
CA THR G 87 37.10 -34.18 51.30
C THR G 87 36.10 -35.07 52.04
N SER G 88 36.14 -34.99 53.37
CA SER G 88 35.28 -35.86 54.18
C SER G 88 33.81 -35.56 53.94
N GLU G 89 33.46 -34.28 53.80
CA GLU G 89 32.07 -33.88 53.63
C GLU G 89 31.52 -34.14 52.24
N ASP G 90 32.30 -34.75 51.35
CA ASP G 90 31.85 -35.03 50.00
C ASP G 90 31.05 -36.32 49.90
N THR G 91 30.88 -37.05 51.00
CA THR G 91 30.13 -38.30 50.98
C THR G 91 28.67 -38.06 50.64
N ALA G 92 28.22 -38.56 49.48
CA ALA G 92 26.85 -38.40 49.03
C ALA G 92 26.62 -39.36 47.88
N VAL G 93 25.35 -39.55 47.53
CA VAL G 93 24.96 -40.42 46.44
C VAL G 93 24.98 -39.62 45.14
N TYR G 94 25.33 -40.27 44.04
CA TYR G 94 25.44 -39.62 42.75
C TYR G 94 24.49 -40.28 41.75
N TYR G 95 23.80 -39.46 40.96
CA TYR G 95 22.79 -39.93 40.02
C TYR G 95 23.13 -39.50 38.60
N CYS G 96 22.79 -40.37 37.65
CA CYS G 96 22.88 -40.09 36.23
C CYS G 96 21.48 -39.80 35.71
N ALA G 97 21.38 -38.84 34.79
CA ALA G 97 20.06 -38.40 34.33
C ALA G 97 20.10 -38.14 32.84
N ARG G 98 18.90 -38.17 32.23
CA ARG G 98 18.71 -37.87 30.82
C ARG G 98 17.69 -36.73 30.72
N LYS G 99 17.77 -35.97 29.63
CA LYS G 99 16.79 -34.94 29.35
C LYS G 99 15.74 -35.48 28.40
N GLY G 100 14.50 -35.02 28.58
CA GLY G 100 13.42 -35.43 27.69
C GLY G 100 12.08 -34.87 28.09
N LEU G 101 11.28 -34.46 27.10
CA LEU G 101 9.93 -33.97 27.32
C LEU G 101 9.92 -32.75 28.24
N ARG G 102 10.43 -31.65 27.70
CA ARG G 102 10.41 -30.34 28.35
C ARG G 102 11.36 -30.29 29.55
N TRP G 103 12.53 -30.89 29.41
CA TRP G 103 13.63 -30.66 30.35
C TRP G 103 13.24 -31.11 31.76
N ALA G 104 12.79 -32.35 31.87
CA ALA G 104 12.18 -32.84 33.10
C ALA G 104 12.87 -34.05 33.71
N MET G 105 13.94 -34.56 33.11
CA MET G 105 14.71 -35.67 33.66
C MET G 105 13.83 -36.91 33.84
N ASP G 106 13.34 -37.44 32.72
CA ASP G 106 12.33 -38.49 32.81
C ASP G 106 12.90 -39.80 33.34
N TYR G 107 14.15 -40.12 33.04
CA TYR G 107 14.76 -41.35 33.50
C TYR G 107 15.95 -41.06 34.41
N TRP G 108 16.06 -41.82 35.49
CA TRP G 108 17.12 -41.67 36.47
C TRP G 108 17.81 -43.01 36.68
N GLY G 109 19.09 -42.97 37.02
CA GLY G 109 19.85 -44.18 37.25
C GLY G 109 19.54 -44.82 38.58
N GLN G 110 20.25 -45.90 38.87
CA GLN G 110 20.11 -46.56 40.17
C GLN G 110 20.65 -45.68 41.29
N GLY G 111 21.89 -45.21 41.15
CA GLY G 111 22.45 -44.39 42.20
C GLY G 111 23.67 -45.05 42.81
N THR G 112 24.79 -44.33 42.75
CA THR G 112 26.07 -44.82 43.26
C THR G 112 26.39 -44.13 44.58
N SER G 113 26.89 -44.92 45.53
CA SER G 113 27.23 -44.40 46.85
C SER G 113 28.75 -44.26 46.94
N VAL G 114 29.21 -43.05 47.24
CA VAL G 114 30.64 -42.77 47.39
C VAL G 114 30.87 -42.27 48.81
N THR G 115 31.77 -42.92 49.53
CA THR G 115 32.13 -42.54 50.90
C THR G 115 33.60 -42.19 50.95
N VAL G 116 33.92 -41.00 51.43
CA VAL G 116 35.29 -40.52 51.55
C VAL G 116 35.64 -40.43 53.02
N SER G 117 36.70 -41.13 53.42
CA SER G 117 37.17 -41.11 54.81
C SER G 117 38.60 -41.61 54.90
N ASN H 1 -37.07 4.33 -29.26
CA ASN H 1 -36.76 3.66 -30.52
C ASN H 1 -35.99 4.61 -31.44
N ILE H 2 -34.90 4.10 -32.02
CA ILE H 2 -34.09 4.91 -32.93
C ILE H 2 -34.85 5.12 -34.23
N VAL H 3 -34.83 6.36 -34.73
CA VAL H 3 -35.49 6.73 -35.97
C VAL H 3 -34.42 7.18 -36.95
N MET H 4 -34.60 6.80 -38.23
CA MET H 4 -33.62 7.10 -39.27
C MET H 4 -34.30 7.95 -40.34
N THR H 5 -33.93 9.23 -40.40
CA THR H 5 -34.46 10.15 -41.39
C THR H 5 -33.54 10.18 -42.60
N GLN H 6 -34.09 9.86 -43.76
CA GLN H 6 -33.33 9.81 -45.00
C GLN H 6 -33.79 10.92 -45.93
N SER H 7 -32.84 11.59 -46.57
CA SER H 7 -33.10 12.68 -47.49
C SER H 7 -32.09 12.62 -48.63
N PRO H 8 -32.50 12.96 -49.86
CA PRO H 8 -33.85 13.40 -50.25
C PRO H 8 -34.82 12.24 -50.35
N LYS H 9 -36.10 12.54 -50.60
CA LYS H 9 -37.09 11.49 -50.72
C LYS H 9 -36.94 10.76 -52.05
N SER H 10 -36.73 11.49 -53.14
CA SER H 10 -36.48 10.90 -54.44
C SER H 10 -35.83 11.95 -55.33
N MET H 11 -34.79 11.55 -56.05
CA MET H 11 -34.07 12.48 -56.89
C MET H 11 -33.64 11.79 -58.17
N SER H 12 -33.58 12.57 -59.25
CA SER H 12 -33.22 12.06 -60.57
C SER H 12 -31.98 12.79 -61.06
N MET H 13 -31.02 12.03 -61.59
CA MET H 13 -29.78 12.58 -62.07
C MET H 13 -29.40 11.94 -63.40
N SER H 14 -28.77 12.73 -64.26
CA SER H 14 -28.38 12.25 -65.57
C SER H 14 -27.16 11.34 -65.46
N VAL H 15 -26.85 10.67 -66.58
CA VAL H 15 -25.77 9.68 -66.60
C VAL H 15 -24.43 10.37 -66.39
N GLY H 16 -23.54 9.70 -65.67
CA GLY H 16 -22.18 10.19 -65.50
C GLY H 16 -22.03 11.36 -64.56
N GLU H 17 -23.04 11.65 -63.74
CA GLU H 17 -23.02 12.79 -62.85
C GLU H 17 -22.82 12.34 -61.40
N ARG H 18 -22.40 13.28 -60.57
CA ARG H 18 -22.15 13.01 -59.16
C ARG H 18 -23.46 13.03 -58.38
N VAL H 19 -23.66 12.03 -57.52
CA VAL H 19 -24.88 11.91 -56.72
C VAL H 19 -24.50 11.71 -55.27
N THR H 20 -25.20 12.39 -54.37
CA THR H 20 -24.91 12.34 -52.95
C THR H 20 -26.21 12.23 -52.16
N LEU H 21 -26.26 11.28 -51.25
CA LEU H 21 -27.42 11.04 -50.39
C LEU H 21 -27.02 11.24 -48.93
N SER H 22 -28.02 11.50 -48.08
CA SER H 22 -27.79 11.76 -46.67
C SER H 22 -28.76 10.94 -45.83
N CYS H 23 -28.27 10.48 -44.67
CA CYS H 23 -29.07 9.67 -43.74
C CYS H 23 -28.83 10.19 -42.33
N LYS H 24 -29.64 11.17 -41.92
CA LYS H 24 -29.52 11.73 -40.57
C LYS H 24 -30.12 10.77 -39.56
N ALA H 25 -29.40 10.55 -38.47
CA ALA H 25 -29.81 9.63 -37.41
C ALA H 25 -30.13 10.43 -36.16
N SER H 26 -31.38 10.36 -35.71
CA SER H 26 -31.82 11.17 -34.58
C SER H 26 -31.04 10.83 -33.31
N GLU H 27 -31.05 9.56 -32.93
CA GLU H 27 -30.32 9.11 -31.75
C GLU H 27 -28.86 8.95 -32.11
N TYR H 28 -28.09 8.31 -31.22
CA TYR H 28 -26.69 8.01 -31.46
C TYR H 28 -26.55 6.64 -32.09
N VAL H 29 -25.74 6.55 -33.16
CA VAL H 29 -25.36 5.27 -33.76
C VAL H 29 -23.89 5.37 -34.14
N GLY H 30 -23.03 4.63 -33.44
CA GLY H 30 -21.61 4.75 -33.61
C GLY H 30 -21.03 4.00 -34.79
N THR H 31 -21.24 4.54 -36.00
CA THR H 31 -20.63 4.01 -37.22
C THR H 31 -21.00 2.54 -37.46
N TYR H 32 -22.30 2.25 -37.42
CA TYR H 32 -22.81 0.96 -37.82
C TYR H 32 -23.88 1.09 -38.90
N VAL H 33 -23.84 2.18 -39.66
CA VAL H 33 -24.80 2.36 -40.74
C VAL H 33 -24.43 1.47 -41.91
N SER H 34 -25.45 0.93 -42.58
CA SER H 34 -25.23 0.03 -43.69
C SER H 34 -26.20 0.38 -44.82
N TRP H 35 -25.68 0.54 -46.02
CA TRP H 35 -26.45 0.97 -47.17
C TRP H 35 -26.81 -0.23 -48.03
N TYR H 36 -28.10 -0.39 -48.34
CA TYR H 36 -28.57 -1.51 -49.13
C TYR H 36 -29.12 -1.02 -50.46
N GLN H 37 -28.81 -1.76 -51.53
CA GLN H 37 -29.31 -1.48 -52.86
C GLN H 37 -30.37 -2.51 -53.23
N GLN H 38 -31.51 -2.05 -53.72
CA GLN H 38 -32.60 -2.92 -54.13
C GLN H 38 -33.07 -2.53 -55.52
N LYS H 39 -32.72 -3.35 -56.51
CA LYS H 39 -33.26 -3.20 -57.85
C LYS H 39 -34.72 -3.62 -57.85
N PRO H 40 -35.48 -3.24 -58.88
CA PRO H 40 -36.91 -3.58 -58.87
C PRO H 40 -37.12 -5.08 -59.02
N GLU H 41 -37.92 -5.64 -58.11
CA GLU H 41 -38.34 -7.04 -58.14
C GLU H 41 -37.16 -7.99 -57.98
N GLN H 42 -36.25 -7.66 -57.06
CA GLN H 42 -35.17 -8.56 -56.68
C GLN H 42 -35.03 -8.50 -55.16
N SER H 43 -33.93 -9.05 -54.66
CA SER H 43 -33.62 -9.05 -53.24
C SER H 43 -32.53 -8.02 -52.94
N PRO H 44 -32.63 -7.35 -51.79
CA PRO H 44 -31.62 -6.34 -51.45
C PRO H 44 -30.22 -6.93 -51.37
N LYS H 45 -29.23 -6.09 -51.62
CA LYS H 45 -27.83 -6.47 -51.54
C LYS H 45 -27.09 -5.46 -50.68
N LEU H 46 -25.94 -5.86 -50.17
CA LEU H 46 -25.15 -5.04 -49.25
C LEU H 46 -24.07 -4.31 -50.03
N LEU H 47 -24.09 -2.98 -49.97
CA LEU H 47 -23.06 -2.15 -50.59
C LEU H 47 -21.98 -1.75 -49.60
N ILE H 48 -22.34 -1.07 -48.52
CA ILE H 48 -21.41 -0.51 -47.57
C ILE H 48 -21.79 -0.97 -46.18
N TYR H 49 -20.82 -1.48 -45.42
CA TYR H 49 -21.04 -1.87 -44.04
C TYR H 49 -20.10 -1.08 -43.14
N GLY H 50 -20.64 -0.56 -42.05
CA GLY H 50 -19.88 0.31 -41.19
C GLY H 50 -19.84 1.72 -41.73
N ALA H 51 -18.67 2.14 -42.21
CA ALA H 51 -18.53 3.45 -42.84
C ALA H 51 -17.29 3.42 -43.70
N SER H 52 -17.43 3.83 -44.97
CA SER H 52 -16.31 3.91 -45.91
C SER H 52 -15.63 2.56 -46.10
N ASN H 53 -16.36 1.46 -45.86
CA ASN H 53 -15.89 0.12 -46.12
C ASN H 53 -16.78 -0.51 -47.17
N ARG H 54 -16.17 -1.02 -48.25
CA ARG H 54 -16.92 -1.61 -49.35
C ARG H 54 -16.97 -3.12 -49.19
N TYR H 55 -18.18 -3.67 -49.23
CA TYR H 55 -18.34 -5.11 -49.29
C TYR H 55 -17.75 -5.64 -50.58
N THR H 56 -17.25 -6.87 -50.54
CA THR H 56 -16.55 -7.43 -51.69
C THR H 56 -17.48 -7.54 -52.88
N GLY H 57 -16.89 -7.41 -54.08
CA GLY H 57 -17.66 -7.45 -55.31
C GLY H 57 -18.36 -6.16 -55.67
N VAL H 58 -18.18 -5.09 -54.90
CA VAL H 58 -18.83 -3.82 -55.16
C VAL H 58 -17.90 -2.95 -56.00
N PRO H 59 -18.42 -2.28 -57.03
CA PRO H 59 -17.57 -1.40 -57.86
C PRO H 59 -16.92 -0.30 -57.04
N ASP H 60 -15.96 0.37 -57.65
CA ASP H 60 -15.14 1.36 -56.95
C ASP H 60 -15.83 2.70 -56.81
N ARG H 61 -16.90 2.96 -57.57
CA ARG H 61 -17.55 4.27 -57.52
C ARG H 61 -18.41 4.46 -56.27
N PHE H 62 -18.87 3.37 -55.65
CA PHE H 62 -19.66 3.49 -54.43
C PHE H 62 -18.74 3.81 -53.25
N THR H 63 -18.89 5.00 -52.69
CA THR H 63 -18.09 5.42 -51.55
C THR H 63 -18.97 6.14 -50.54
N GLY H 64 -18.72 5.87 -49.26
CA GLY H 64 -19.49 6.49 -48.20
C GLY H 64 -18.59 7.06 -47.13
N SER H 65 -19.16 7.95 -46.32
CA SER H 65 -18.45 8.57 -45.21
C SER H 65 -19.39 8.62 -44.02
N GLY H 66 -18.83 8.60 -42.83
CA GLY H 66 -19.61 8.45 -41.61
C GLY H 66 -19.10 9.33 -40.50
N SER H 67 -19.99 9.60 -39.56
CA SER H 67 -19.69 10.41 -38.39
C SER H 67 -20.46 9.81 -37.21
N ALA H 68 -20.59 10.61 -36.15
CA ALA H 68 -21.35 10.16 -34.99
C ALA H 68 -22.83 9.99 -35.33
N THR H 69 -23.44 11.03 -35.91
CA THR H 69 -24.87 11.01 -36.20
C THR H 69 -25.22 11.46 -37.62
N ASP H 70 -24.24 11.71 -38.47
CA ASP H 70 -24.48 12.16 -39.84
C ASP H 70 -23.77 11.23 -40.81
N PHE H 71 -24.49 10.75 -41.81
CA PHE H 71 -23.96 9.73 -42.70
C PHE H 71 -24.29 10.08 -44.15
N THR H 72 -23.36 9.76 -45.05
CA THR H 72 -23.44 10.22 -46.42
C THR H 72 -22.92 9.16 -47.38
N LEU H 73 -23.69 8.87 -48.42
CA LEU H 73 -23.28 8.00 -49.52
C LEU H 73 -22.92 8.86 -50.73
N THR H 74 -21.86 8.48 -51.43
CA THR H 74 -21.35 9.26 -52.55
C THR H 74 -21.10 8.34 -53.74
N ILE H 75 -22.02 8.36 -54.70
CA ILE H 75 -21.83 7.61 -55.93
C ILE H 75 -20.86 8.37 -56.82
N GLY H 76 -20.11 7.64 -57.65
CA GLY H 76 -19.19 8.28 -58.57
C GLY H 76 -19.86 8.58 -59.89
N SER H 77 -19.41 7.92 -60.95
CA SER H 77 -20.03 8.07 -62.27
C SER H 77 -21.22 7.12 -62.35
N VAL H 78 -22.42 7.66 -62.16
CA VAL H 78 -23.63 6.84 -62.20
C VAL H 78 -23.76 6.21 -63.58
N GLN H 79 -24.28 5.00 -63.63
CA GLN H 79 -24.40 4.21 -64.85
C GLN H 79 -25.88 3.97 -65.14
N ALA H 80 -26.13 3.12 -66.15
CA ALA H 80 -27.51 2.78 -66.49
C ALA H 80 -28.13 1.86 -65.45
N GLU H 81 -27.35 0.89 -64.96
CA GLU H 81 -27.90 -0.12 -64.06
C GLU H 81 -28.01 0.37 -62.62
N ASP H 82 -27.35 1.47 -62.26
CA ASP H 82 -27.33 1.91 -60.87
C ASP H 82 -28.66 2.50 -60.42
N LEU H 83 -29.66 2.58 -61.28
CA LEU H 83 -30.97 3.07 -60.87
C LEU H 83 -31.69 1.99 -60.07
N ALA H 84 -31.95 2.28 -58.80
CA ALA H 84 -32.59 1.33 -57.88
C ALA H 84 -32.99 2.10 -56.64
N ASP H 85 -33.40 1.38 -55.60
CA ASP H 85 -33.72 1.98 -54.31
C ASP H 85 -32.53 1.83 -53.37
N TYR H 86 -32.36 2.81 -52.49
CA TYR H 86 -31.24 2.81 -51.55
C TYR H 86 -31.76 3.05 -50.14
N HIS H 87 -31.43 2.14 -49.24
CA HIS H 87 -31.90 2.16 -47.86
C HIS H 87 -30.71 2.24 -46.92
N CYS H 88 -30.76 3.18 -45.98
CA CYS H 88 -29.78 3.25 -44.90
C CYS H 88 -30.41 2.64 -43.64
N GLY H 89 -29.68 1.76 -42.99
CA GLY H 89 -30.20 1.13 -41.79
C GLY H 89 -29.14 0.90 -40.74
N GLN H 90 -29.39 1.37 -39.52
CA GLN H 90 -28.45 1.25 -38.42
C GLN H 90 -28.70 -0.02 -37.64
N SER H 91 -27.63 -0.65 -37.18
CA SER H 91 -27.70 -1.87 -36.39
C SER H 91 -27.01 -1.71 -35.04
N TYR H 92 -26.81 -0.46 -34.59
CA TYR H 92 -26.25 -0.22 -33.27
C TYR H 92 -27.10 -0.88 -32.18
N SER H 93 -28.41 -0.80 -32.32
CA SER H 93 -29.37 -1.43 -31.43
C SER H 93 -30.27 -2.30 -32.28
N TYR H 94 -31.40 -2.72 -31.71
CA TYR H 94 -32.41 -3.44 -32.49
C TYR H 94 -32.63 -2.69 -33.80
N PRO H 95 -32.25 -3.28 -34.92
CA PRO H 95 -32.09 -2.50 -36.15
C PRO H 95 -33.41 -1.96 -36.69
N THR H 96 -33.32 -0.80 -37.33
CA THR H 96 -34.43 -0.23 -38.06
C THR H 96 -33.88 0.49 -39.29
N PHE H 97 -34.71 0.58 -40.32
CA PHE H 97 -34.29 1.10 -41.62
C PHE H 97 -34.90 2.48 -41.86
N GLY H 98 -34.36 3.14 -42.89
CA GLY H 98 -34.87 4.42 -43.31
C GLY H 98 -36.09 4.27 -44.21
N ALA H 99 -36.61 5.43 -44.63
CA ALA H 99 -37.77 5.42 -45.52
C ALA H 99 -37.43 4.85 -46.87
N GLY H 100 -36.30 5.23 -47.44
CA GLY H 100 -35.92 4.74 -48.74
C GLY H 100 -35.91 5.85 -49.77
N THR H 101 -35.01 5.72 -50.75
CA THR H 101 -34.85 6.70 -51.81
C THR H 101 -34.86 5.98 -53.15
N LYS H 102 -35.67 6.47 -54.08
CA LYS H 102 -35.74 5.94 -55.43
C LYS H 102 -35.01 6.89 -56.37
N LEU H 103 -34.11 6.35 -57.18
CA LEU H 103 -33.27 7.15 -58.07
C LEU H 103 -33.51 6.68 -59.51
N GLU H 104 -34.31 7.44 -60.25
CA GLU H 104 -34.59 7.16 -61.65
C GLU H 104 -33.75 8.08 -62.53
N LEU H 105 -33.11 7.51 -63.54
CA LEU H 105 -32.30 8.32 -64.44
C LEU H 105 -33.19 9.22 -65.29
N LYS H 106 -32.57 10.25 -65.88
CA LYS H 106 -33.29 11.24 -66.66
C LYS H 106 -32.76 11.31 -68.09
N GLN I 3 -27.57 -19.03 -51.53
CA GLN I 3 -27.27 -19.42 -50.16
C GLN I 3 -28.53 -19.79 -49.39
N LEU I 4 -29.58 -18.98 -49.56
CA LEU I 4 -30.81 -19.13 -48.79
C LEU I 4 -31.97 -19.44 -49.72
N GLN I 5 -32.92 -20.24 -49.22
CA GLN I 5 -34.16 -20.54 -49.92
C GLN I 5 -35.33 -20.33 -48.99
N GLN I 6 -36.48 -20.00 -49.56
CA GLN I 6 -37.70 -19.82 -48.79
C GLN I 6 -38.84 -20.60 -49.43
N SER I 7 -39.97 -20.62 -48.74
CA SER I 7 -41.15 -21.32 -49.23
C SER I 7 -41.74 -20.59 -50.44
N GLY I 8 -42.63 -21.27 -51.14
CA GLY I 8 -43.32 -20.68 -52.27
C GLY I 8 -44.36 -19.66 -51.84
N ALA I 9 -44.94 -18.99 -52.83
CA ALA I 9 -45.96 -17.98 -52.57
C ALA I 9 -47.10 -18.57 -51.77
N GLU I 10 -47.65 -17.76 -50.86
CA GLU I 10 -48.67 -18.21 -49.94
C GLU I 10 -49.93 -17.37 -50.09
N LEU I 11 -51.09 -18.04 -50.12
CA LEU I 11 -52.38 -17.38 -50.13
C LEU I 11 -53.23 -17.97 -49.01
N VAL I 12 -53.74 -17.11 -48.14
CA VAL I 12 -54.48 -17.57 -46.97
C VAL I 12 -55.56 -16.55 -46.63
N LYS I 13 -56.66 -17.04 -46.07
CA LYS I 13 -57.75 -16.20 -45.63
C LYS I 13 -57.42 -15.57 -44.28
N PRO I 14 -58.01 -14.42 -43.97
CA PRO I 14 -57.71 -13.78 -42.69
C PRO I 14 -58.20 -14.61 -41.51
N GLY I 15 -57.49 -14.47 -40.40
CA GLY I 15 -57.79 -15.20 -39.18
C GLY I 15 -56.99 -16.48 -39.01
N ALA I 16 -56.44 -17.03 -40.10
CA ALA I 16 -55.69 -18.26 -40.02
C ALA I 16 -54.23 -17.96 -39.67
N SER I 17 -53.36 -18.96 -39.78
CA SER I 17 -51.95 -18.79 -39.50
C SER I 17 -51.14 -19.55 -40.54
N VAL I 18 -50.13 -18.91 -41.09
CA VAL I 18 -49.26 -19.51 -42.10
C VAL I 18 -47.86 -19.65 -41.52
N LYS I 19 -47.14 -20.65 -42.00
CA LYS I 19 -45.80 -20.96 -41.50
C LYS I 19 -44.80 -20.84 -42.64
N LEU I 20 -43.79 -20.00 -42.45
CA LEU I 20 -42.78 -19.74 -43.46
C LEU I 20 -41.44 -20.32 -43.02
N SER I 21 -40.61 -20.68 -44.00
CA SER I 21 -39.35 -21.34 -43.74
C SER I 21 -38.23 -20.68 -44.54
N CYS I 22 -37.04 -20.62 -43.94
CA CYS I 22 -35.83 -20.12 -44.59
C CYS I 22 -34.73 -21.14 -44.35
N THR I 23 -34.28 -21.81 -45.41
CA THR I 23 -33.27 -22.86 -45.30
C THR I 23 -31.91 -22.29 -45.68
N ALA I 24 -30.92 -22.53 -44.81
CA ALA I 24 -29.55 -22.07 -45.04
C ALA I 24 -28.69 -23.24 -45.45
N SER I 25 -28.11 -23.16 -46.65
CA SER I 25 -27.28 -24.23 -47.20
C SER I 25 -25.87 -23.70 -47.40
N GLY I 26 -24.89 -24.37 -46.80
CA GLY I 26 -23.50 -24.01 -46.91
C GLY I 26 -22.85 -23.56 -45.63
N PHE I 27 -23.62 -23.43 -44.54
CA PHE I 27 -23.04 -23.06 -43.26
C PHE I 27 -24.01 -23.44 -42.15
N ASN I 28 -23.46 -23.81 -41.00
CA ASN I 28 -24.28 -24.10 -39.83
C ASN I 28 -24.79 -22.80 -39.22
N ILE I 29 -26.10 -22.70 -39.06
CA ILE I 29 -26.66 -21.46 -38.53
C ILE I 29 -26.25 -21.21 -37.09
N LYS I 30 -25.85 -22.25 -36.36
CA LYS I 30 -25.52 -22.10 -34.95
C LYS I 30 -24.36 -21.15 -34.72
N ASP I 31 -23.71 -20.66 -35.78
CA ASP I 31 -22.65 -19.68 -35.63
C ASP I 31 -23.19 -18.27 -35.51
N THR I 32 -24.08 -17.88 -36.42
CA THR I 32 -24.57 -16.52 -36.54
C THR I 32 -26.03 -16.45 -36.13
N TYR I 33 -26.60 -15.26 -36.23
CA TYR I 33 -28.00 -15.05 -35.91
C TYR I 33 -28.86 -15.27 -37.16
N MET I 34 -30.15 -14.94 -37.05
CA MET I 34 -31.08 -14.97 -38.16
C MET I 34 -32.08 -13.84 -37.94
N TYR I 35 -32.36 -13.09 -39.00
CA TYR I 35 -33.30 -11.97 -38.93
C TYR I 35 -34.50 -12.23 -39.81
N TRP I 36 -35.54 -11.42 -39.61
CA TRP I 36 -36.74 -11.45 -40.42
C TRP I 36 -37.21 -10.03 -40.69
N VAL I 37 -37.38 -9.69 -41.96
CA VAL I 37 -37.73 -8.34 -42.37
C VAL I 37 -38.87 -8.41 -43.37
N LYS I 38 -39.86 -7.53 -43.20
CA LYS I 38 -40.97 -7.43 -44.14
C LYS I 38 -40.89 -6.12 -44.90
N GLN I 39 -41.54 -6.09 -46.06
CA GLN I 39 -41.51 -4.92 -46.94
C GLN I 39 -42.89 -4.75 -47.56
N ARG I 40 -43.59 -3.69 -47.19
CA ARG I 40 -44.85 -3.37 -47.84
C ARG I 40 -44.57 -2.82 -49.24
N PRO I 41 -45.58 -2.80 -50.11
CA PRO I 41 -45.38 -2.23 -51.44
C PRO I 41 -45.04 -0.75 -51.37
N GLU I 42 -43.93 -0.39 -52.01
CA GLU I 42 -43.51 1.01 -52.15
C GLU I 42 -43.34 1.69 -50.79
N GLN I 43 -42.72 1.00 -49.84
CA GLN I 43 -42.39 1.56 -48.55
C GLN I 43 -41.04 1.03 -48.09
N GLY I 44 -40.58 1.55 -46.95
CA GLY I 44 -39.30 1.14 -46.42
C GLY I 44 -39.37 -0.17 -45.65
N LEU I 45 -38.20 -0.78 -45.48
CA LEU I 45 -38.13 -2.04 -44.76
C LEU I 45 -38.54 -1.84 -43.30
N GLU I 46 -38.97 -2.94 -42.68
CA GLU I 46 -39.44 -2.92 -41.31
C GLU I 46 -39.00 -4.21 -40.63
N TRP I 47 -38.45 -4.09 -39.43
CA TRP I 47 -37.86 -5.22 -38.73
C TRP I 47 -38.92 -5.97 -37.94
N ILE I 48 -38.80 -7.30 -37.91
CA ILE I 48 -39.76 -8.17 -37.23
C ILE I 48 -39.16 -8.77 -35.96
N GLY I 49 -38.11 -9.57 -36.10
CA GLY I 49 -37.59 -10.28 -34.96
C GLY I 49 -36.14 -10.64 -35.13
N ARG I 50 -35.66 -11.49 -34.22
CA ARG I 50 -34.27 -11.90 -34.20
C ARG I 50 -34.17 -13.17 -33.37
N ILE I 51 -33.56 -14.21 -33.92
CA ILE I 51 -33.43 -15.47 -33.22
C ILE I 51 -31.96 -15.86 -33.14
N ASP I 52 -31.60 -16.52 -32.06
CA ASP I 52 -30.27 -17.06 -31.88
C ASP I 52 -30.34 -18.58 -31.84
N PRO I 53 -29.91 -19.30 -32.88
CA PRO I 53 -30.04 -20.75 -32.88
C PRO I 53 -29.15 -21.45 -31.86
N ALA I 54 -28.17 -20.75 -31.27
CA ALA I 54 -27.31 -21.37 -30.28
C ALA I 54 -28.05 -21.62 -28.98
N ASN I 55 -28.79 -20.63 -28.50
CA ASN I 55 -29.50 -20.73 -27.23
C ASN I 55 -31.02 -20.77 -27.38
N GLY I 56 -31.55 -20.34 -28.52
CA GLY I 56 -32.98 -20.24 -28.70
C GLY I 56 -33.59 -18.93 -28.28
N ASP I 57 -32.77 -17.96 -27.87
CA ASP I 57 -33.30 -16.66 -27.44
C ASP I 57 -33.92 -15.93 -28.62
N THR I 58 -34.97 -15.15 -28.33
CA THR I 58 -35.67 -14.39 -29.35
C THR I 58 -36.03 -13.01 -28.82
N LYS I 59 -36.07 -12.05 -29.74
CA LYS I 59 -36.58 -10.71 -29.49
C LYS I 59 -37.57 -10.36 -30.58
N TYR I 60 -38.35 -9.32 -30.35
CA TYR I 60 -39.37 -8.94 -31.31
C TYR I 60 -39.56 -7.43 -31.31
N ASP I 61 -40.00 -6.92 -32.45
CA ASP I 61 -40.39 -5.52 -32.55
C ASP I 61 -41.61 -5.30 -31.66
N PRO I 62 -41.56 -4.35 -30.72
CA PRO I 62 -42.70 -4.16 -29.81
C PRO I 62 -44.06 -4.04 -30.47
N LYS I 63 -44.13 -3.65 -31.75
CA LYS I 63 -45.42 -3.57 -32.41
C LYS I 63 -45.88 -4.93 -32.94
N PHE I 64 -44.95 -5.83 -33.24
CA PHE I 64 -45.31 -7.18 -33.67
C PHE I 64 -45.30 -8.19 -32.53
N GLN I 65 -45.10 -7.74 -31.29
CA GLN I 65 -44.97 -8.66 -30.17
C GLN I 65 -46.30 -9.36 -29.91
N GLY I 66 -46.26 -10.68 -29.83
CA GLY I 66 -47.45 -11.49 -29.67
C GLY I 66 -48.12 -11.91 -30.95
N LYS I 67 -47.77 -11.30 -32.08
CA LYS I 67 -48.36 -11.64 -33.36
C LYS I 67 -47.45 -12.51 -34.22
N ALA I 68 -46.18 -12.64 -33.86
CA ALA I 68 -45.23 -13.44 -34.62
C ALA I 68 -44.44 -14.33 -33.68
N THR I 69 -44.08 -15.51 -34.17
CA THR I 69 -43.32 -16.47 -33.39
C THR I 69 -42.23 -17.06 -34.28
N ILE I 70 -40.99 -17.04 -33.80
CA ILE I 70 -39.84 -17.50 -34.55
C ILE I 70 -39.23 -18.70 -33.84
N THR I 71 -39.23 -19.85 -34.51
CA THR I 71 -38.60 -21.05 -34.00
C THR I 71 -37.70 -21.63 -35.08
N THR I 72 -36.66 -22.33 -34.66
CA THR I 72 -35.66 -22.86 -35.57
C THR I 72 -35.42 -24.35 -35.29
N ASP I 73 -35.07 -25.07 -36.35
CA ASP I 73 -34.69 -26.47 -36.26
C ASP I 73 -33.20 -26.55 -36.62
N THR I 74 -32.36 -26.67 -35.60
CA THR I 74 -30.92 -26.66 -35.82
C THR I 74 -30.46 -27.88 -36.62
N PHE I 75 -31.17 -29.01 -36.49
CA PHE I 75 -30.71 -30.24 -37.13
C PHE I 75 -30.98 -30.22 -38.62
N SER I 76 -32.21 -29.88 -39.02
CA SER I 76 -32.53 -29.75 -40.43
C SER I 76 -32.00 -28.44 -41.02
N ASN I 77 -31.39 -27.58 -40.21
CA ASN I 77 -30.77 -26.33 -40.65
C ASN I 77 -31.78 -25.42 -41.35
N THR I 78 -32.76 -24.99 -40.58
CA THR I 78 -33.82 -24.13 -41.10
C THR I 78 -34.43 -23.33 -39.96
N ALA I 79 -34.84 -22.10 -40.27
CA ALA I 79 -35.54 -21.24 -39.34
C ALA I 79 -36.97 -21.05 -39.82
N TYR I 80 -37.93 -21.16 -38.89
CA TYR I 80 -39.35 -21.09 -39.22
C TYR I 80 -39.98 -19.84 -38.63
N LEU I 81 -40.84 -19.19 -39.41
CA LEU I 81 -41.62 -18.04 -38.97
C LEU I 81 -43.09 -18.39 -39.08
N GLN I 82 -43.77 -18.49 -37.94
CA GLN I 82 -45.18 -18.85 -37.88
C GLN I 82 -45.96 -17.64 -37.36
N LEU I 83 -46.89 -17.15 -38.19
CA LEU I 83 -47.68 -15.99 -37.82
C LEU I 83 -48.86 -16.40 -36.94
N SER I 84 -49.46 -15.39 -36.31
CA SER I 84 -50.67 -15.58 -35.55
C SER I 84 -51.87 -15.36 -36.46
N SER I 85 -53.06 -15.20 -35.88
CA SER I 85 -54.22 -14.81 -36.67
C SER I 85 -53.93 -13.46 -37.32
N LEU I 86 -53.80 -13.46 -38.64
CA LEU I 86 -53.36 -12.29 -39.38
C LEU I 86 -54.56 -11.61 -40.04
N THR I 87 -54.52 -10.29 -40.10
CA THR I 87 -55.59 -9.51 -40.68
C THR I 87 -55.38 -9.37 -42.19
N SER I 88 -56.28 -8.63 -42.83
CA SER I 88 -56.14 -8.31 -44.24
C SER I 88 -55.15 -7.18 -44.49
N GLU I 89 -54.54 -6.63 -43.44
CA GLU I 89 -53.64 -5.50 -43.62
C GLU I 89 -52.28 -5.95 -44.13
N ASP I 90 -51.62 -6.85 -43.40
CA ASP I 90 -50.23 -7.24 -43.70
C ASP I 90 -50.21 -8.14 -44.93
N THR I 91 -50.24 -7.50 -46.10
CA THR I 91 -50.09 -8.17 -47.39
C THR I 91 -48.79 -7.66 -48.01
N ALA I 92 -47.70 -8.38 -47.76
CA ALA I 92 -46.39 -7.90 -48.15
C ALA I 92 -45.42 -9.07 -48.24
N VAL I 93 -44.20 -8.77 -48.68
CA VAL I 93 -43.15 -9.75 -48.86
C VAL I 93 -42.34 -9.84 -47.58
N TYR I 94 -41.88 -11.06 -47.24
CA TYR I 94 -41.07 -11.30 -46.06
C TYR I 94 -39.70 -11.82 -46.47
N TYR I 95 -38.66 -11.34 -45.79
CA TYR I 95 -37.29 -11.75 -46.07
C TYR I 95 -36.67 -12.41 -44.85
N CYS I 96 -35.63 -13.19 -45.09
CA CYS I 96 -34.79 -13.75 -44.04
C CYS I 96 -33.35 -13.39 -44.33
N ALA I 97 -32.61 -12.99 -43.28
CA ALA I 97 -31.26 -12.48 -43.46
C ALA I 97 -30.32 -13.12 -42.45
N ARG I 98 -29.03 -12.98 -42.71
CA ARG I 98 -27.98 -13.50 -41.85
C ARG I 98 -26.99 -12.37 -41.56
N LYS I 99 -26.58 -12.24 -40.30
CA LYS I 99 -25.72 -11.12 -39.93
C LYS I 99 -24.37 -11.21 -40.62
N GLY I 100 -23.83 -10.05 -40.99
CA GLY I 100 -22.57 -10.01 -41.71
C GLY I 100 -21.36 -9.80 -40.83
N LEU I 101 -20.56 -8.80 -41.17
CA LEU I 101 -19.35 -8.48 -40.41
C LEU I 101 -19.64 -7.46 -39.32
N ARG I 102 -20.15 -6.29 -39.71
CA ARG I 102 -20.46 -5.20 -38.79
C ARG I 102 -21.94 -5.14 -38.46
N TRP I 103 -22.57 -6.30 -38.31
CA TRP I 103 -24.00 -6.41 -38.01
C TRP I 103 -24.85 -5.89 -39.16
N ALA I 104 -24.31 -5.94 -40.37
CA ALA I 104 -25.04 -5.59 -41.58
C ALA I 104 -25.54 -6.87 -42.23
N MET I 105 -26.85 -6.95 -42.42
CA MET I 105 -27.49 -8.17 -42.93
C MET I 105 -27.16 -8.33 -44.40
N ASP I 106 -26.15 -9.16 -44.70
CA ASP I 106 -25.56 -9.21 -46.02
C ASP I 106 -26.28 -10.17 -46.97
N TYR I 107 -26.60 -11.38 -46.52
CA TYR I 107 -27.26 -12.37 -47.37
C TYR I 107 -28.76 -12.31 -47.16
N TRP I 108 -29.50 -12.14 -48.25
CA TRP I 108 -30.94 -12.01 -48.24
C TRP I 108 -31.56 -13.08 -49.13
N GLY I 109 -32.74 -13.53 -48.75
CA GLY I 109 -33.45 -14.49 -49.58
C GLY I 109 -34.24 -13.79 -50.67
N GLN I 110 -34.77 -14.61 -51.59
CA GLN I 110 -35.58 -14.06 -52.67
C GLN I 110 -36.89 -13.47 -52.17
N GLY I 111 -37.35 -13.88 -50.99
CA GLY I 111 -38.55 -13.33 -50.42
C GLY I 111 -39.81 -14.03 -50.88
N THR I 112 -40.74 -14.26 -49.95
CA THR I 112 -42.02 -14.87 -50.24
C THR I 112 -43.14 -13.85 -50.06
N SER I 113 -44.18 -13.97 -50.87
CA SER I 113 -45.28 -13.03 -50.88
C SER I 113 -46.49 -13.65 -50.20
N VAL I 114 -46.92 -13.04 -49.10
CA VAL I 114 -48.10 -13.49 -48.37
C VAL I 114 -49.24 -12.53 -48.67
N THR I 115 -50.29 -13.04 -49.31
CA THR I 115 -51.45 -12.24 -49.68
C THR I 115 -52.66 -12.73 -48.89
N VAL I 116 -53.39 -11.80 -48.29
CA VAL I 116 -54.56 -12.12 -47.48
C VAL I 116 -55.78 -11.77 -48.31
N SER I 117 -56.43 -12.80 -48.85
CA SER I 117 -57.59 -12.63 -49.72
C SER I 117 -58.72 -13.52 -49.21
N THR I 118 -59.87 -13.37 -49.86
CA THR I 118 -61.06 -14.15 -49.50
C THR I 118 -61.44 -15.11 -50.62
#